data_6VN1
#
_entry.id   6VN1
#
_cell.length_a   1.00
_cell.length_b   1.00
_cell.length_c   1.00
_cell.angle_alpha   90.00
_cell.angle_beta   90.00
_cell.angle_gamma   90.00
#
_symmetry.space_group_name_H-M   'P 1'
#
loop_
_entity.id
_entity.type
_entity.pdbx_description
1 polymer 'Human monoclonal antibody 93k variable light chain'
2 polymer 'Human monoclonal antibody 93k variable heavy chain'
3 polymer 'Envelope glycoprotein B'
#
loop_
_entity_poly.entity_id
_entity_poly.type
_entity_poly.pdbx_seq_one_letter_code
_entity_poly.pdbx_strand_id
1 'polypeptide(L)'
;DIQMTQSPSTLSASVGDRVTITCRASQTISTWLAWYQQTPRKAPKLMIYKASILENGVPSRFSGSGSGTEFTLTISSLQP
EDFATYYCQQYKSYPWTFGQGTKVEI
;
L,M,N
2 'polypeptide(L)'
;QVQLVQSGAEVKKPGSSVKVSCKASGGTFSNFAISWVRQAPGQGLEWMGRIMPLFVTSTYAQKFQGRVTISADASTSTAY
MELSSLRSDDTAMYYCARDITAPGAAPTPLNFYGMDVWGQGTTVTVSS
;
H,I,J
3 'polypeptide(L)'
;MSPCGYYSKWRNRDRPEYRRNLRFRRFFSSIHPNAAAGSGFNGPGVFITSVTGVWLCFLCIFSMFVTAVVSVSPSSFYES
LQVEPTQSEDITRSAHLGDGDEIREAIHKSQDAETKPTFYVCPPPTGSTIVRLEPPRTCPDYHLGKNFTEGIAVVYKENI
AAYKFKATVYYKDVIVSTAWAGSSYTQITNRYADRVPIPVSEITDTIDKFGKCSSKATYVRNNHKVEAFNEDKNPQDMPL
IASKYNSVGSKAWHTTNDTYMVAGTPGTYRTGTSVNCIIEEVEARSIFPYDSFGLSTGDIIYMSPFFGLRDGAYREHSNY
AMDRFHQFEGYRQRDLDTRALLEPAARNFLVTPHLTVGWNWKPKRTEVCSLVKWREVEDVVRDEYAHNFRFTMKTLSTTF
ISETNEFNLNQIHLSQCVKEEARAIINRIYTTRYNSSHVRTGDIQTYLARGGFVVVFQPLLSNSLARLYLQELVRENTNH
SPQKHPTRNTRSRRSVPVELRANRTITTTSSVEFAMLQFTYDHIQEHVNEMLARISSSWCQLQNRERALWSGLFPINPSA
LASTILDQRVKARILGDVISVSNCPELGSDTRIILQNSMRVSGSTTRCYSRPLISIVSLNGSGTVEGQLGTDNELIMSRD
LLEPCVANHKRYFLFGHHYVYYEDYRYVREIAVHDVGMISTYVDLNLTLLKDREFMPLRVYTRDELRDTGLLDYSEIQRR
NQMHSLRFYDIDKVVQYDSGTAIMQGMAQFFQGLGTAGQAVGHVVLGATGALLSTVHGFTTFLSNPFGALAVGLLVLAGL
VAAFFAYRYVLKLKTSPMKALYPLTTKGLKQLPEGMDPFAEKPNATDTPIEEIGDSQNTEPSVNSGFDPDKFREAQEMIK
YMTLVSAAERQESKARKKNKTSALLTSRLTGLALRNRRGYSRVRTENVTGV
;
A,B,C
#
# COMPACT_ATOMS: atom_id res chain seq x y z
N ASP A 1 -19.35 -58.06 5.10
CA ASP A 1 -18.90 -58.75 6.30
C ASP A 1 -18.91 -60.25 6.11
N ILE A 2 -19.91 -60.92 6.68
CA ILE A 2 -19.91 -62.38 6.69
C ILE A 2 -19.89 -62.98 5.30
N GLN A 3 -20.33 -62.24 4.28
CA GLN A 3 -20.26 -62.73 2.91
C GLN A 3 -19.82 -61.58 2.00
N MET A 4 -18.84 -61.86 1.16
CA MET A 4 -18.22 -60.85 0.31
C MET A 4 -18.27 -61.30 -1.15
N THR A 5 -18.44 -60.33 -2.04
CA THR A 5 -18.49 -60.58 -3.47
C THR A 5 -17.14 -60.23 -4.08
N GLN A 6 -17.05 -60.32 -5.40
CA GLN A 6 -15.75 -60.21 -6.05
C GLN A 6 -15.90 -59.58 -7.43
N SER A 7 -14.85 -59.69 -8.22
CA SER A 7 -14.75 -59.20 -9.59
C SER A 7 -15.05 -60.35 -10.55
N PRO A 8 -15.20 -60.06 -11.86
CA PRO A 8 -15.30 -61.15 -12.83
C PRO A 8 -14.18 -62.18 -12.74
N SER A 9 -14.37 -63.32 -13.39
CA SER A 9 -13.56 -64.50 -13.08
C SER A 9 -12.12 -64.39 -13.58
N THR A 10 -11.90 -63.74 -14.72
CA THR A 10 -10.59 -63.80 -15.36
C THR A 10 -9.88 -62.45 -15.38
N LEU A 11 -10.49 -61.42 -15.96
CA LEU A 11 -9.83 -60.12 -16.16
C LEU A 11 -8.50 -60.29 -16.88
N SER A 12 -8.59 -60.78 -18.13
CA SER A 12 -7.39 -61.01 -18.93
C SER A 12 -6.63 -59.70 -19.14
N ALA A 13 -5.30 -59.81 -19.12
CA ALA A 13 -4.46 -58.63 -19.30
C ALA A 13 -3.08 -59.10 -19.79
N SER A 14 -2.26 -58.11 -20.12
CA SER A 14 -0.90 -58.34 -20.62
C SER A 14 0.08 -57.62 -19.72
N VAL A 15 1.37 -57.86 -19.96
CA VAL A 15 2.41 -57.23 -19.16
C VAL A 15 2.41 -55.73 -19.41
N GLY A 16 2.17 -54.96 -18.36
CA GLY A 16 2.14 -53.52 -18.44
C GLY A 16 0.77 -52.88 -18.31
N ASP A 17 -0.24 -53.62 -17.84
CA ASP A 17 -1.59 -53.11 -17.70
C ASP A 17 -1.89 -52.73 -16.26
N ARG A 18 -2.82 -51.80 -16.10
CA ARG A 18 -3.32 -51.39 -14.79
C ARG A 18 -4.65 -52.08 -14.54
N VAL A 19 -4.62 -53.14 -13.72
CA VAL A 19 -5.78 -53.99 -13.50
C VAL A 19 -6.30 -53.72 -12.10
N THR A 20 -7.62 -53.62 -11.98
CA THR A 20 -8.29 -53.49 -10.69
C THR A 20 -9.10 -54.75 -10.42
N ILE A 21 -9.01 -55.24 -9.19
CA ILE A 21 -9.57 -56.53 -8.83
C ILE A 21 -10.65 -56.29 -7.79
N THR A 22 -11.39 -55.20 -7.95
CA THR A 22 -12.40 -54.73 -7.00
C THR A 22 -13.28 -55.86 -6.46
N CYS A 23 -13.36 -55.93 -5.14
CA CYS A 23 -14.30 -56.81 -4.44
C CYS A 23 -15.01 -55.99 -3.38
N ARG A 24 -16.26 -56.37 -3.09
CA ARG A 24 -17.11 -55.61 -2.19
C ARG A 24 -17.52 -56.44 -0.99
N ALA A 25 -18.18 -55.78 -0.04
CA ALA A 25 -18.54 -56.38 1.23
C ALA A 25 -20.01 -56.17 1.56
N SER A 26 -20.42 -56.58 2.75
CA SER A 26 -21.83 -56.57 3.13
C SER A 26 -22.15 -55.58 4.25
N GLN A 27 -21.37 -55.57 5.32
CA GLN A 27 -21.72 -54.83 6.53
C GLN A 27 -20.58 -53.90 6.95
N THR A 28 -20.14 -53.07 6.00
CA THR A 28 -19.18 -51.98 6.19
C THR A 28 -17.96 -52.42 7.00
N ILE A 29 -17.18 -53.31 6.38
CA ILE A 29 -15.83 -53.59 6.87
C ILE A 29 -15.05 -52.28 6.89
N SER A 30 -14.64 -51.84 8.08
CA SER A 30 -13.99 -50.54 8.22
C SER A 30 -12.48 -50.71 8.06
N THR A 31 -12.06 -50.85 6.81
CA THR A 31 -10.64 -50.98 6.44
C THR A 31 -9.97 -52.19 7.07
N TRP A 32 -10.73 -53.28 7.23
CA TRP A 32 -10.25 -54.52 7.83
C TRP A 32 -10.21 -55.65 6.81
N LEU A 33 -9.71 -55.37 5.61
CA LEU A 33 -9.68 -56.35 4.54
C LEU A 33 -8.24 -56.67 4.17
N ALA A 34 -7.99 -57.95 3.86
CA ALA A 34 -6.68 -58.42 3.45
C ALA A 34 -6.76 -59.06 2.07
N TRP A 35 -5.69 -58.91 1.29
CA TRP A 35 -5.59 -59.47 -0.05
C TRP A 35 -4.48 -60.52 -0.10
N TYR A 36 -4.70 -61.58 -0.87
CA TYR A 36 -3.73 -62.65 -0.98
C TYR A 36 -3.37 -62.94 -2.44
N GLN A 37 -2.60 -64.00 -2.66
CA GLN A 37 -2.19 -64.37 -4.02
C GLN A 37 -1.76 -65.82 -4.01
N GLN A 38 -2.46 -66.68 -4.76
CA GLN A 38 -2.17 -68.10 -4.82
C GLN A 38 -1.98 -68.53 -6.26
N THR A 39 -0.73 -68.77 -6.65
CA THR A 39 -0.45 -69.40 -7.93
C THR A 39 -0.87 -70.87 -7.90
N PRO A 40 -1.07 -71.49 -9.07
CA PRO A 40 -1.69 -72.82 -9.10
C PRO A 40 -0.93 -73.91 -8.34
N ARG A 41 0.33 -73.72 -8.01
CA ARG A 41 1.12 -74.74 -7.32
C ARG A 41 1.89 -74.13 -6.16
N LYS A 42 1.19 -73.35 -5.36
CA LYS A 42 1.79 -72.68 -4.21
C LYS A 42 0.75 -72.61 -3.10
N ALA A 43 1.08 -71.98 -2.06
CA ALA A 43 0.19 -71.57 -1.00
C ALA A 43 -0.07 -70.09 -1.11
N PRO A 44 -1.24 -69.61 -0.68
CA PRO A 44 -1.49 -68.16 -0.75
C PRO A 44 -0.48 -67.40 0.09
N LYS A 45 -0.29 -66.13 -0.25
CA LYS A 45 0.68 -65.32 0.44
C LYS A 45 0.12 -63.91 0.61
N LEU A 46 0.48 -63.29 1.73
CA LEU A 46 -0.09 -61.99 2.05
C LEU A 46 0.43 -60.91 1.12
N MET A 47 -0.49 -60.13 0.56
CA MET A 47 -0.17 -58.97 -0.28
C MET A 47 -0.51 -57.66 0.40
N ILE A 48 -1.74 -57.53 0.89
CA ILE A 48 -2.23 -56.29 1.48
C ILE A 48 -3.00 -56.65 2.74
N TYR A 49 -2.69 -55.96 3.84
CA TYR A 49 -3.53 -56.01 5.03
C TYR A 49 -3.95 -54.58 5.37
N LYS A 50 -5.04 -54.48 6.13
CA LYS A 50 -5.69 -53.22 6.45
C LYS A 50 -6.19 -52.49 5.20
N ALA A 51 -6.30 -53.22 4.08
CA ALA A 51 -6.86 -52.75 2.82
C ALA A 51 -5.96 -51.76 2.11
N SER A 52 -4.87 -51.34 2.74
CA SER A 52 -3.95 -50.38 2.12
C SER A 52 -2.48 -50.67 2.37
N ILE A 53 -2.11 -51.51 3.33
CA ILE A 53 -0.73 -51.65 3.78
C ILE A 53 -0.09 -52.85 3.10
N LEU A 54 1.11 -52.65 2.57
CA LEU A 54 1.86 -53.72 1.94
C LEU A 54 2.60 -54.55 3.00
N GLU A 55 2.90 -55.78 2.63
CA GLU A 55 3.68 -56.68 3.48
C GLU A 55 5.14 -56.65 3.05
N ASN A 56 6.03 -56.84 4.02
CA ASN A 56 7.46 -56.90 3.76
C ASN A 56 7.76 -58.03 2.78
N GLY A 57 8.39 -57.68 1.67
CA GLY A 57 8.64 -58.64 0.61
C GLY A 57 7.68 -58.56 -0.55
N VAL A 58 6.95 -57.46 -0.70
CA VAL A 58 5.98 -57.27 -1.76
C VAL A 58 6.36 -56.00 -2.51
N PRO A 59 6.50 -56.03 -3.84
CA PRO A 59 6.92 -54.83 -4.56
C PRO A 59 5.88 -53.72 -4.46
N SER A 60 6.37 -52.48 -4.43
CA SER A 60 5.51 -51.33 -4.24
C SER A 60 4.68 -50.98 -5.47
N ARG A 61 4.67 -51.83 -6.50
CA ARG A 61 3.74 -51.63 -7.60
C ARG A 61 2.31 -52.00 -7.20
N PHE A 62 2.15 -52.81 -6.15
CA PHE A 62 0.82 -53.15 -5.66
C PHE A 62 0.27 -52.01 -4.81
N SER A 63 -1.04 -51.80 -4.91
CA SER A 63 -1.72 -50.76 -4.16
C SER A 63 -3.03 -51.33 -3.62
N GLY A 64 -3.72 -50.52 -2.83
CA GLY A 64 -5.01 -50.89 -2.29
C GLY A 64 -5.69 -49.67 -1.71
N SER A 65 -7.01 -49.64 -1.72
CA SER A 65 -7.73 -48.49 -1.19
C SER A 65 -9.15 -48.92 -0.84
N GLY A 66 -10.01 -47.95 -0.58
CA GLY A 66 -11.36 -48.22 -0.17
C GLY A 66 -11.49 -48.31 1.34
N SER A 67 -12.62 -47.85 1.85
CA SER A 67 -12.82 -47.80 3.29
C SER A 67 -14.02 -48.61 3.76
N GLY A 68 -15.15 -48.55 3.06
CA GLY A 68 -16.30 -49.33 3.47
C GLY A 68 -17.02 -50.04 2.34
N THR A 69 -17.06 -51.36 2.41
CA THR A 69 -17.78 -52.22 1.45
C THR A 69 -17.29 -52.08 0.01
N GLU A 70 -16.26 -51.27 -0.22
CA GLU A 70 -15.76 -51.03 -1.57
C GLU A 70 -14.24 -50.94 -1.53
N PHE A 71 -13.57 -52.04 -1.87
CA PHE A 71 -12.12 -52.10 -1.82
C PHE A 71 -11.58 -52.56 -3.16
N THR A 72 -10.53 -51.91 -3.63
CA THR A 72 -9.92 -52.20 -4.91
C THR A 72 -8.46 -52.59 -4.73
N LEU A 73 -7.96 -53.43 -5.64
CA LEU A 73 -6.56 -53.83 -5.66
C LEU A 73 -6.01 -53.44 -7.02
N THR A 74 -5.58 -52.19 -7.17
CA THR A 74 -5.14 -51.66 -8.45
C THR A 74 -3.63 -51.88 -8.59
N ILE A 75 -3.26 -52.72 -9.54
CA ILE A 75 -1.85 -52.96 -9.85
C ILE A 75 -1.45 -52.03 -10.98
N SER A 76 -0.20 -51.55 -10.94
CA SER A 76 0.38 -50.77 -12.01
C SER A 76 1.76 -51.33 -12.31
N SER A 77 2.17 -51.22 -13.57
CA SER A 77 3.43 -51.80 -14.04
C SER A 77 3.45 -53.32 -13.78
N LEU A 78 2.54 -54.00 -14.46
CA LEU A 78 2.32 -55.42 -14.21
C LEU A 78 3.47 -56.26 -14.77
N GLN A 79 4.50 -56.48 -13.97
CA GLN A 79 5.56 -57.40 -14.33
C GLN A 79 5.02 -58.82 -14.47
N PRO A 80 5.72 -59.70 -15.21
CA PRO A 80 5.19 -61.04 -15.52
C PRO A 80 5.23 -62.02 -14.34
N GLU A 81 4.81 -61.56 -13.17
CA GLU A 81 4.61 -62.42 -12.01
C GLU A 81 3.31 -62.04 -11.31
N ASP A 82 2.31 -61.62 -12.08
CA ASP A 82 1.01 -61.24 -11.55
C ASP A 82 -0.11 -62.13 -12.06
N PHE A 83 0.23 -63.30 -12.62
CA PHE A 83 -0.77 -64.16 -13.24
C PHE A 83 -1.21 -65.25 -12.25
N ALA A 84 -1.95 -64.81 -11.24
CA ALA A 84 -2.31 -65.68 -10.13
C ALA A 84 -3.71 -65.34 -9.63
N THR A 85 -4.26 -66.25 -8.83
CA THR A 85 -5.54 -66.05 -8.20
C THR A 85 -5.40 -65.12 -6.99
N TYR A 86 -6.43 -64.32 -6.73
CA TYR A 86 -6.41 -63.35 -5.66
C TYR A 86 -7.64 -63.51 -4.79
N TYR A 87 -7.48 -63.20 -3.50
CA TYR A 87 -8.55 -63.43 -2.54
C TYR A 87 -8.69 -62.25 -1.59
N CYS A 88 -9.93 -61.87 -1.31
CA CYS A 88 -10.24 -60.89 -0.28
C CYS A 88 -10.52 -61.62 1.02
N GLN A 89 -10.01 -61.08 2.12
CA GLN A 89 -10.18 -61.70 3.43
C GLN A 89 -10.77 -60.67 4.38
N GLN A 90 -11.78 -61.08 5.13
CA GLN A 90 -12.49 -60.22 6.05
C GLN A 90 -12.13 -60.60 7.48
N TYR A 91 -11.57 -59.64 8.23
CA TYR A 91 -11.36 -59.78 9.67
C TYR A 91 -12.00 -58.59 10.36
N LYS A 92 -13.30 -58.70 10.62
CA LYS A 92 -13.97 -57.74 11.49
C LYS A 92 -14.73 -58.48 12.57
N SER A 93 -15.27 -59.65 12.24
CA SER A 93 -15.92 -60.51 13.20
C SER A 93 -15.89 -61.93 12.69
N TYR A 94 -15.55 -62.87 13.57
CA TYR A 94 -15.47 -64.26 13.18
C TYR A 94 -16.85 -64.73 12.69
N PRO A 95 -16.90 -65.62 11.69
CA PRO A 95 -15.74 -66.23 11.04
C PRO A 95 -15.14 -65.35 9.96
N TRP A 96 -13.85 -65.53 9.72
CA TRP A 96 -13.13 -64.78 8.70
C TRP A 96 -13.42 -65.41 7.35
N THR A 97 -14.49 -64.97 6.72
CA THR A 97 -14.93 -65.57 5.47
C THR A 97 -14.16 -64.99 4.30
N PHE A 98 -13.53 -65.87 3.51
CA PHE A 98 -12.74 -65.43 2.38
C PHE A 98 -13.64 -64.95 1.25
N GLY A 99 -13.04 -64.22 0.33
CA GLY A 99 -13.78 -63.53 -0.70
C GLY A 99 -13.48 -63.97 -2.11
N GLN A 100 -12.66 -63.17 -2.78
CA GLN A 100 -12.58 -63.04 -4.21
C GLN A 100 -12.26 -64.35 -4.92
N GLY A 101 -12.42 -64.32 -6.24
CA GLY A 101 -11.98 -65.36 -7.16
C GLY A 101 -10.79 -64.87 -7.96
N THR A 102 -11.05 -64.39 -9.18
CA THR A 102 -10.05 -63.81 -10.07
C THR A 102 -8.95 -64.85 -10.38
N LYS A 103 -9.38 -65.90 -11.08
CA LYS A 103 -8.57 -67.09 -11.28
C LYS A 103 -7.18 -66.78 -11.82
N VAL A 104 -7.09 -66.14 -12.98
CA VAL A 104 -5.79 -65.90 -13.61
C VAL A 104 -5.93 -64.80 -14.64
N GLU A 105 -4.83 -64.09 -14.90
CA GLU A 105 -4.75 -63.03 -15.89
C GLU A 105 -3.85 -63.51 -17.02
N ILE A 106 -4.46 -63.89 -18.15
CA ILE A 106 -3.68 -64.31 -19.31
C ILE A 106 -4.25 -63.72 -20.59
N GLN B 1 14.05 -68.54 7.48
CA GLN B 1 12.89 -67.99 8.17
C GLN B 1 11.99 -69.10 8.71
N VAL B 2 10.83 -68.71 9.24
CA VAL B 2 9.90 -69.68 9.81
C VAL B 2 9.37 -70.58 8.70
N GLN B 3 9.07 -71.82 9.05
CA GLN B 3 8.51 -72.79 8.11
C GLN B 3 7.48 -73.66 8.82
N LEU B 4 6.34 -73.82 8.18
CA LEU B 4 5.27 -74.68 8.69
C LEU B 4 5.03 -75.79 7.70
N VAL B 5 4.91 -77.02 8.19
CA VAL B 5 4.77 -78.20 7.34
C VAL B 5 3.60 -79.04 7.85
N GLN B 6 2.82 -79.59 6.93
CA GLN B 6 1.73 -80.48 7.29
C GLN B 6 2.19 -81.94 7.17
N SER B 7 1.23 -82.85 7.28
CA SER B 7 1.53 -84.27 7.19
C SER B 7 2.05 -84.64 5.80
N GLY B 8 1.24 -84.42 4.78
CA GLY B 8 1.58 -84.76 3.42
C GLY B 8 0.39 -85.36 2.71
N ALA B 9 0.66 -86.10 1.64
CA ALA B 9 -0.39 -86.71 0.86
C ALA B 9 -1.17 -87.72 1.72
N GLU B 10 -2.45 -87.44 1.95
CA GLU B 10 -3.27 -88.24 2.83
C GLU B 10 -4.46 -88.79 2.07
N VAL B 11 -4.79 -90.05 2.35
CA VAL B 11 -5.96 -90.72 1.79
C VAL B 11 -6.66 -91.41 2.95
N LYS B 12 -7.87 -90.95 3.29
CA LYS B 12 -8.64 -91.49 4.39
C LYS B 12 -10.04 -91.82 3.92
N LYS B 13 -10.56 -92.95 4.40
CA LYS B 13 -11.91 -93.36 4.07
C LYS B 13 -12.92 -92.58 4.92
N PRO B 14 -14.14 -92.39 4.41
CA PRO B 14 -15.17 -91.69 5.20
C PRO B 14 -15.57 -92.52 6.41
N GLY B 15 -15.47 -91.92 7.59
CA GLY B 15 -15.83 -92.59 8.83
C GLY B 15 -14.71 -92.66 9.82
N SER B 16 -13.68 -91.82 9.64
CA SER B 16 -12.53 -91.81 10.52
C SER B 16 -12.10 -90.36 10.72
N SER B 17 -10.91 -90.18 11.27
CA SER B 17 -10.30 -88.86 11.44
C SER B 17 -9.15 -88.68 10.44
N VAL B 18 -8.52 -87.51 10.50
CA VAL B 18 -7.37 -87.18 9.66
C VAL B 18 -6.14 -86.83 10.50
N LYS B 19 -6.32 -85.95 11.48
CA LYS B 19 -5.26 -85.59 12.44
C LYS B 19 -4.04 -85.01 11.72
N VAL B 20 -4.25 -83.87 11.08
CA VAL B 20 -3.18 -83.20 10.34
C VAL B 20 -2.33 -82.40 11.32
N SER B 21 -1.02 -82.56 11.23
CA SER B 21 -0.08 -81.84 12.08
C SER B 21 0.49 -80.64 11.34
N CYS B 22 1.10 -79.73 12.10
CA CYS B 22 1.70 -78.53 11.53
C CYS B 22 2.92 -78.16 12.36
N LYS B 23 4.09 -78.65 11.94
CA LYS B 23 5.34 -78.40 12.64
C LYS B 23 5.88 -77.02 12.28
N ALA B 24 6.30 -76.27 13.29
CA ALA B 24 6.89 -74.95 13.10
C ALA B 24 8.41 -75.06 13.08
N SER B 25 9.06 -73.92 12.92
CA SER B 25 10.52 -73.90 12.89
C SER B 25 11.14 -72.92 13.87
N GLY B 26 10.54 -71.76 14.06
CA GLY B 26 11.07 -70.76 14.98
C GLY B 26 9.95 -70.00 15.65
N GLY B 27 10.20 -68.73 15.93
CA GLY B 27 9.19 -67.84 16.47
C GLY B 27 8.70 -68.17 17.86
N THR B 28 9.31 -69.15 18.53
CA THR B 28 9.10 -69.45 19.94
C THR B 28 7.72 -70.07 20.17
N PHE B 29 6.87 -70.04 19.15
CA PHE B 29 5.52 -70.61 19.20
C PHE B 29 4.63 -69.93 20.24
N SER B 30 5.14 -68.92 20.93
CA SER B 30 4.32 -68.12 21.82
C SER B 30 3.70 -66.93 21.12
N ASN B 31 4.05 -66.71 19.85
CA ASN B 31 3.52 -65.63 19.04
C ASN B 31 2.83 -66.18 17.80
N PHE B 32 2.24 -67.37 17.91
CA PHE B 32 1.59 -68.04 16.80
C PHE B 32 0.12 -68.22 17.14
N ALA B 33 -0.75 -67.68 16.30
CA ALA B 33 -2.18 -67.92 16.38
C ALA B 33 -2.55 -68.75 15.15
N ILE B 34 -2.42 -70.07 15.28
CA ILE B 34 -2.57 -70.97 14.15
C ILE B 34 -4.02 -70.96 13.67
N SER B 35 -4.21 -70.58 12.41
CA SER B 35 -5.49 -70.68 11.73
C SER B 35 -5.40 -71.77 10.67
N TRP B 36 -6.56 -72.30 10.28
CA TRP B 36 -6.63 -73.36 9.30
C TRP B 36 -7.66 -73.01 8.24
N VAL B 37 -7.24 -73.07 6.98
CA VAL B 37 -8.09 -72.78 5.84
C VAL B 37 -8.07 -73.97 4.90
N ARG B 38 -8.93 -73.93 3.89
CA ARG B 38 -9.02 -75.03 2.94
C ARG B 38 -9.85 -74.58 1.76
N GLN B 39 -9.69 -75.29 0.64
CA GLN B 39 -10.58 -75.12 -0.50
C GLN B 39 -10.53 -76.40 -1.33
N ALA B 40 -11.70 -76.89 -1.71
CA ALA B 40 -11.76 -78.06 -2.57
C ALA B 40 -11.31 -77.67 -3.98
N PRO B 41 -10.85 -78.62 -4.78
CA PRO B 41 -10.50 -78.30 -6.17
C PRO B 41 -11.70 -77.72 -6.90
N GLY B 42 -11.61 -76.45 -7.28
CA GLY B 42 -12.70 -75.76 -7.91
C GLY B 42 -13.45 -74.79 -7.02
N GLN B 43 -12.99 -74.58 -5.80
CA GLN B 43 -13.60 -73.64 -4.86
C GLN B 43 -12.57 -72.60 -4.45
N GLY B 44 -13.05 -71.48 -3.92
CA GLY B 44 -12.18 -70.37 -3.60
C GLY B 44 -11.29 -70.61 -2.40
N LEU B 45 -11.85 -70.61 -1.20
CA LEU B 45 -11.14 -70.75 0.06
C LEU B 45 -12.20 -70.76 1.16
N GLU B 46 -11.78 -71.18 2.36
CA GLU B 46 -12.68 -71.26 3.49
C GLU B 46 -11.85 -71.06 4.76
N TRP B 47 -12.51 -70.99 5.90
CA TRP B 47 -11.83 -70.76 7.17
C TRP B 47 -12.33 -71.77 8.19
N MET B 48 -11.41 -72.31 9.01
CA MET B 48 -11.72 -73.44 9.86
C MET B 48 -11.23 -73.26 11.29
N GLY B 49 -11.20 -72.03 11.80
CA GLY B 49 -10.93 -71.85 13.21
C GLY B 49 -9.52 -71.35 13.49
N ARG B 50 -9.36 -70.73 14.66
CA ARG B 50 -8.12 -70.10 15.07
C ARG B 50 -7.81 -70.48 16.50
N ILE B 51 -6.61 -71.00 16.73
CA ILE B 51 -6.15 -71.36 18.07
C ILE B 51 -5.08 -70.36 18.48
N MET B 52 -5.37 -69.56 19.51
CA MET B 52 -4.50 -68.50 19.97
C MET B 52 -3.52 -69.00 21.03
N PRO B 53 -2.39 -68.30 21.23
CA PRO B 53 -1.41 -68.71 22.26
C PRO B 53 -2.04 -68.94 23.62
N LEU B 54 -1.34 -69.68 24.48
CA LEU B 54 -1.96 -70.33 25.64
C LEU B 54 -3.13 -71.18 25.15
N PHE B 55 -2.77 -72.20 24.37
CA PHE B 55 -3.71 -72.85 23.47
C PHE B 55 -4.71 -73.73 24.20
N VAL B 56 -5.83 -73.13 24.62
CA VAL B 56 -6.87 -73.87 25.34
C VAL B 56 -8.26 -73.68 24.74
N THR B 57 -8.53 -72.60 24.02
CA THR B 57 -9.87 -72.28 23.54
C THR B 57 -10.15 -72.81 22.14
N SER B 58 -9.38 -72.34 21.16
CA SER B 58 -9.48 -72.77 19.77
C SER B 58 -10.89 -72.51 19.21
N THR B 59 -11.23 -71.21 19.13
CA THR B 59 -12.47 -70.78 18.48
C THR B 59 -12.56 -71.34 17.07
N TYR B 60 -13.71 -71.90 16.73
CA TYR B 60 -13.91 -72.55 15.44
C TYR B 60 -14.84 -71.70 14.57
N ALA B 61 -15.02 -72.15 13.34
CA ALA B 61 -15.84 -71.44 12.37
C ALA B 61 -17.31 -71.74 12.63
N GLN B 62 -18.17 -71.34 11.71
CA GLN B 62 -19.61 -71.57 11.86
C GLN B 62 -20.00 -72.96 11.39
N LYS B 63 -19.44 -73.41 10.28
CA LYS B 63 -19.87 -74.64 9.63
C LYS B 63 -19.18 -75.88 10.18
N PHE B 64 -17.99 -75.74 10.77
CA PHE B 64 -17.25 -76.87 11.31
C PHE B 64 -17.22 -76.88 12.84
N GLN B 65 -18.05 -76.08 13.49
CA GLN B 65 -17.97 -75.99 14.95
C GLN B 65 -18.25 -77.33 15.63
N GLY B 66 -19.15 -78.13 15.06
CA GLY B 66 -19.43 -79.44 15.62
C GLY B 66 -18.55 -80.56 15.10
N ARG B 67 -17.71 -80.28 14.10
CA ARG B 67 -16.90 -81.30 13.46
C ARG B 67 -15.43 -81.24 13.87
N VAL B 68 -14.78 -80.10 13.65
CA VAL B 68 -13.33 -80.00 13.77
C VAL B 68 -12.93 -79.69 15.21
N THR B 69 -11.72 -80.13 15.56
CA THR B 69 -11.08 -79.73 16.81
C THR B 69 -9.62 -79.44 16.51
N ILE B 70 -9.14 -78.28 16.98
CA ILE B 70 -7.79 -77.82 16.71
C ILE B 70 -7.09 -77.61 18.05
N SER B 71 -5.83 -78.05 18.12
CA SER B 71 -5.06 -77.93 19.35
C SER B 71 -3.60 -77.74 19.00
N ALA B 72 -2.83 -77.33 20.00
CA ALA B 72 -1.39 -77.10 19.83
C ALA B 72 -0.68 -77.59 21.08
N ASP B 73 0.64 -77.41 21.10
CA ASP B 73 1.47 -77.95 22.18
C ASP B 73 2.22 -76.89 22.96
N ALA B 74 2.79 -75.89 22.30
CA ALA B 74 3.61 -74.82 22.86
C ALA B 74 4.96 -75.33 23.34
N SER B 75 5.21 -76.64 23.26
CA SER B 75 6.49 -77.26 23.57
C SER B 75 7.05 -78.03 22.40
N THR B 76 6.20 -78.64 21.59
CA THR B 76 6.62 -79.33 20.37
C THR B 76 6.61 -78.40 19.16
N SER B 77 5.92 -77.26 19.25
CA SER B 77 5.75 -76.32 18.14
C SER B 77 4.95 -76.94 16.99
N THR B 78 3.86 -77.62 17.34
CA THR B 78 3.01 -78.28 16.37
C THR B 78 1.56 -77.87 16.61
N ALA B 79 0.71 -78.19 15.64
CA ALA B 79 -0.72 -77.86 15.73
C ALA B 79 -1.50 -78.94 15.00
N TYR B 80 -2.51 -79.50 15.69
CA TYR B 80 -3.29 -80.61 15.16
C TYR B 80 -4.70 -80.16 14.84
N MET B 81 -5.28 -80.76 13.80
CA MET B 81 -6.55 -80.29 13.23
C MET B 81 -7.47 -81.47 12.93
N GLU B 82 -7.67 -82.34 13.91
CA GLU B 82 -8.51 -83.52 13.71
C GLU B 82 -9.95 -83.12 13.41
N LEU B 83 -10.58 -83.86 12.48
CA LEU B 83 -12.00 -83.69 12.16
C LEU B 83 -12.87 -84.79 12.74
N SER B 84 -12.51 -86.05 12.51
CA SER B 84 -13.22 -87.22 13.00
C SER B 84 -14.62 -87.38 12.41
N SER B 85 -14.94 -86.65 11.34
CA SER B 85 -16.26 -86.77 10.71
C SER B 85 -16.17 -87.33 9.30
N LEU B 86 -15.41 -86.69 8.40
CA LEU B 86 -15.20 -87.14 7.03
C LEU B 86 -16.52 -87.47 6.34
N ARG B 87 -17.33 -86.42 6.16
CA ARG B 87 -18.66 -86.52 5.58
C ARG B 87 -18.63 -86.60 4.05
N SER B 88 -17.49 -86.94 3.46
CA SER B 88 -17.28 -87.07 2.02
C SER B 88 -17.25 -85.71 1.34
N ASP B 89 -17.54 -84.65 2.08
CA ASP B 89 -17.32 -83.29 1.63
C ASP B 89 -15.98 -82.74 2.09
N ASP B 90 -15.24 -83.52 2.87
CA ASP B 90 -13.94 -83.10 3.40
C ASP B 90 -12.81 -83.51 2.46
N THR B 91 -12.88 -83.00 1.23
CA THR B 91 -11.89 -83.27 0.20
C THR B 91 -11.35 -81.93 -0.29
N ALA B 92 -10.27 -81.47 0.33
CA ALA B 92 -9.71 -80.17 0.01
C ALA B 92 -8.19 -80.23 0.22
N MET B 93 -7.55 -79.07 0.18
CA MET B 93 -6.12 -78.92 0.41
C MET B 93 -5.94 -78.11 1.68
N TYR B 94 -5.93 -78.79 2.82
CA TYR B 94 -5.95 -78.12 4.12
C TYR B 94 -4.63 -77.40 4.34
N TYR B 95 -4.72 -76.11 4.68
CA TYR B 95 -3.55 -75.29 4.95
C TYR B 95 -3.46 -75.01 6.44
N CYS B 96 -2.25 -74.66 6.88
CA CYS B 96 -1.98 -74.29 8.26
C CYS B 96 -1.39 -72.88 8.23
N ALA B 97 -2.25 -71.87 8.28
CA ALA B 97 -1.82 -70.50 8.28
C ALA B 97 -1.31 -70.12 9.67
N ARG B 98 -0.90 -68.87 9.81
CA ARG B 98 -0.34 -68.39 11.08
C ARG B 98 -0.35 -66.87 11.09
N ASP B 99 -0.90 -66.29 12.14
CA ASP B 99 -0.86 -64.86 12.36
C ASP B 99 0.00 -64.55 13.59
N ILE B 100 0.68 -63.42 13.57
CA ILE B 100 1.54 -63.03 14.67
C ILE B 100 0.69 -62.36 15.75
N THR B 101 0.89 -62.79 16.99
CA THR B 101 0.12 -62.28 18.11
C THR B 101 0.92 -62.52 19.40
N ALA B 102 0.26 -62.42 20.54
CA ALA B 102 0.87 -62.66 21.83
C ALA B 102 -0.21 -63.13 22.79
N PRO B 103 0.15 -63.86 23.84
CA PRO B 103 -0.86 -64.28 24.82
C PRO B 103 -1.38 -63.09 25.61
N GLY B 104 -2.69 -63.09 25.84
CA GLY B 104 -3.33 -61.98 26.49
C GLY B 104 -3.66 -60.82 25.59
N ALA B 105 -3.57 -61.00 24.28
CA ALA B 105 -3.84 -59.91 23.35
C ALA B 105 -5.33 -59.54 23.37
N ALA B 106 -5.63 -58.37 22.84
CA ALA B 106 -7.00 -57.90 22.78
C ALA B 106 -7.72 -58.47 21.56
N PRO B 107 -9.01 -58.73 21.67
CA PRO B 107 -9.79 -59.21 20.51
C PRO B 107 -10.11 -58.08 19.54
N THR B 108 -9.06 -57.53 18.94
CA THR B 108 -9.18 -56.37 18.08
C THR B 108 -8.62 -56.66 16.70
N PRO B 109 -9.20 -56.09 15.64
CA PRO B 109 -8.63 -56.22 14.31
C PRO B 109 -7.42 -55.32 14.08
N LEU B 110 -7.02 -54.54 15.08
CA LEU B 110 -5.77 -53.79 15.00
C LEU B 110 -4.55 -54.67 15.24
N ASN B 111 -4.76 -55.85 15.81
CA ASN B 111 -3.68 -56.79 16.09
C ASN B 111 -3.56 -57.87 15.03
N PHE B 112 -4.32 -57.78 13.95
CA PHE B 112 -4.23 -58.74 12.86
C PHE B 112 -3.43 -58.13 11.72
N TYR B 113 -2.22 -58.65 11.52
CA TYR B 113 -1.37 -58.27 10.41
C TYR B 113 -1.35 -59.33 9.31
N GLY B 114 -2.47 -60.02 9.11
CA GLY B 114 -2.60 -61.01 8.07
C GLY B 114 -1.89 -62.31 8.40
N MET B 115 -2.30 -63.36 7.70
CA MET B 115 -1.64 -64.67 7.78
C MET B 115 -0.39 -64.58 6.93
N ASP B 116 0.71 -64.19 7.55
CA ASP B 116 1.94 -63.90 6.82
C ASP B 116 2.57 -65.16 6.25
N VAL B 117 2.78 -66.18 7.09
CA VAL B 117 3.45 -67.40 6.65
C VAL B 117 2.44 -68.54 6.69
N TRP B 118 2.64 -69.50 5.78
CA TRP B 118 1.67 -70.57 5.58
C TRP B 118 2.35 -71.92 5.60
N GLY B 119 1.61 -72.98 5.31
CA GLY B 119 2.14 -74.32 5.26
C GLY B 119 2.42 -74.79 3.86
N GLN B 120 2.18 -76.07 3.61
CA GLN B 120 2.43 -76.70 2.32
C GLN B 120 1.14 -77.07 1.59
N GLY B 121 0.23 -77.75 2.27
CA GLY B 121 -0.95 -78.28 1.59
C GLY B 121 -0.98 -79.78 1.79
N THR B 122 -2.17 -80.29 2.12
CA THR B 122 -2.33 -81.69 2.47
C THR B 122 -2.85 -82.54 1.34
N THR B 123 -3.82 -82.03 0.57
CA THR B 123 -4.45 -82.77 -0.52
C THR B 123 -5.07 -84.08 -0.02
N VAL B 124 -6.05 -83.93 0.86
CA VAL B 124 -6.74 -85.06 1.48
C VAL B 124 -7.89 -85.48 0.57
N THR B 125 -8.08 -86.79 0.45
CA THR B 125 -9.15 -87.37 -0.34
C THR B 125 -9.99 -88.28 0.53
N VAL B 126 -11.31 -88.15 0.45
CA VAL B 126 -12.24 -88.96 1.23
C VAL B 126 -13.15 -89.66 0.23
N SER B 127 -12.77 -90.89 -0.14
CA SER B 127 -13.54 -91.74 -1.03
C SER B 127 -12.85 -93.10 -1.09
N SER B 128 -13.64 -94.12 -1.46
CA SER B 128 -13.12 -95.47 -1.59
C SER B 128 -13.06 -95.90 -3.06
N THR C 115 -3.13 -44.84 5.69
CA THR C 115 -1.70 -45.11 5.64
C THR C 115 -1.24 -45.99 6.81
N LYS C 116 0.07 -46.08 6.98
CA LYS C 116 0.64 -46.93 8.03
C LYS C 116 1.00 -46.09 9.25
N PRO C 117 0.53 -46.46 10.45
CA PRO C 117 0.88 -45.70 11.64
C PRO C 117 2.34 -45.87 11.98
N THR C 118 2.98 -44.77 12.38
CA THR C 118 4.37 -44.78 12.82
C THR C 118 4.43 -44.59 14.32
N PHE C 119 5.05 -45.53 15.00
CA PHE C 119 5.32 -45.43 16.43
C PHE C 119 6.77 -45.01 16.65
N TYR C 120 7.05 -44.54 17.86
CA TYR C 120 8.38 -44.08 18.24
C TYR C 120 8.89 -44.88 19.42
N VAL C 121 10.20 -44.78 19.65
CA VAL C 121 10.83 -45.36 20.84
C VAL C 121 11.77 -44.29 21.40
N CYS C 122 11.47 -43.82 22.60
CA CYS C 122 12.25 -42.74 23.20
C CYS C 122 13.19 -43.30 24.26
N PRO C 123 14.47 -43.49 23.96
CA PRO C 123 15.42 -43.92 25.00
C PRO C 123 15.61 -42.83 26.03
N PRO C 124 16.01 -43.19 27.24
CA PRO C 124 16.18 -42.19 28.30
C PRO C 124 17.29 -41.21 27.98
N PRO C 125 17.04 -39.91 28.17
CA PRO C 125 18.03 -38.90 27.80
C PRO C 125 19.29 -39.00 28.65
N THR C 126 20.29 -38.23 28.26
CA THR C 126 21.55 -38.14 28.97
C THR C 126 22.00 -36.68 28.99
N GLY C 127 22.77 -36.31 30.00
CA GLY C 127 23.19 -34.94 30.18
C GLY C 127 24.06 -34.37 29.09
N SER C 128 24.38 -35.19 28.07
CA SER C 128 25.28 -34.76 27.02
C SER C 128 24.79 -33.47 26.37
N THR C 129 23.58 -33.49 25.82
CA THR C 129 23.01 -32.35 25.11
C THR C 129 22.05 -31.64 26.06
N ILE C 130 22.52 -30.57 26.68
CA ILE C 130 21.69 -29.72 27.53
C ILE C 130 21.47 -28.39 26.80
N VAL C 131 20.27 -27.84 26.94
CA VAL C 131 19.88 -26.62 26.27
C VAL C 131 19.17 -25.71 27.26
N ARG C 132 18.70 -24.58 26.77
CA ARG C 132 18.01 -23.59 27.58
C ARG C 132 17.14 -22.73 26.68
N LEU C 133 16.15 -22.09 27.28
CA LEU C 133 15.34 -21.11 26.55
C LEU C 133 16.15 -19.84 26.30
N GLU C 134 16.08 -19.36 25.06
CA GLU C 134 16.78 -18.12 24.71
C GLU C 134 16.16 -16.96 25.47
N PRO C 135 16.96 -16.01 25.94
CA PRO C 135 16.43 -14.84 26.64
C PRO C 135 15.59 -13.98 25.71
N PRO C 136 14.70 -13.15 26.25
CA PRO C 136 13.82 -12.35 25.39
C PRO C 136 14.61 -11.39 24.51
N ARG C 137 14.24 -11.34 23.24
CA ARG C 137 14.90 -10.46 22.29
C ARG C 137 14.47 -9.02 22.50
N THR C 138 15.40 -8.10 22.31
CA THR C 138 15.09 -6.69 22.38
C THR C 138 14.26 -6.28 21.16
N CYS C 139 13.42 -5.28 21.34
CA CYS C 139 12.61 -4.93 20.19
C CYS C 139 13.10 -3.65 19.53
N PRO C 140 13.18 -3.63 18.21
CA PRO C 140 13.72 -2.45 17.51
C PRO C 140 12.83 -1.23 17.69
N ASP C 141 13.47 -0.10 17.92
CA ASP C 141 12.77 1.18 17.96
C ASP C 141 12.74 1.74 16.55
N TYR C 142 11.54 1.87 16.00
CA TYR C 142 11.37 2.40 14.65
C TYR C 142 11.36 3.92 14.71
N HIS C 143 12.38 4.55 14.12
CA HIS C 143 12.50 6.00 14.12
C HIS C 143 11.83 6.61 12.89
N LEU C 144 10.56 6.27 12.71
CA LEU C 144 9.76 6.85 11.63
C LEU C 144 9.20 8.19 12.08
N GLY C 145 9.51 9.24 11.33
CA GLY C 145 9.14 10.58 11.72
C GLY C 145 10.17 11.58 11.24
N LYS C 146 9.72 12.70 10.69
CA LYS C 146 10.61 13.67 10.10
C LYS C 146 10.39 15.03 10.75
N ASN C 147 11.36 15.93 10.53
CA ASN C 147 11.25 17.32 10.96
C ASN C 147 10.54 18.09 9.86
N PHE C 148 9.31 18.51 10.13
CA PHE C 148 8.51 19.23 9.16
C PHE C 148 8.47 20.71 9.51
N THR C 149 7.85 21.50 8.62
CA THR C 149 7.75 22.94 8.80
C THR C 149 6.48 23.40 8.08
N GLU C 150 5.50 23.87 8.83
CA GLU C 150 4.30 24.39 8.23
C GLU C 150 4.54 25.82 7.72
N GLY C 151 3.68 26.25 6.80
CA GLY C 151 3.80 27.60 6.28
C GLY C 151 2.84 27.84 5.14
N ILE C 152 3.04 28.96 4.47
CA ILE C 152 2.27 29.37 3.30
C ILE C 152 3.20 29.44 2.11
N ALA C 153 2.71 29.04 0.94
CA ALA C 153 3.50 29.03 -0.27
C ALA C 153 2.69 29.59 -1.43
N VAL C 154 3.41 30.16 -2.39
CA VAL C 154 2.85 30.59 -3.66
C VAL C 154 3.70 29.97 -4.76
N VAL C 155 3.07 29.21 -5.65
CA VAL C 155 3.80 28.51 -6.70
C VAL C 155 3.74 29.37 -7.96
N TYR C 156 4.89 29.50 -8.63
CA TYR C 156 5.02 30.34 -9.82
C TYR C 156 5.51 29.48 -10.98
N LYS C 157 4.86 29.61 -12.11
CA LYS C 157 5.27 28.95 -13.33
C LYS C 157 5.85 29.97 -14.30
N GLU C 158 6.52 29.46 -15.32
CA GLU C 158 7.02 30.31 -16.38
C GLU C 158 5.86 30.90 -17.19
N ASN C 159 6.00 32.16 -17.57
CA ASN C 159 4.99 32.86 -18.35
C ASN C 159 5.27 32.61 -19.83
N ILE C 160 4.39 31.86 -20.49
CA ILE C 160 4.58 31.53 -21.90
C ILE C 160 3.74 32.39 -22.82
N ALA C 161 2.87 33.24 -22.29
CA ALA C 161 2.00 34.05 -23.11
C ALA C 161 2.71 35.28 -23.63
N ALA C 162 2.18 35.84 -24.71
CA ALA C 162 2.71 37.06 -25.29
C ALA C 162 2.23 38.27 -24.49
N TYR C 163 3.05 39.32 -24.48
CA TYR C 163 2.67 40.56 -23.83
C TYR C 163 1.71 41.31 -24.74
N LYS C 164 0.52 41.61 -24.23
CA LYS C 164 -0.57 42.15 -25.03
C LYS C 164 -0.90 43.55 -24.57
N PHE C 165 -0.90 44.50 -25.50
CA PHE C 165 -1.31 45.87 -25.22
C PHE C 165 -2.20 46.34 -26.35
N LYS C 166 -2.61 47.61 -26.28
CA LYS C 166 -3.46 48.20 -27.29
C LYS C 166 -2.77 49.39 -27.91
N ALA C 167 -2.93 49.53 -29.23
CA ALA C 167 -2.34 50.62 -29.98
C ALA C 167 -3.38 51.10 -30.98
N THR C 168 -3.02 52.11 -31.76
CA THR C 168 -3.88 52.64 -32.80
C THR C 168 -3.06 52.75 -34.08
N VAL C 169 -3.68 52.43 -35.21
CA VAL C 169 -3.04 52.56 -36.51
C VAL C 169 -3.75 53.66 -37.28
N TYR C 170 -2.96 54.52 -37.91
CA TYR C 170 -3.44 55.63 -38.71
C TYR C 170 -2.89 55.47 -40.12
N TYR C 171 -3.76 55.27 -41.09
CA TYR C 171 -3.30 55.12 -42.46
C TYR C 171 -4.40 55.56 -43.41
N LYS C 172 -3.99 55.82 -44.66
CA LYS C 172 -4.88 56.23 -45.73
C LYS C 172 -4.87 55.18 -46.83
N ASP C 173 -6.05 54.82 -47.30
CA ASP C 173 -6.22 53.84 -48.38
C ASP C 173 -6.26 54.58 -49.70
N VAL C 174 -5.21 54.45 -50.50
CA VAL C 174 -5.07 55.19 -51.76
C VAL C 174 -5.29 54.20 -52.89
N ILE C 175 -6.49 54.21 -53.47
CA ILE C 175 -6.82 53.35 -54.61
C ILE C 175 -6.82 54.17 -55.88
N VAL C 176 -6.22 53.63 -56.93
CA VAL C 176 -6.12 54.30 -58.22
C VAL C 176 -6.68 53.35 -59.28
N SER C 177 -7.88 53.64 -59.77
CA SER C 177 -8.57 52.78 -60.72
C SER C 177 -8.47 53.36 -62.12
N THR C 178 -8.14 52.50 -63.09
CA THR C 178 -8.05 52.87 -64.50
C THR C 178 -9.08 52.08 -65.28
N ALA C 179 -10.07 52.77 -65.84
CA ALA C 179 -11.13 52.14 -66.61
C ALA C 179 -10.93 52.42 -68.09
N TRP C 180 -11.45 51.52 -68.92
CA TRP C 180 -11.44 51.67 -70.36
C TRP C 180 -12.89 51.69 -70.84
N ALA C 181 -13.41 52.86 -71.15
CA ALA C 181 -14.77 52.97 -71.66
C ALA C 181 -14.83 52.41 -73.07
N GLY C 182 -15.67 51.39 -73.27
CA GLY C 182 -15.81 50.74 -74.54
C GLY C 182 -17.13 51.04 -75.22
N SER C 183 -17.45 50.22 -76.22
CA SER C 183 -18.65 50.44 -77.01
C SER C 183 -19.90 50.39 -76.13
N SER C 184 -20.14 49.24 -75.48
CA SER C 184 -21.32 49.05 -74.65
C SER C 184 -20.98 48.68 -73.22
N TYR C 185 -19.73 48.83 -72.80
CA TYR C 185 -19.33 48.40 -71.47
C TYR C 185 -18.12 49.20 -71.02
N THR C 186 -17.86 49.15 -69.72
CA THR C 186 -16.66 49.71 -69.13
C THR C 186 -15.85 48.57 -68.52
N GLN C 187 -14.54 48.62 -68.67
CA GLN C 187 -13.65 47.58 -68.18
C GLN C 187 -12.56 48.22 -67.33
N ILE C 188 -12.47 47.81 -66.07
CA ILE C 188 -11.34 48.19 -65.22
C ILE C 188 -10.10 47.45 -65.69
N THR C 189 -9.12 48.19 -66.20
CA THR C 189 -7.88 47.61 -66.67
C THR C 189 -6.76 47.68 -65.64
N ASN C 190 -6.98 48.39 -64.53
CA ASN C 190 -6.02 48.39 -63.45
C ASN C 190 -6.68 48.94 -62.20
N ARG C 191 -6.15 48.53 -61.04
CA ARG C 191 -6.60 49.05 -59.77
C ARG C 191 -5.45 48.86 -58.79
N TYR C 192 -4.80 49.95 -58.43
CA TYR C 192 -3.60 49.93 -57.61
C TYR C 192 -3.97 50.45 -56.23
N ALA C 193 -4.16 49.55 -55.29
CA ALA C 193 -4.45 49.93 -53.92
C ALA C 193 -3.15 49.99 -53.13
N ASP C 194 -3.12 50.90 -52.16
CA ASP C 194 -1.92 51.16 -51.38
C ASP C 194 -2.33 51.78 -50.06
N ARG C 195 -1.65 51.39 -48.98
CA ARG C 195 -1.84 51.98 -47.68
C ARG C 195 -0.67 52.88 -47.37
N VAL C 196 -0.95 54.13 -47.02
CA VAL C 196 0.08 55.12 -46.76
C VAL C 196 -0.13 55.67 -45.36
N PRO C 197 0.91 56.10 -44.66
CA PRO C 197 0.74 56.58 -43.29
C PRO C 197 0.12 57.96 -43.24
N ILE C 198 -0.37 58.31 -42.05
CA ILE C 198 -0.77 59.68 -41.72
C ILE C 198 0.35 60.27 -40.88
N PRO C 199 1.05 61.30 -41.35
CA PRO C 199 2.17 61.83 -40.57
C PRO C 199 1.70 62.38 -39.23
N VAL C 200 2.59 62.32 -38.24
CA VAL C 200 2.19 62.65 -36.87
C VAL C 200 1.85 64.11 -36.71
N SER C 201 2.39 64.99 -37.55
CA SER C 201 1.94 66.38 -37.55
C SER C 201 0.46 66.45 -37.87
N GLU C 202 0.03 65.75 -38.92
CA GLU C 202 -1.38 65.73 -39.28
C GLU C 202 -2.22 65.13 -38.17
N ILE C 203 -1.76 64.02 -37.57
CA ILE C 203 -2.52 63.42 -36.46
C ILE C 203 -2.70 64.43 -35.34
N THR C 204 -1.58 64.84 -34.73
CA THR C 204 -1.62 65.65 -33.52
C THR C 204 -2.08 67.07 -33.76
N ASP C 205 -2.26 67.51 -35.01
CA ASP C 205 -2.77 68.84 -35.27
C ASP C 205 -4.14 68.87 -35.94
N THR C 206 -4.63 67.75 -36.43
CA THR C 206 -5.98 67.81 -36.98
C THR C 206 -6.89 66.73 -36.42
N ILE C 207 -6.40 65.51 -36.24
CA ILE C 207 -7.28 64.43 -35.82
C ILE C 207 -7.56 64.52 -34.32
N ASP C 208 -6.52 64.74 -33.53
CA ASP C 208 -6.66 64.88 -32.09
C ASP C 208 -6.96 66.31 -31.68
N LYS C 209 -7.17 67.20 -32.64
CA LYS C 209 -7.61 68.57 -32.37
C LYS C 209 -9.06 68.81 -32.78
N PHE C 210 -9.45 68.41 -33.99
CA PHE C 210 -10.79 68.63 -34.49
C PHE C 210 -11.53 67.35 -34.86
N GLY C 211 -10.86 66.20 -34.86
CA GLY C 211 -11.51 64.97 -35.28
C GLY C 211 -11.76 64.90 -36.77
N LYS C 212 -10.83 65.42 -37.57
CA LYS C 212 -10.97 65.46 -39.02
C LYS C 212 -9.66 65.01 -39.64
N CYS C 213 -9.73 64.56 -40.88
CA CYS C 213 -8.56 64.11 -41.61
C CYS C 213 -8.55 64.72 -42.99
N SER C 214 -7.39 65.25 -43.39
CA SER C 214 -7.26 65.86 -44.71
C SER C 214 -7.56 64.85 -45.80
N SER C 215 -8.09 65.34 -46.91
CA SER C 215 -8.45 64.52 -48.04
C SER C 215 -7.29 64.32 -49.01
N LYS C 216 -6.11 64.83 -48.67
CA LYS C 216 -4.93 64.73 -49.52
C LYS C 216 -3.88 63.88 -48.82
N ALA C 217 -3.47 62.79 -49.47
CA ALA C 217 -2.43 61.93 -48.95
C ALA C 217 -1.06 62.41 -49.43
N THR C 218 -0.13 62.58 -48.50
CA THR C 218 1.24 62.95 -48.81
C THR C 218 2.16 61.92 -48.18
N TYR C 219 2.91 61.21 -49.00
CA TYR C 219 3.72 60.10 -48.52
C TYR C 219 4.99 60.03 -49.35
N VAL C 220 5.73 58.94 -49.19
CA VAL C 220 7.01 58.74 -49.87
C VAL C 220 7.02 57.33 -50.42
N ARG C 221 7.07 57.20 -51.75
CA ARG C 221 7.22 55.93 -52.43
C ARG C 221 8.36 56.02 -53.42
N ASN C 222 9.15 54.95 -53.49
CA ASN C 222 10.29 54.85 -54.38
C ASN C 222 11.28 55.98 -54.14
N ASN C 223 11.37 56.41 -52.88
CA ASN C 223 12.21 57.51 -52.40
C ASN C 223 11.77 58.88 -52.87
N HIS C 224 10.59 58.99 -53.48
CA HIS C 224 10.07 60.25 -53.98
C HIS C 224 8.86 60.69 -53.17
N LYS C 225 8.73 62.00 -52.96
CA LYS C 225 7.59 62.55 -52.23
C LYS C 225 6.39 62.59 -53.17
N VAL C 226 5.47 61.66 -52.96
CA VAL C 226 4.30 61.49 -53.80
C VAL C 226 3.08 62.05 -53.10
N GLU C 227 2.04 62.37 -53.87
CA GLU C 227 0.79 62.85 -53.31
C GLU C 227 -0.37 62.10 -53.95
N ALA C 228 -1.58 62.41 -53.48
CA ALA C 228 -2.82 61.84 -54.01
C ALA C 228 -3.97 62.65 -53.45
N PHE C 229 -5.01 62.81 -54.26
CA PHE C 229 -6.18 63.62 -53.90
C PHE C 229 -7.42 62.79 -54.11
N ASN C 230 -8.29 62.77 -53.11
CA ASN C 230 -9.56 62.05 -53.23
C ASN C 230 -10.41 62.68 -54.31
N GLU C 231 -10.86 61.86 -55.26
CA GLU C 231 -11.66 62.28 -56.40
C GLU C 231 -10.94 63.28 -57.29
N ASP C 232 -9.64 63.47 -57.08
CA ASP C 232 -8.83 64.38 -57.88
C ASP C 232 -9.36 65.81 -57.80
N LYS C 233 -9.74 66.22 -56.60
CA LYS C 233 -10.32 67.54 -56.35
C LYS C 233 -9.41 68.32 -55.41
N ASN C 234 -9.87 69.47 -54.98
CA ASN C 234 -9.12 70.25 -54.01
C ASN C 234 -9.21 69.59 -52.64
N PRO C 235 -8.14 69.62 -51.85
CA PRO C 235 -8.16 68.93 -50.56
C PRO C 235 -9.11 69.58 -49.57
N GLN C 236 -9.72 68.73 -48.74
CA GLN C 236 -10.59 69.21 -47.67
C GLN C 236 -10.14 68.61 -46.34
N ASP C 237 -10.92 68.83 -45.29
CA ASP C 237 -10.77 68.13 -44.01
C ASP C 237 -12.10 67.47 -43.69
N MET C 238 -12.17 66.19 -43.87
CA MET C 238 -13.41 65.47 -43.70
C MET C 238 -13.51 64.90 -42.28
N PRO C 239 -14.72 64.81 -41.74
CA PRO C 239 -14.88 64.26 -40.39
C PRO C 239 -14.71 62.75 -40.38
N LEU C 240 -14.17 62.26 -39.26
CA LEU C 240 -13.95 60.84 -39.06
C LEU C 240 -15.23 60.23 -38.48
N ILE C 241 -15.80 59.27 -39.19
CA ILE C 241 -17.09 58.69 -38.85
C ILE C 241 -16.88 57.22 -38.50
N ALA C 242 -17.57 56.76 -37.46
CA ALA C 242 -17.43 55.40 -36.99
C ALA C 242 -17.94 54.41 -38.02
N SER C 243 -17.30 53.24 -38.06
CA SER C 243 -17.74 52.17 -38.94
C SER C 243 -19.09 51.64 -38.47
N LYS C 244 -19.80 50.99 -39.39
CA LYS C 244 -21.07 50.38 -39.03
C LYS C 244 -20.87 49.18 -38.12
N TYR C 245 -19.68 48.58 -38.12
CA TYR C 245 -19.39 47.38 -37.34
C TYR C 245 -18.66 47.70 -36.04
N ASN C 246 -18.77 48.93 -35.55
CA ASN C 246 -18.03 49.32 -34.35
C ASN C 246 -18.68 48.67 -33.13
N SER C 247 -18.35 47.40 -32.92
CA SER C 247 -18.71 46.70 -31.70
C SER C 247 -17.68 47.04 -30.63
N VAL C 248 -17.69 46.30 -29.53
CA VAL C 248 -16.75 46.57 -28.44
C VAL C 248 -15.33 46.23 -28.88
N GLY C 249 -14.37 47.01 -28.36
CA GLY C 249 -12.97 46.73 -28.57
C GLY C 249 -12.42 47.15 -29.92
N SER C 250 -12.77 46.41 -30.97
CA SER C 250 -12.24 46.66 -32.31
C SER C 250 -13.10 47.73 -32.97
N LYS C 251 -12.64 48.98 -32.92
CA LYS C 251 -13.34 50.11 -33.48
C LYS C 251 -12.50 50.76 -34.57
N ALA C 252 -13.16 51.42 -35.51
CA ALA C 252 -12.48 52.06 -36.61
C ALA C 252 -13.31 53.24 -37.10
N TRP C 253 -12.65 54.36 -37.36
CA TRP C 253 -13.28 55.58 -37.87
C TRP C 253 -12.67 55.93 -39.21
N HIS C 254 -13.51 56.07 -40.22
CA HIS C 254 -13.05 56.40 -41.57
C HIS C 254 -13.89 57.54 -42.14
N THR C 255 -13.42 58.10 -43.26
CA THR C 255 -14.00 59.30 -43.83
C THR C 255 -14.86 59.06 -45.07
N THR C 256 -14.57 58.03 -45.85
CA THR C 256 -15.21 57.83 -47.14
C THR C 256 -15.80 56.42 -47.22
N ASN C 257 -17.05 56.33 -47.65
CA ASN C 257 -17.67 55.04 -47.94
C ASN C 257 -17.61 54.69 -49.42
N ASP C 258 -17.16 55.61 -50.27
CA ASP C 258 -17.22 55.44 -51.71
C ASP C 258 -15.82 55.33 -52.29
N THR C 259 -15.74 54.69 -53.46
CA THR C 259 -14.49 54.59 -54.20
C THR C 259 -14.71 55.26 -55.55
N TYR C 260 -13.82 56.18 -55.91
CA TYR C 260 -13.98 57.02 -57.08
C TYR C 260 -13.35 56.37 -58.31
N MET C 261 -14.12 56.32 -59.40
CA MET C 261 -13.58 55.93 -60.69
C MET C 261 -14.44 56.58 -61.76
N VAL C 262 -13.84 56.80 -62.93
CA VAL C 262 -14.50 57.42 -64.06
C VAL C 262 -14.21 56.60 -65.30
N ALA C 263 -15.16 56.63 -66.25
CA ALA C 263 -15.07 55.84 -67.47
C ALA C 263 -14.60 56.65 -68.66
N GLY C 264 -15.29 57.73 -68.99
CA GLY C 264 -14.91 58.56 -70.11
C GLY C 264 -15.69 58.21 -71.37
N THR C 265 -15.26 58.86 -72.46
CA THR C 265 -15.88 58.63 -73.76
C THR C 265 -15.38 57.31 -74.37
N PRO C 266 -16.25 56.56 -75.03
CA PRO C 266 -15.87 55.24 -75.53
C PRO C 266 -14.65 55.30 -76.44
N GLY C 267 -13.58 54.66 -75.99
CA GLY C 267 -12.34 54.56 -76.73
C GLY C 267 -11.14 55.11 -76.01
N THR C 268 -11.28 55.56 -74.77
CA THR C 268 -10.19 56.18 -74.03
C THR C 268 -10.08 55.56 -72.64
N TYR C 269 -8.90 55.68 -72.07
CA TYR C 269 -8.65 55.27 -70.70
C TYR C 269 -8.84 56.47 -69.78
N ARG C 270 -9.42 56.23 -68.61
CA ARG C 270 -9.60 57.27 -67.61
C ARG C 270 -9.12 56.73 -66.28
N THR C 271 -8.45 57.58 -65.50
CA THR C 271 -7.90 57.18 -64.21
C THR C 271 -8.55 57.99 -63.10
N GLY C 272 -8.98 57.29 -62.05
CA GLY C 272 -9.54 57.90 -60.87
C GLY C 272 -8.60 57.79 -59.69
N THR C 273 -9.12 58.17 -58.52
CA THR C 273 -8.34 58.09 -57.30
C THR C 273 -9.22 58.25 -56.07
N SER C 274 -9.11 57.33 -55.12
CA SER C 274 -9.74 57.45 -53.82
C SER C 274 -8.68 57.72 -52.76
N VAL C 275 -9.12 58.29 -51.65
CA VAL C 275 -8.31 58.41 -50.45
C VAL C 275 -9.25 58.26 -49.27
N ASN C 276 -8.95 57.31 -48.39
CA ASN C 276 -9.80 56.98 -47.25
C ASN C 276 -8.94 57.00 -45.99
N CYS C 277 -9.14 58.02 -45.16
CA CYS C 277 -8.48 58.07 -43.86
C CYS C 277 -9.08 57.02 -42.95
N ILE C 278 -8.25 56.13 -42.41
CA ILE C 278 -8.72 55.03 -41.59
C ILE C 278 -7.93 55.03 -40.29
N ILE C 279 -8.62 55.16 -39.17
CA ILE C 279 -8.03 55.05 -37.83
C ILE C 279 -8.66 53.85 -37.14
N GLU C 280 -7.84 52.86 -36.81
CA GLU C 280 -8.31 51.63 -36.18
C GLU C 280 -7.63 51.46 -34.83
N GLU C 281 -8.40 51.06 -33.83
CA GLU C 281 -7.85 50.58 -32.58
C GLU C 281 -7.52 49.10 -32.72
N VAL C 282 -6.24 48.76 -32.63
CA VAL C 282 -5.79 47.39 -32.81
C VAL C 282 -5.34 46.83 -31.47
N GLU C 283 -5.07 45.53 -31.46
CA GLU C 283 -4.48 44.84 -30.32
C GLU C 283 -3.05 44.48 -30.69
N ALA C 284 -2.10 45.06 -29.98
CA ALA C 284 -0.71 44.73 -30.22
C ALA C 284 -0.30 43.55 -29.37
N ARG C 285 0.85 42.97 -29.71
CA ARG C 285 1.19 41.65 -29.21
C ARG C 285 2.69 41.44 -29.38
N SER C 286 3.40 41.17 -28.28
CA SER C 286 4.85 41.03 -28.34
C SER C 286 5.28 39.84 -27.51
N ILE C 287 6.31 39.13 -27.99
CA ILE C 287 6.85 37.97 -27.29
C ILE C 287 8.32 38.20 -27.01
N PHE C 288 8.85 37.41 -26.09
CA PHE C 288 10.23 37.57 -25.65
C PHE C 288 11.19 37.44 -26.83
N PRO C 289 12.27 38.24 -26.89
CA PRO C 289 12.70 39.25 -25.91
C PRO C 289 12.10 40.63 -26.08
N TYR C 290 10.91 40.74 -26.65
CA TYR C 290 10.20 42.01 -26.79
C TYR C 290 11.01 43.04 -27.56
N ASP C 291 11.37 42.69 -28.80
CA ASP C 291 12.05 43.61 -29.69
C ASP C 291 11.29 43.81 -30.98
N SER C 292 9.99 43.55 -30.96
CA SER C 292 9.09 43.69 -32.10
C SER C 292 7.68 43.43 -31.57
N PHE C 293 6.69 43.93 -32.29
CA PHE C 293 5.32 43.59 -31.95
C PHE C 293 4.48 43.54 -33.21
N GLY C 294 3.57 42.58 -33.25
CA GLY C 294 2.64 42.45 -34.34
C GLY C 294 1.29 43.03 -33.98
N LEU C 295 0.55 43.44 -35.00
CA LEU C 295 -0.73 44.11 -34.82
C LEU C 295 -1.86 43.23 -35.32
N SER C 296 -3.08 43.55 -34.88
CA SER C 296 -4.27 42.86 -35.34
C SER C 296 -4.48 43.00 -36.84
N THR C 297 -3.85 44.00 -37.46
CA THR C 297 -3.91 44.17 -38.90
C THR C 297 -2.97 43.24 -39.63
N GLY C 298 -2.01 42.62 -38.94
CA GLY C 298 -1.08 41.70 -39.54
C GLY C 298 0.31 42.23 -39.69
N ASP C 299 0.59 43.43 -39.19
CA ASP C 299 1.83 44.14 -39.45
C ASP C 299 2.83 43.87 -38.34
N ILE C 300 4.05 43.54 -38.70
CA ILE C 300 5.15 43.44 -37.75
C ILE C 300 5.80 44.81 -37.64
N ILE C 301 5.96 45.28 -36.40
CA ILE C 301 6.63 46.55 -36.12
C ILE C 301 7.96 46.21 -35.49
N TYR C 302 9.05 46.41 -36.24
CA TYR C 302 10.38 45.98 -35.82
C TYR C 302 10.99 46.98 -34.83
N MET C 303 10.25 47.19 -33.75
CA MET C 303 10.67 48.08 -32.68
C MET C 303 10.06 47.59 -31.38
N SER C 304 10.83 47.62 -30.31
CA SER C 304 10.34 47.11 -29.04
C SER C 304 9.18 47.96 -28.52
N PRO C 305 8.18 47.34 -27.90
CA PRO C 305 7.06 48.13 -27.34
C PRO C 305 7.48 49.07 -26.24
N PHE C 306 8.72 48.99 -25.77
CA PHE C 306 9.20 49.80 -24.67
C PHE C 306 10.29 50.77 -25.09
N PHE C 307 10.48 50.96 -26.39
CA PHE C 307 11.36 51.98 -26.90
C PHE C 307 10.81 53.35 -26.54
N GLY C 308 11.68 54.24 -26.11
CA GLY C 308 11.28 55.56 -25.71
C GLY C 308 12.45 56.51 -25.75
N LEU C 309 12.30 57.63 -25.05
CA LEU C 309 13.33 58.64 -24.98
C LEU C 309 13.92 58.84 -23.60
N ARG C 310 13.21 58.45 -22.55
CA ARG C 310 13.65 58.61 -21.17
C ARG C 310 13.88 57.24 -20.54
N ASP C 311 14.33 57.26 -19.28
CA ASP C 311 14.41 56.06 -18.44
C ASP C 311 15.25 54.96 -19.06
N GLY C 312 16.25 55.34 -19.87
CA GLY C 312 17.10 54.36 -20.52
C GLY C 312 16.36 53.50 -21.54
N ALA C 313 15.15 53.92 -21.91
CA ALA C 313 14.37 53.18 -22.90
C ALA C 313 14.94 53.31 -24.30
N TYR C 314 15.69 54.38 -24.57
CA TYR C 314 16.31 54.58 -25.87
C TYR C 314 17.34 53.51 -26.21
N ARG C 315 17.65 52.63 -25.28
CA ARG C 315 18.61 51.54 -25.51
C ARG C 315 17.92 50.24 -25.87
N GLU C 316 16.61 50.25 -26.07
CA GLU C 316 15.89 49.08 -26.56
C GLU C 316 16.19 48.88 -28.04
N HIS C 317 15.54 47.92 -28.66
CA HIS C 317 15.81 47.56 -30.03
C HIS C 317 14.92 48.33 -30.99
N SER C 318 15.47 48.70 -32.14
CA SER C 318 14.70 49.40 -33.16
C SER C 318 15.38 49.19 -34.51
N ASN C 319 14.62 48.68 -35.48
CA ASN C 319 15.10 48.54 -36.84
C ASN C 319 14.82 49.75 -37.69
N TYR C 320 14.42 50.86 -37.09
CA TYR C 320 14.02 52.06 -37.82
C TYR C 320 14.95 53.20 -37.50
N ALA C 321 14.94 54.21 -38.37
CA ALA C 321 15.68 55.42 -38.13
C ALA C 321 14.98 56.25 -37.07
N MET C 322 15.76 57.06 -36.35
CA MET C 322 15.22 57.83 -35.24
C MET C 322 14.32 58.96 -35.70
N ASP C 323 14.21 59.21 -37.00
CA ASP C 323 13.33 60.25 -37.52
C ASP C 323 11.89 59.78 -37.63
N ARG C 324 11.66 58.48 -37.72
CA ARG C 324 10.32 57.93 -37.79
C ARG C 324 9.64 57.85 -36.43
N PHE C 325 10.37 58.00 -35.34
CA PHE C 325 9.85 57.80 -34.00
C PHE C 325 9.62 59.14 -33.30
N HIS C 326 8.42 59.32 -32.76
CA HIS C 326 8.06 60.52 -32.01
C HIS C 326 7.45 60.13 -30.68
N GLN C 327 7.81 60.86 -29.63
CA GLN C 327 7.23 60.67 -28.30
C GLN C 327 6.67 62.00 -27.80
N PHE C 328 5.47 61.95 -27.25
CA PHE C 328 4.77 63.14 -26.75
C PHE C 328 4.44 62.94 -25.29
N GLU C 329 5.23 63.53 -24.40
CA GLU C 329 4.99 63.41 -22.97
C GLU C 329 3.82 64.27 -22.54
N GLY C 330 2.88 63.66 -21.83
CA GLY C 330 1.67 64.35 -21.45
C GLY C 330 0.63 64.44 -22.55
N TYR C 331 0.71 63.59 -23.56
CA TYR C 331 -0.19 63.68 -24.70
C TYR C 331 -1.60 63.30 -24.29
N ARG C 332 -2.56 64.10 -24.76
CA ARG C 332 -3.98 63.87 -24.49
C ARG C 332 -4.65 63.40 -25.77
N GLN C 333 -4.90 62.12 -25.86
CA GLN C 333 -5.57 61.56 -27.02
C GLN C 333 -7.02 62.03 -27.05
N ARG C 334 -7.65 61.92 -28.22
CA ARG C 334 -9.02 62.32 -28.42
C ARG C 334 -9.87 61.10 -28.69
N ASP C 335 -10.99 60.99 -27.97
CA ASP C 335 -11.95 59.92 -28.20
C ASP C 335 -12.84 60.34 -29.36
N LEU C 336 -12.74 59.63 -30.49
CA LEU C 336 -13.45 60.05 -31.69
C LEU C 336 -14.95 59.80 -31.59
N ASP C 337 -15.45 59.26 -30.49
CA ASP C 337 -16.88 59.07 -30.28
C ASP C 337 -17.48 60.13 -29.38
N THR C 338 -16.89 60.36 -28.22
CA THR C 338 -17.34 61.40 -27.29
C THR C 338 -16.73 62.75 -27.59
N ARG C 339 -15.86 62.84 -28.59
CA ARG C 339 -15.26 64.10 -29.05
C ARG C 339 -14.47 64.81 -27.95
N ALA C 340 -14.12 64.09 -26.90
CA ALA C 340 -13.47 64.67 -25.74
C ALA C 340 -12.06 64.11 -25.59
N LEU C 341 -11.14 64.98 -25.14
CA LEU C 341 -9.78 64.55 -24.90
C LEU C 341 -9.70 63.57 -23.73
N LEU C 342 -8.81 62.59 -23.84
CA LEU C 342 -8.58 61.64 -22.77
C LEU C 342 -7.57 62.22 -21.79
N GLU C 343 -7.10 61.42 -20.86
CA GLU C 343 -6.18 61.90 -19.84
C GLU C 343 -4.74 61.83 -20.33
N PRO C 344 -3.88 62.72 -19.84
CA PRO C 344 -2.51 62.80 -20.37
C PRO C 344 -1.73 61.51 -20.11
N ALA C 345 -0.93 61.13 -21.10
CA ALA C 345 -0.11 59.93 -21.03
C ALA C 345 0.93 59.95 -22.13
N ALA C 346 2.18 59.63 -21.81
CA ALA C 346 3.22 59.57 -22.84
C ALA C 346 2.81 58.61 -23.95
N ARG C 347 3.06 59.02 -25.19
CA ARG C 347 2.57 58.28 -26.35
C ARG C 347 3.64 58.24 -27.40
N ASN C 348 4.02 57.03 -27.83
CA ASN C 348 4.97 56.84 -28.90
C ASN C 348 4.24 56.81 -30.24
N PHE C 349 4.89 57.35 -31.27
CA PHE C 349 4.39 57.32 -32.63
C PHE C 349 5.51 56.85 -33.53
N LEU C 350 5.21 55.92 -34.43
CA LEU C 350 6.19 55.45 -35.40
C LEU C 350 5.55 55.46 -36.77
N VAL C 351 6.23 56.08 -37.73
CA VAL C 351 5.72 56.20 -39.09
C VAL C 351 6.36 55.07 -39.91
N THR C 352 5.66 53.97 -40.00
CA THR C 352 6.02 52.87 -40.88
C THR C 352 5.67 53.26 -42.32
N PRO C 353 6.44 52.78 -43.31
CA PRO C 353 6.13 53.10 -44.71
C PRO C 353 4.68 52.91 -45.14
N HIS C 354 3.91 52.09 -44.44
CA HIS C 354 2.54 51.81 -44.82
C HIS C 354 1.50 52.19 -43.78
N LEU C 355 1.90 52.72 -42.62
CA LEU C 355 0.96 53.14 -41.60
C LEU C 355 1.74 53.81 -40.46
N THR C 356 1.00 54.46 -39.58
CA THR C 356 1.56 55.09 -38.39
C THR C 356 0.97 54.39 -37.18
N VAL C 357 1.82 53.84 -36.33
CA VAL C 357 1.40 53.18 -35.11
C VAL C 357 1.55 54.15 -33.97
N GLY C 358 0.57 54.18 -33.07
CA GLY C 358 0.70 54.97 -31.87
C GLY C 358 0.29 54.17 -30.66
N TRP C 359 1.12 54.17 -29.61
CA TRP C 359 0.78 53.42 -28.42
C TRP C 359 1.29 54.17 -27.19
N ASN C 360 0.52 54.11 -26.11
CA ASN C 360 0.93 54.72 -24.86
C ASN C 360 2.14 54.00 -24.29
N TRP C 361 3.16 54.77 -23.93
CA TRP C 361 4.42 54.20 -23.47
C TRP C 361 4.34 53.79 -22.00
N LYS C 362 4.88 52.62 -21.70
CA LYS C 362 4.92 52.05 -20.37
C LYS C 362 6.27 51.36 -20.20
N PRO C 363 6.90 51.50 -19.03
CA PRO C 363 8.24 50.93 -18.86
C PRO C 363 8.23 49.41 -18.86
N LYS C 364 9.36 48.85 -19.28
CA LYS C 364 9.46 47.40 -19.41
C LYS C 364 9.38 46.70 -18.07
N ARG C 365 9.88 47.33 -17.01
CA ARG C 365 10.00 46.68 -15.71
C ARG C 365 8.66 46.41 -15.06
N THR C 366 7.60 47.11 -15.47
CA THR C 366 6.31 46.99 -14.81
C THR C 366 5.27 46.29 -15.66
N GLU C 367 5.61 45.86 -16.88
CA GLU C 367 4.63 45.28 -17.78
C GLU C 367 4.90 43.82 -18.12
N VAL C 368 6.16 43.43 -18.31
CA VAL C 368 6.49 42.06 -18.65
C VAL C 368 7.13 41.37 -17.45
N CYS C 369 6.96 40.06 -17.40
CA CYS C 369 7.38 39.28 -16.24
C CYS C 369 7.57 37.84 -16.68
N SER C 370 8.72 37.25 -16.35
CA SER C 370 9.03 35.90 -16.81
C SER C 370 8.19 34.85 -16.10
N LEU C 371 7.74 35.13 -14.88
CA LEU C 371 7.03 34.16 -14.07
C LEU C 371 5.62 34.66 -13.81
N VAL C 372 4.68 33.73 -13.77
CA VAL C 372 3.29 34.04 -13.48
C VAL C 372 2.83 33.11 -12.37
N LYS C 373 1.96 33.63 -11.51
CA LYS C 373 1.45 32.83 -10.41
C LYS C 373 0.61 31.68 -10.94
N TRP C 374 0.94 30.47 -10.52
CA TRP C 374 0.15 29.31 -10.87
C TRP C 374 -0.90 29.00 -9.81
N ARG C 375 -0.48 28.94 -8.55
CA ARG C 375 -1.37 28.50 -7.48
C ARG C 375 -0.85 29.02 -6.17
N GLU C 376 -1.74 29.60 -5.36
CA GLU C 376 -1.44 29.95 -3.97
C GLU C 376 -1.93 28.82 -3.08
N VAL C 377 -1.08 28.40 -2.14
CA VAL C 377 -1.38 27.27 -1.27
C VAL C 377 -1.35 27.74 0.17
N GLU C 378 -2.46 27.59 0.88
CA GLU C 378 -2.57 28.14 2.22
C GLU C 378 -1.87 27.26 3.26
N ASP C 379 -1.97 25.95 3.13
CA ASP C 379 -1.34 25.02 4.08
C ASP C 379 -0.39 24.08 3.35
N VAL C 380 0.91 24.33 3.50
CA VAL C 380 1.94 23.47 2.97
C VAL C 380 2.76 22.92 4.12
N VAL C 381 3.58 21.93 3.83
CA VAL C 381 4.45 21.30 4.82
C VAL C 381 5.81 21.09 4.16
N ARG C 382 6.84 21.70 4.72
CA ARG C 382 8.19 21.55 4.20
C ARG C 382 8.92 20.50 5.03
N ASP C 383 9.31 19.41 4.38
CA ASP C 383 10.06 18.33 5.00
C ASP C 383 11.53 18.47 4.64
N GLU C 384 12.36 17.69 5.31
CA GLU C 384 13.81 17.81 5.24
C GLU C 384 14.44 16.47 4.93
N TYR C 385 13.98 15.86 3.84
CA TYR C 385 14.55 14.61 3.37
C TYR C 385 16.04 14.76 3.12
N ALA C 386 16.70 13.63 2.92
CA ALA C 386 18.15 13.63 2.72
C ALA C 386 18.52 14.39 1.46
N HIS C 387 19.20 15.52 1.63
CA HIS C 387 19.76 16.37 0.59
C HIS C 387 18.71 17.24 -0.11
N ASN C 388 17.43 17.12 0.24
CA ASN C 388 16.40 17.79 -0.52
C ASN C 388 15.28 18.25 0.41
N PHE C 389 14.66 19.36 0.06
CA PHE C 389 13.40 19.77 0.65
C PHE C 389 12.25 19.09 -0.07
N ARG C 390 11.11 19.01 0.61
CA ARG C 390 9.88 18.49 0.03
C ARG C 390 8.74 19.36 0.51
N PHE C 391 7.89 19.77 -0.41
CA PHE C 391 6.75 20.62 -0.11
C PHE C 391 5.49 19.84 -0.40
N THR C 392 4.83 19.38 0.66
CA THR C 392 3.61 18.60 0.53
C THR C 392 2.42 19.52 0.68
N MET C 393 1.51 19.45 -0.29
CA MET C 393 0.33 20.29 -0.32
C MET C 393 -0.88 19.36 -0.38
N LYS C 394 -1.51 19.14 0.77
CA LYS C 394 -2.54 18.12 0.87
C LYS C 394 -3.85 18.55 0.24
N THR C 395 -4.05 19.86 0.04
CA THR C 395 -5.26 20.32 -0.64
C THR C 395 -5.15 20.14 -2.14
N LEU C 396 -3.94 20.22 -2.69
CA LEU C 396 -3.71 19.99 -4.10
C LEU C 396 -3.37 18.54 -4.41
N SER C 397 -2.97 17.77 -3.40
CA SER C 397 -2.44 16.41 -3.59
C SER C 397 -1.19 16.45 -4.46
N THR C 398 -0.31 17.40 -4.18
CA THR C 398 0.88 17.65 -4.97
C THR C 398 2.08 17.81 -4.05
N THR C 399 3.19 17.18 -4.40
CA THR C 399 4.43 17.27 -3.64
C THR C 399 5.54 17.77 -4.55
N PHE C 400 6.07 18.95 -4.25
CA PHE C 400 7.20 19.52 -4.96
C PHE C 400 8.49 19.22 -4.20
N ILE C 401 9.57 19.04 -4.94
CA ILE C 401 10.86 18.64 -4.37
C ILE C 401 11.90 19.65 -4.82
N SER C 402 12.36 20.47 -3.88
CA SER C 402 13.38 21.47 -4.14
C SER C 402 14.73 20.96 -3.68
N GLU C 403 15.73 21.82 -3.73
CA GLU C 403 17.00 21.59 -3.08
C GLU C 403 17.00 22.29 -1.73
N THR C 404 18.02 22.00 -0.92
CA THR C 404 18.11 22.68 0.37
C THR C 404 18.54 24.13 0.23
N ASN C 405 19.04 24.52 -0.93
CA ASN C 405 19.49 25.89 -1.16
C ASN C 405 18.32 26.78 -1.55
N GLU C 406 18.46 28.06 -1.23
CA GLU C 406 17.52 29.04 -1.74
C GLU C 406 17.80 29.29 -3.22
N PHE C 407 16.80 29.79 -3.91
CA PHE C 407 16.94 30.22 -5.29
C PHE C 407 16.94 31.73 -5.35
N ASN C 408 17.98 32.30 -5.97
CA ASN C 408 18.07 33.74 -6.17
C ASN C 408 17.36 34.09 -7.47
N LEU C 409 16.25 34.80 -7.35
CA LEU C 409 15.47 35.19 -8.53
C LEU C 409 16.14 36.28 -9.34
N ASN C 410 17.36 36.69 -8.99
CA ASN C 410 18.11 37.64 -9.80
C ASN C 410 18.78 36.96 -10.99
N GLN C 411 18.92 35.64 -10.97
CA GLN C 411 19.44 34.91 -12.12
C GLN C 411 18.43 34.80 -13.25
N ILE C 412 17.18 35.23 -13.03
CA ILE C 412 16.11 35.07 -14.00
C ILE C 412 15.74 36.43 -14.55
N HIS C 413 15.51 36.50 -15.86
CA HIS C 413 15.10 37.73 -16.49
C HIS C 413 13.73 38.16 -15.98
N LEU C 414 13.58 39.46 -15.69
CA LEU C 414 12.27 40.07 -15.50
C LEU C 414 11.50 39.42 -14.35
N SER C 415 12.18 39.22 -13.22
CA SER C 415 11.57 38.57 -12.07
C SER C 415 11.20 39.54 -10.95
N GLN C 416 11.01 40.82 -11.27
CA GLN C 416 10.75 41.81 -10.24
C GLN C 416 9.37 41.65 -9.61
N CYS C 417 8.47 40.91 -10.26
CA CYS C 417 7.10 40.81 -9.76
C CYS C 417 7.04 39.92 -8.52
N VAL C 418 7.75 38.80 -8.57
CA VAL C 418 7.46 37.67 -7.70
C VAL C 418 7.55 38.05 -6.24
N LYS C 419 8.60 38.78 -5.87
CA LYS C 419 8.83 39.12 -4.46
C LYS C 419 7.60 39.81 -3.87
N GLU C 420 7.21 40.95 -4.45
CA GLU C 420 6.13 41.72 -3.84
C GLU C 420 4.77 41.07 -4.07
N GLU C 421 4.55 40.45 -5.23
CA GLU C 421 3.27 39.78 -5.43
C GLU C 421 3.06 38.68 -4.40
N ALA C 422 4.08 37.85 -4.19
CA ALA C 422 3.98 36.78 -3.20
C ALA C 422 3.90 37.34 -1.79
N ARG C 423 4.60 38.44 -1.51
CA ARG C 423 4.47 39.06 -0.19
C ARG C 423 3.04 39.48 0.09
N ALA C 424 2.40 40.13 -0.88
CA ALA C 424 1.01 40.54 -0.69
C ALA C 424 0.09 39.35 -0.52
N ILE C 425 0.26 38.32 -1.36
CA ILE C 425 -0.62 37.15 -1.29
C ILE C 425 -0.43 36.42 0.04
N ILE C 426 0.81 36.26 0.47
CA ILE C 426 1.10 35.54 1.71
C ILE C 426 0.62 36.34 2.91
N ASN C 427 0.75 37.67 2.87
CA ASN C 427 0.24 38.48 3.97
C ASN C 427 -1.28 38.38 4.07
N ARG C 428 -1.97 38.41 2.93
CA ARG C 428 -3.43 38.26 2.97
C ARG C 428 -3.82 36.89 3.53
N ILE C 429 -3.14 35.83 3.06
CA ILE C 429 -3.46 34.48 3.53
C ILE C 429 -3.22 34.37 5.03
N TYR C 430 -2.10 34.90 5.50
CA TYR C 430 -1.78 34.84 6.93
C TYR C 430 -2.83 35.59 7.75
N THR C 431 -3.11 36.84 7.36
CA THR C 431 -4.06 37.65 8.12
C THR C 431 -5.47 37.05 8.10
N THR C 432 -5.82 36.31 7.06
CA THR C 432 -7.17 35.75 7.02
C THR C 432 -7.27 34.37 7.66
N ARG C 433 -6.17 33.61 7.77
CA ARG C 433 -6.27 32.25 8.27
C ARG C 433 -5.44 32.00 9.52
N TYR C 434 -4.16 32.38 9.54
CA TYR C 434 -3.27 32.05 10.64
C TYR C 434 -2.98 33.26 11.53
N ASN C 435 -3.92 34.21 11.63
CA ASN C 435 -3.66 35.44 12.36
C ASN C 435 -3.43 35.17 13.84
N SER C 436 -4.17 34.23 14.41
CA SER C 436 -4.11 33.96 15.85
C SER C 436 -3.49 32.61 16.20
N SER C 437 -3.46 31.66 15.26
CA SER C 437 -2.97 30.32 15.58
C SER C 437 -1.46 30.23 15.52
N HIS C 438 -0.84 30.79 14.49
CA HIS C 438 0.60 30.65 14.27
C HIS C 438 1.28 32.01 14.30
N VAL C 439 2.59 31.97 14.08
CA VAL C 439 3.42 33.17 13.97
C VAL C 439 4.47 32.92 12.91
N ARG C 440 4.88 33.99 12.22
CA ARG C 440 5.85 33.86 11.15
C ARG C 440 7.23 33.51 11.72
N THR C 441 8.09 32.98 10.86
CA THR C 441 9.42 32.51 11.25
C THR C 441 10.48 32.99 10.26
N GLY C 442 10.44 34.28 9.95
CA GLY C 442 11.40 34.88 9.04
C GLY C 442 10.74 35.37 7.77
N ASP C 443 11.57 35.95 6.90
CA ASP C 443 11.08 36.46 5.64
C ASP C 443 10.83 35.30 4.66
N ILE C 444 10.10 35.61 3.59
CA ILE C 444 9.76 34.60 2.60
C ILE C 444 11.03 34.02 1.97
N GLN C 445 10.96 32.73 1.64
CA GLN C 445 12.06 32.01 1.03
C GLN C 445 11.64 31.55 -0.36
N THR C 446 12.60 31.54 -1.28
CA THR C 446 12.32 31.20 -2.67
C THR C 446 13.12 29.97 -3.06
N TYR C 447 12.41 28.93 -3.47
CA TYR C 447 13.03 27.68 -3.89
C TYR C 447 12.60 27.34 -5.30
N LEU C 448 13.51 26.74 -6.05
CA LEU C 448 13.22 26.25 -7.40
C LEU C 448 12.85 24.78 -7.28
N ALA C 449 11.57 24.48 -7.41
CA ALA C 449 11.12 23.10 -7.34
C ALA C 449 11.55 22.35 -8.59
N ARG C 450 11.19 21.08 -8.64
CA ARG C 450 11.54 20.21 -9.75
C ARG C 450 10.46 20.29 -10.81
N GLY C 451 10.89 20.29 -12.07
CA GLY C 451 9.98 20.48 -13.17
C GLY C 451 9.75 21.92 -13.58
N GLY C 452 10.45 22.86 -12.98
CA GLY C 452 10.42 24.24 -13.39
C GLY C 452 9.49 25.16 -12.63
N PHE C 453 9.24 24.89 -11.35
CA PHE C 453 8.36 25.72 -10.54
C PHE C 453 9.19 26.52 -9.54
N VAL C 454 8.59 27.61 -9.06
CA VAL C 454 9.21 28.48 -8.08
C VAL C 454 8.25 28.58 -6.90
N VAL C 455 8.70 28.10 -5.74
CA VAL C 455 7.91 28.11 -4.53
C VAL C 455 8.40 29.25 -3.66
N VAL C 456 7.55 30.24 -3.44
CA VAL C 456 7.82 31.29 -2.47
C VAL C 456 7.20 30.85 -1.15
N PHE C 457 8.04 30.44 -0.21
CA PHE C 457 7.61 29.74 0.99
C PHE C 457 7.81 30.64 2.21
N GLN C 458 6.74 30.86 2.97
CA GLN C 458 6.84 31.58 4.23
C GLN C 458 6.72 30.59 5.38
N PRO C 459 7.76 30.40 6.20
CA PRO C 459 7.68 29.44 7.30
C PRO C 459 6.87 29.98 8.47
N LEU C 460 5.92 29.19 8.95
CA LEU C 460 5.12 29.52 10.12
C LEU C 460 5.56 28.69 11.31
N LEU C 461 5.02 29.05 12.47
CA LEU C 461 5.29 28.33 13.71
C LEU C 461 4.10 28.56 14.64
N SER C 462 3.58 27.48 15.20
CA SER C 462 2.39 27.62 16.03
C SER C 462 2.73 28.34 17.33
N ASN C 463 1.69 28.82 18.01
CA ASN C 463 1.89 29.56 19.24
C ASN C 463 2.56 28.71 20.32
N SER C 464 2.51 27.39 20.20
CA SER C 464 3.21 26.50 21.11
C SER C 464 4.72 26.68 21.02
N ASN C 503 22.39 35.55 -17.01
CA ASN C 503 20.96 35.46 -16.73
C ASN C 503 20.33 34.38 -17.61
N ARG C 504 19.27 33.76 -17.10
CA ARG C 504 18.62 32.65 -17.79
C ARG C 504 17.11 32.77 -17.60
N THR C 505 16.41 31.76 -18.08
CA THR C 505 14.96 31.67 -17.94
C THR C 505 14.61 30.28 -17.42
N ILE C 506 13.49 30.19 -16.72
CA ILE C 506 13.00 28.94 -16.16
C ILE C 506 12.00 28.32 -17.13
N THR C 507 12.17 27.04 -17.40
CA THR C 507 11.27 26.32 -18.31
C THR C 507 10.43 25.35 -17.50
N THR C 508 9.12 25.49 -17.58
CA THR C 508 8.18 24.69 -16.80
C THR C 508 7.56 23.61 -17.69
N THR C 509 7.50 22.40 -17.17
CA THR C 509 6.85 21.30 -17.88
C THR C 509 5.36 21.56 -17.98
N SER C 510 4.69 20.78 -18.84
CA SER C 510 3.26 20.93 -19.03
C SER C 510 2.44 19.87 -18.31
N SER C 511 2.97 19.36 -17.20
CA SER C 511 2.28 18.33 -16.43
C SER C 511 2.76 18.40 -15.00
N VAL C 512 1.83 18.31 -14.06
CA VAL C 512 2.14 18.19 -12.64
C VAL C 512 1.62 16.85 -12.19
N GLU C 513 1.60 15.89 -13.12
CA GLU C 513 1.16 14.51 -12.83
C GLU C 513 2.26 13.83 -12.01
N PHE C 514 3.52 14.15 -12.32
CA PHE C 514 4.64 13.58 -11.57
C PHE C 514 4.60 14.01 -10.10
N ALA C 515 4.13 15.22 -9.83
CA ALA C 515 4.05 15.70 -8.46
C ALA C 515 2.86 15.10 -7.71
N MET C 516 1.76 14.83 -8.40
CA MET C 516 0.68 14.09 -7.79
C MET C 516 1.07 12.64 -7.54
N LEU C 517 1.80 12.04 -8.46
CA LEU C 517 2.38 10.72 -8.22
C LEU C 517 3.28 10.73 -6.99
N GLN C 518 4.10 11.77 -6.84
CA GLN C 518 4.99 11.85 -5.70
C GLN C 518 4.20 11.95 -4.41
N PHE C 519 3.16 12.80 -4.39
CA PHE C 519 2.33 12.90 -3.21
C PHE C 519 1.69 11.56 -2.85
N THR C 520 1.12 10.88 -3.85
CA THR C 520 0.43 9.62 -3.59
C THR C 520 1.40 8.56 -3.08
N TYR C 521 2.56 8.44 -3.70
CA TYR C 521 3.54 7.46 -3.22
C TYR C 521 4.01 7.80 -1.82
N ASP C 522 4.27 9.09 -1.54
CA ASP C 522 4.69 9.47 -0.20
C ASP C 522 3.64 9.11 0.83
N HIS C 523 2.36 9.35 0.51
CA HIS C 523 1.29 9.06 1.44
C HIS C 523 1.19 7.57 1.72
N ILE C 524 1.06 6.77 0.66
CA ILE C 524 0.94 5.32 0.83
C ILE C 524 2.16 4.77 1.54
N GLN C 525 3.35 5.23 1.16
CA GLN C 525 4.59 4.72 1.74
C GLN C 525 4.68 5.05 3.23
N GLU C 526 4.37 6.28 3.61
CA GLU C 526 4.42 6.65 5.02
C GLU C 526 3.41 5.86 5.84
N HIS C 527 2.18 5.74 5.34
CA HIS C 527 1.16 5.03 6.11
C HIS C 527 1.49 3.55 6.26
N VAL C 528 1.88 2.90 5.16
CA VAL C 528 2.21 1.49 5.22
C VAL C 528 3.43 1.26 6.08
N ASN C 529 4.38 2.18 6.08
CA ASN C 529 5.57 2.01 6.92
C ASN C 529 5.22 2.13 8.39
N GLU C 530 4.35 3.08 8.74
CA GLU C 530 3.91 3.18 10.13
C GLU C 530 3.19 1.91 10.56
N MET C 531 2.33 1.36 9.71
CA MET C 531 1.60 0.15 10.09
C MET C 531 2.52 -1.05 10.20
N LEU C 532 3.51 -1.17 9.31
CA LEU C 532 4.47 -2.26 9.40
C LEU C 532 5.29 -2.15 10.68
N ALA C 533 5.71 -0.94 11.03
CA ALA C 533 6.45 -0.74 12.27
C ALA C 533 5.61 -1.17 13.47
N ARG C 534 4.33 -0.85 13.46
CA ARG C 534 3.46 -1.22 14.57
C ARG C 534 3.28 -2.74 14.64
N ILE C 535 3.05 -3.39 13.50
CA ILE C 535 2.96 -4.85 13.48
C ILE C 535 4.22 -5.47 14.06
N SER C 536 5.38 -4.92 13.71
CA SER C 536 6.64 -5.49 14.19
C SER C 536 6.80 -5.32 15.69
N SER C 537 6.52 -4.13 16.21
CA SER C 537 6.64 -3.91 17.65
C SER C 537 5.69 -4.81 18.43
N SER C 538 4.45 -4.94 17.98
CA SER C 538 3.50 -5.81 18.67
C SER C 538 3.95 -7.26 18.59
N TRP C 539 4.47 -7.70 17.45
CA TRP C 539 4.91 -9.07 17.33
C TRP C 539 6.06 -9.35 18.29
N CYS C 540 6.98 -8.41 18.43
CA CYS C 540 8.10 -8.64 19.35
C CYS C 540 7.61 -8.70 20.79
N GLN C 541 6.72 -7.79 21.18
CA GLN C 541 6.17 -7.83 22.55
C GLN C 541 5.43 -9.13 22.81
N LEU C 542 4.64 -9.59 21.83
CA LEU C 542 3.89 -10.82 22.03
C LEU C 542 4.81 -12.03 22.16
N GLN C 543 5.87 -12.10 21.36
CA GLN C 543 6.81 -13.20 21.50
C GLN C 543 7.49 -13.17 22.86
N ASN C 544 7.91 -11.98 23.29
CA ASN C 544 8.57 -11.87 24.58
C ASN C 544 7.65 -12.25 25.72
N ARG C 545 6.34 -12.10 25.53
CA ARG C 545 5.42 -12.51 26.57
C ARG C 545 5.12 -14.01 26.53
N GLU C 546 4.93 -14.57 25.34
CA GLU C 546 4.72 -16.01 25.25
C GLU C 546 5.94 -16.80 25.70
N ARG C 547 7.11 -16.19 25.73
CA ARG C 547 8.25 -16.86 26.33
C ARG C 547 8.00 -17.22 27.78
N ALA C 548 7.20 -16.43 28.49
CA ALA C 548 6.91 -16.74 29.89
C ALA C 548 6.04 -17.98 30.01
N LEU C 549 5.05 -18.13 29.13
CA LEU C 549 4.23 -19.33 29.11
C LEU C 549 5.07 -20.55 28.76
N TRP C 550 5.95 -20.42 27.77
CA TRP C 550 6.81 -21.53 27.41
C TRP C 550 7.71 -21.94 28.57
N SER C 551 8.29 -20.96 29.26
CA SER C 551 9.19 -21.26 30.38
C SER C 551 8.43 -21.84 31.56
N GLY C 552 7.20 -21.41 31.79
CA GLY C 552 6.41 -21.93 32.90
C GLY C 552 5.76 -23.26 32.64
N LEU C 553 5.67 -23.68 31.38
CA LEU C 553 5.02 -24.95 31.08
C LEU C 553 5.98 -26.09 30.81
N PHE C 554 7.27 -25.81 30.68
CA PHE C 554 8.24 -26.89 30.46
C PHE C 554 8.26 -27.92 31.58
N PRO C 555 8.27 -27.55 32.88
CA PRO C 555 8.21 -28.58 33.92
C PRO C 555 7.05 -29.55 33.78
N ILE C 556 5.90 -29.10 33.28
CA ILE C 556 4.72 -29.94 33.22
C ILE C 556 4.86 -30.99 32.13
N ASN C 557 5.34 -30.60 30.95
CA ASN C 557 5.48 -31.52 29.82
C ASN C 557 6.69 -31.10 29.00
N PRO C 558 7.88 -31.60 29.34
CA PRO C 558 9.08 -31.16 28.63
C PRO C 558 9.22 -31.76 27.23
N SER C 559 8.78 -33.00 27.05
CA SER C 559 8.98 -33.67 25.77
C SER C 559 8.12 -33.08 24.68
N ALA C 560 6.86 -32.76 24.99
CA ALA C 560 5.96 -32.19 23.98
C ALA C 560 6.43 -30.79 23.56
N LEU C 561 6.77 -29.95 24.53
CA LEU C 561 7.23 -28.61 24.19
C LEU C 561 8.56 -28.64 23.47
N ALA C 562 9.46 -29.54 23.86
CA ALA C 562 10.75 -29.62 23.18
C ALA C 562 10.60 -30.20 21.78
N SER C 563 9.62 -31.07 21.57
CA SER C 563 9.36 -31.59 20.23
C SER C 563 8.75 -30.53 19.33
N THR C 564 7.90 -29.67 19.90
CA THR C 564 7.34 -28.58 19.11
C THR C 564 8.40 -27.54 18.76
N ILE C 565 9.20 -27.14 19.75
CA ILE C 565 10.20 -26.11 19.53
C ILE C 565 11.26 -26.58 18.55
N LEU C 566 11.75 -27.81 18.73
CA LEU C 566 12.80 -28.36 17.88
C LEU C 566 12.27 -28.91 16.57
N ASP C 567 10.96 -28.88 16.34
CA ASP C 567 10.36 -29.39 15.10
C ASP C 567 10.74 -30.84 14.84
N GLN C 568 10.98 -31.60 15.91
CA GLN C 568 11.51 -32.95 15.81
C GLN C 568 11.24 -33.69 17.10
N ARG C 569 10.82 -34.94 17.00
CA ARG C 569 10.46 -35.73 18.16
C ARG C 569 11.68 -35.98 19.03
N VAL C 570 11.64 -35.53 20.28
CA VAL C 570 12.71 -35.71 21.24
C VAL C 570 12.10 -36.09 22.59
N LYS C 571 12.98 -36.49 23.51
CA LYS C 571 12.61 -36.77 24.90
C LYS C 571 13.46 -35.87 25.79
N ALA C 572 12.81 -35.04 26.60
CA ALA C 572 13.50 -34.03 27.37
C ALA C 572 13.26 -34.20 28.86
N ARG C 573 14.28 -33.88 29.66
CA ARG C 573 14.19 -33.84 31.11
C ARG C 573 14.61 -32.46 31.59
N ILE C 574 14.08 -32.06 32.74
CA ILE C 574 14.47 -30.81 33.39
C ILE C 574 15.54 -31.14 34.43
N LEU C 575 16.79 -30.81 34.12
CA LEU C 575 17.91 -31.08 35.02
C LEU C 575 18.21 -29.85 35.86
N GLY C 576 17.21 -29.40 36.60
CA GLY C 576 17.36 -28.18 37.38
C GLY C 576 16.91 -26.96 36.61
N ASP C 577 17.86 -26.19 36.09
CA ASP C 577 17.56 -24.99 35.32
C ASP C 577 17.83 -25.16 33.83
N VAL C 578 18.15 -26.37 33.38
CA VAL C 578 18.42 -26.64 31.97
C VAL C 578 17.53 -27.78 31.52
N ILE C 579 17.60 -28.07 30.23
CA ILE C 579 16.77 -29.07 29.59
C ILE C 579 17.69 -29.99 28.81
N SER C 580 17.62 -31.29 29.08
CA SER C 580 18.46 -32.27 28.41
C SER C 580 17.60 -33.07 27.44
N VAL C 581 17.83 -32.88 26.14
CA VAL C 581 17.01 -33.50 25.12
C VAL C 581 17.70 -34.75 24.61
N SER C 582 16.93 -35.60 23.92
CA SER C 582 17.44 -36.81 23.32
C SER C 582 16.49 -37.23 22.21
N ASN C 583 17.05 -37.62 21.07
CA ASN C 583 16.26 -37.94 19.90
C ASN C 583 15.56 -39.28 20.04
N CYS C 584 14.35 -39.35 19.50
CA CYS C 584 13.50 -40.55 19.54
C CYS C 584 13.45 -41.17 18.16
N PRO C 585 14.21 -42.22 17.91
CA PRO C 585 14.17 -42.88 16.60
C PRO C 585 12.87 -43.66 16.38
N GLU C 586 12.35 -43.55 15.18
CA GLU C 586 11.08 -44.16 14.85
C GLU C 586 11.20 -45.68 14.77
N LEU C 587 10.16 -46.37 15.21
CA LEU C 587 10.17 -47.82 15.25
C LEU C 587 10.13 -48.36 13.82
N GLY C 588 11.16 -49.10 13.43
CA GLY C 588 11.24 -49.57 12.06
C GLY C 588 10.30 -50.73 11.78
N SER C 589 10.52 -51.34 10.62
CA SER C 589 9.71 -52.46 10.16
C SER C 589 10.19 -53.73 10.86
N ASP C 590 9.74 -54.89 10.35
CA ASP C 590 9.92 -56.20 11.00
C ASP C 590 9.59 -56.16 12.49
N THR C 591 8.57 -55.37 12.84
CA THR C 591 8.21 -55.15 14.23
C THR C 591 6.69 -55.16 14.34
N ARG C 592 6.17 -56.08 15.13
CA ARG C 592 4.73 -56.23 15.35
C ARG C 592 4.40 -55.77 16.75
N ILE C 593 3.60 -54.71 16.85
CA ILE C 593 3.18 -54.16 18.14
C ILE C 593 1.80 -54.71 18.45
N ILE C 594 1.71 -55.53 19.49
CA ILE C 594 0.48 -56.17 19.90
C ILE C 594 -0.10 -55.42 21.09
N LEU C 595 -1.41 -55.26 21.11
CA LEU C 595 -2.10 -54.53 22.15
C LEU C 595 -2.77 -55.50 23.12
N GLN C 596 -2.48 -55.38 24.41
CA GLN C 596 -2.99 -56.30 25.40
C GLN C 596 -4.40 -55.93 25.84
N ASN C 597 -5.13 -56.93 26.34
CA ASN C 597 -6.56 -56.78 26.55
C ASN C 597 -6.88 -56.12 27.89
N SER C 598 -6.09 -56.39 28.93
CA SER C 598 -6.39 -55.91 30.26
C SER C 598 -5.29 -54.99 30.76
N MET C 599 -5.67 -53.96 31.49
CA MET C 599 -4.75 -53.02 32.10
C MET C 599 -4.51 -53.30 33.58
N ARG C 600 -4.93 -54.47 34.07
CA ARG C 600 -4.84 -54.80 35.47
C ARG C 600 -3.51 -55.51 35.78
N VAL C 601 -2.95 -55.19 36.94
CA VAL C 601 -1.75 -55.88 37.40
C VAL C 601 -2.10 -57.31 37.79
N SER C 602 -1.20 -58.23 37.49
CA SER C 602 -1.46 -59.65 37.74
C SER C 602 -1.63 -59.90 39.25
N GLY C 603 -2.75 -60.50 39.61
CA GLY C 603 -3.03 -60.80 41.01
C GLY C 603 -3.50 -59.63 41.85
N SER C 604 -2.80 -58.51 41.78
CA SER C 604 -3.15 -57.34 42.58
C SER C 604 -4.48 -56.76 42.10
N THR C 605 -5.26 -56.25 43.06
CA THR C 605 -6.55 -55.65 42.77
C THR C 605 -6.63 -54.18 43.16
N THR C 606 -5.80 -53.72 44.08
CA THR C 606 -5.74 -52.32 44.46
C THR C 606 -4.83 -51.50 43.55
N ARG C 607 -4.15 -52.14 42.61
CA ARG C 607 -3.21 -51.47 41.73
C ARG C 607 -3.48 -51.86 40.28
N CYS C 608 -3.45 -50.88 39.38
CA CYS C 608 -3.72 -51.10 37.98
C CYS C 608 -2.84 -50.15 37.17
N TYR C 609 -2.65 -50.49 35.89
CA TYR C 609 -1.84 -49.68 34.99
C TYR C 609 -2.62 -48.48 34.49
N SER C 610 -1.89 -47.44 34.07
CA SER C 610 -2.51 -46.22 33.60
C SER C 610 -2.73 -46.20 32.09
N ARG C 611 -1.78 -46.71 31.32
CA ARG C 611 -1.84 -46.77 29.88
C ARG C 611 -1.79 -48.21 29.40
N PRO C 612 -2.39 -48.51 28.25
CA PRO C 612 -2.44 -49.91 27.79
C PRO C 612 -1.07 -50.52 27.65
N LEU C 613 -1.01 -51.82 27.85
CA LEU C 613 0.23 -52.56 27.73
C LEU C 613 0.36 -53.13 26.32
N ILE C 614 1.58 -53.18 25.82
CA ILE C 614 1.84 -53.69 24.49
C ILE C 614 2.94 -54.73 24.54
N SER C 615 2.97 -55.59 23.53
CA SER C 615 3.98 -56.63 23.38
C SER C 615 4.62 -56.44 22.02
N ILE C 616 5.87 -55.99 21.99
CA ILE C 616 6.54 -55.73 20.72
C ILE C 616 7.15 -57.03 20.22
N VAL C 617 6.37 -57.79 19.47
CA VAL C 617 6.83 -59.08 18.95
C VAL C 617 7.83 -58.85 17.82
N SER C 618 8.87 -59.66 17.81
CA SER C 618 9.95 -59.52 16.83
C SER C 618 9.78 -60.55 15.72
N LEU C 619 10.37 -60.25 14.57
CA LEU C 619 10.32 -61.14 13.42
C LEU C 619 11.67 -61.77 13.09
N ASN C 620 12.77 -61.12 13.44
CA ASN C 620 14.10 -61.68 13.27
C ASN C 620 14.44 -62.69 14.35
N GLY C 621 13.49 -63.03 15.22
CA GLY C 621 13.77 -63.96 16.29
C GLY C 621 14.45 -63.36 17.48
N SER C 622 14.44 -62.04 17.62
CA SER C 622 15.09 -61.37 18.74
C SER C 622 14.25 -61.37 20.02
N GLY C 623 13.21 -62.21 20.09
CA GLY C 623 12.43 -62.31 21.31
C GLY C 623 11.16 -61.49 21.32
N THR C 624 10.82 -60.93 22.48
CA THR C 624 9.60 -60.16 22.64
C THR C 624 9.84 -59.11 23.72
N VAL C 625 9.78 -57.85 23.35
CA VAL C 625 9.85 -56.74 24.29
C VAL C 625 8.45 -56.49 24.81
N GLU C 626 8.34 -56.14 26.09
CA GLU C 626 7.06 -55.84 26.71
C GLU C 626 7.12 -54.49 27.40
N GLY C 627 6.45 -53.50 26.82
CA GLY C 627 6.33 -52.18 27.41
C GLY C 627 4.87 -51.78 27.51
N GLN C 628 4.62 -50.48 27.33
CA GLN C 628 3.26 -49.99 27.31
C GLN C 628 3.16 -48.80 26.35
N LEU C 629 1.93 -48.39 26.10
CA LEU C 629 1.61 -47.38 25.11
C LEU C 629 1.72 -46.00 25.74
N GLY C 630 2.70 -45.22 25.30
CA GLY C 630 2.87 -43.86 25.77
C GLY C 630 1.93 -42.91 25.10
N THR C 631 2.36 -41.66 24.97
CA THR C 631 1.54 -40.60 24.39
C THR C 631 2.11 -40.21 23.04
N ASP C 632 1.21 -39.89 22.10
CA ASP C 632 1.60 -39.50 20.74
C ASP C 632 2.30 -40.64 20.02
N ASN C 633 1.82 -41.86 20.24
CA ASN C 633 2.38 -43.06 19.62
C ASN C 633 3.82 -43.29 20.04
N GLU C 634 4.12 -43.02 21.31
CA GLU C 634 5.41 -43.35 21.88
C GLU C 634 5.29 -44.70 22.58
N LEU C 635 6.21 -45.60 22.28
CA LEU C 635 6.16 -46.96 22.81
C LEU C 635 7.26 -47.12 23.86
N ILE C 636 6.85 -47.02 25.13
CA ILE C 636 7.79 -47.22 26.23
C ILE C 636 8.20 -48.68 26.29
N MET C 637 9.45 -48.93 26.69
CA MET C 637 9.98 -50.27 26.80
C MET C 637 9.91 -50.81 28.23
N SER C 638 8.95 -50.35 29.01
CA SER C 638 8.76 -50.81 30.38
C SER C 638 7.33 -50.53 30.78
N ARG C 639 6.94 -51.05 31.94
CA ARG C 639 5.57 -50.92 32.41
C ARG C 639 5.52 -50.20 33.75
N ASP C 640 6.25 -49.09 33.85
CA ASP C 640 6.43 -48.38 35.11
C ASP C 640 5.43 -47.24 35.32
N LEU C 641 4.30 -47.25 34.63
CA LEU C 641 3.25 -46.24 34.82
C LEU C 641 2.06 -46.92 35.47
N LEU C 642 2.04 -46.98 36.79
CA LEU C 642 0.97 -47.61 37.53
C LEU C 642 0.12 -46.54 38.21
N GLU C 643 -1.05 -46.96 38.68
CA GLU C 643 -1.98 -46.03 39.32
C GLU C 643 -2.85 -46.79 40.29
N PRO C 644 -3.35 -46.11 41.34
CA PRO C 644 -4.39 -46.73 42.18
C PRO C 644 -5.63 -47.01 41.35
N CYS C 645 -6.10 -48.25 41.41
CA CYS C 645 -7.12 -48.75 40.48
C CYS C 645 -8.44 -48.05 40.77
N VAL C 646 -8.78 -47.07 39.94
CA VAL C 646 -9.98 -46.26 40.13
C VAL C 646 -11.23 -47.07 39.75
N ALA C 647 -12.37 -46.63 40.25
CA ALA C 647 -13.66 -47.23 39.94
C ALA C 647 -14.38 -46.42 38.86
N ASN C 648 -15.17 -47.11 38.04
CA ASN C 648 -15.83 -46.54 36.86
C ASN C 648 -14.79 -45.89 35.94
N HIS C 649 -13.92 -46.74 35.42
CA HIS C 649 -12.80 -46.34 34.58
C HIS C 649 -13.23 -46.29 33.13
N LYS C 650 -12.96 -45.16 32.47
CA LYS C 650 -13.24 -44.98 31.04
C LYS C 650 -12.14 -44.11 30.45
N ARG C 651 -11.40 -44.64 29.48
CA ARG C 651 -10.32 -43.89 28.87
C ARG C 651 -10.21 -44.24 27.38
N TYR C 652 -9.77 -43.26 26.60
CA TYR C 652 -9.46 -43.42 25.19
C TYR C 652 -7.96 -43.21 24.99
N PHE C 653 -7.32 -44.14 24.28
CA PHE C 653 -5.89 -44.08 24.05
C PHE C 653 -5.60 -44.10 22.55
N LEU C 654 -4.56 -43.38 22.15
CA LEU C 654 -4.18 -43.25 20.75
C LEU C 654 -3.25 -44.40 20.39
N PHE C 655 -3.72 -45.28 19.51
CA PHE C 655 -2.92 -46.38 18.97
C PHE C 655 -2.81 -46.18 17.46
N GLY C 656 -1.84 -45.40 17.04
CA GLY C 656 -1.66 -45.14 15.63
C GLY C 656 -2.69 -44.19 15.06
N HIS C 657 -3.58 -44.71 14.23
CA HIS C 657 -4.65 -43.93 13.64
C HIS C 657 -6.00 -44.17 14.30
N HIS C 658 -6.01 -44.81 15.47
CA HIS C 658 -7.25 -45.16 16.14
C HIS C 658 -7.20 -44.73 17.60
N TYR C 659 -8.37 -44.57 18.17
CA TYR C 659 -8.53 -44.31 19.61
C TYR C 659 -9.11 -45.57 20.22
N VAL C 660 -8.24 -46.41 20.77
CA VAL C 660 -8.69 -47.64 21.41
C VAL C 660 -9.27 -47.31 22.77
N TYR C 661 -10.42 -47.90 23.07
CA TYR C 661 -11.22 -47.56 24.24
C TYR C 661 -11.13 -48.65 25.29
N TYR C 662 -10.83 -48.25 26.52
CA TYR C 662 -10.69 -49.17 27.64
C TYR C 662 -11.65 -48.76 28.74
N GLU C 663 -12.58 -49.65 29.09
CA GLU C 663 -13.58 -49.41 30.12
C GLU C 663 -13.41 -50.44 31.22
N ASP C 664 -13.16 -49.97 32.45
CA ASP C 664 -12.81 -50.82 33.59
C ASP C 664 -11.61 -51.70 33.27
N TYR C 665 -10.57 -51.07 32.72
CA TYR C 665 -9.27 -51.68 32.55
C TYR C 665 -9.30 -52.87 31.61
N ARG C 666 -10.22 -52.84 30.64
CA ARG C 666 -10.32 -53.89 29.64
C ARG C 666 -10.65 -53.27 28.29
N TYR C 667 -10.11 -53.88 27.24
CA TYR C 667 -10.42 -53.44 25.88
C TYR C 667 -11.92 -53.54 25.64
N VAL C 668 -12.48 -52.55 24.95
CA VAL C 668 -13.91 -52.51 24.65
C VAL C 668 -14.15 -52.38 23.15
N ARG C 669 -13.63 -51.31 22.55
CA ARG C 669 -13.88 -51.02 21.15
C ARG C 669 -12.77 -50.10 20.66
N GLU C 670 -12.91 -49.64 19.42
CA GLU C 670 -11.95 -48.72 18.83
C GLU C 670 -12.67 -47.86 17.81
N ILE C 671 -12.13 -46.66 17.58
CA ILE C 671 -12.71 -45.70 16.66
C ILE C 671 -11.57 -44.97 15.97
N ALA C 672 -11.71 -44.75 14.66
CA ALA C 672 -10.67 -44.08 13.91
C ALA C 672 -10.52 -42.64 14.36
N VAL C 673 -9.31 -42.10 14.20
CA VAL C 673 -9.04 -40.74 14.63
C VAL C 673 -9.88 -39.74 13.83
N HIS C 674 -10.09 -40.01 12.54
CA HIS C 674 -10.84 -39.09 11.70
C HIS C 674 -12.32 -39.04 12.05
N ASP C 675 -12.79 -39.92 12.95
CA ASP C 675 -14.19 -39.93 13.35
C ASP C 675 -14.46 -39.13 14.61
N VAL C 676 -13.45 -38.90 15.45
CA VAL C 676 -13.63 -38.11 16.66
C VAL C 676 -13.76 -36.64 16.29
N GLY C 677 -14.68 -35.95 16.94
CA GLY C 677 -14.88 -34.54 16.67
C GLY C 677 -13.69 -33.71 17.10
N MET C 678 -13.47 -32.60 16.40
CA MET C 678 -12.31 -31.76 16.62
C MET C 678 -12.71 -30.40 17.19
N ILE C 679 -11.83 -29.84 18.00
CA ILE C 679 -11.85 -28.43 18.36
C ILE C 679 -10.51 -27.84 17.96
N SER C 680 -10.53 -26.60 17.49
CA SER C 680 -9.35 -25.99 16.91
C SER C 680 -8.90 -24.81 17.75
N THR C 681 -7.61 -24.80 18.10
CA THR C 681 -6.98 -23.68 18.78
C THR C 681 -6.41 -22.66 17.80
N TYR C 682 -6.70 -22.82 16.52
CA TYR C 682 -6.12 -22.02 15.46
C TYR C 682 -7.00 -20.81 15.17
N VAL C 683 -6.39 -19.63 15.14
CA VAL C 683 -7.07 -18.39 14.78
C VAL C 683 -6.75 -18.10 13.31
N ASP C 684 -7.75 -17.67 12.55
CA ASP C 684 -7.59 -17.51 11.12
C ASP C 684 -7.08 -16.12 10.75
N LEU C 685 -6.29 -16.09 9.67
CA LEU C 685 -5.81 -14.85 9.06
C LEU C 685 -5.80 -15.05 7.55
N ASN C 686 -6.88 -14.64 6.89
CA ASN C 686 -7.03 -14.78 5.45
C ASN C 686 -6.59 -13.47 4.80
N LEU C 687 -5.30 -13.36 4.50
CA LEU C 687 -4.75 -12.18 3.85
C LEU C 687 -4.64 -12.44 2.35
N THR C 688 -5.33 -11.63 1.57
CA THR C 688 -5.34 -11.74 0.12
C THR C 688 -4.32 -10.78 -0.49
N LEU C 689 -3.75 -11.16 -1.62
CA LEU C 689 -2.74 -10.37 -2.29
C LEU C 689 -3.36 -9.46 -3.34
N LEU C 690 -2.69 -8.33 -3.59
CA LEU C 690 -3.07 -7.44 -4.68
C LEU C 690 -2.79 -8.11 -6.02
N LYS C 691 -3.73 -7.98 -6.94
CA LYS C 691 -3.61 -8.58 -8.26
C LYS C 691 -2.96 -7.61 -9.24
N ASP C 692 -2.48 -8.17 -10.35
CA ASP C 692 -1.80 -7.37 -11.36
C ASP C 692 -2.81 -6.52 -12.13
N ARG C 693 -2.43 -5.28 -12.40
CA ARG C 693 -3.20 -4.38 -13.23
C ARG C 693 -2.31 -3.89 -14.38
N GLU C 694 -2.95 -3.52 -15.48
CA GLU C 694 -2.26 -2.93 -16.62
C GLU C 694 -2.95 -1.64 -16.99
N PHE C 695 -2.18 -0.55 -17.02
CA PHE C 695 -2.72 0.78 -17.29
C PHE C 695 -2.57 1.09 -18.77
N MET C 696 -3.64 1.61 -19.37
CA MET C 696 -3.74 1.92 -20.78
C MET C 696 -3.46 3.39 -21.03
N PRO C 697 -2.78 3.70 -22.14
CA PRO C 697 -2.47 5.11 -22.42
C PRO C 697 -3.68 5.89 -22.90
N LEU C 698 -4.46 6.39 -21.95
CA LEU C 698 -5.69 7.10 -22.25
C LEU C 698 -5.39 8.57 -22.55
N ARG C 699 -5.78 9.03 -23.73
CA ARG C 699 -5.73 10.44 -24.10
C ARG C 699 -7.15 10.92 -24.33
N VAL C 700 -7.48 12.09 -23.77
CA VAL C 700 -8.79 12.67 -24.05
C VAL C 700 -8.84 13.28 -25.44
N TYR C 701 -7.79 13.99 -25.84
CA TYR C 701 -7.64 14.53 -27.18
C TYR C 701 -6.28 14.14 -27.74
N THR C 702 -6.24 13.79 -29.01
CA THR C 702 -4.99 13.47 -29.68
C THR C 702 -4.32 14.74 -30.19
N ARG C 703 -3.13 14.58 -30.78
CA ARG C 703 -2.44 15.74 -31.35
C ARG C 703 -3.20 16.29 -32.54
N ASP C 704 -3.82 15.43 -33.35
CA ASP C 704 -4.63 15.88 -34.46
C ASP C 704 -5.83 16.67 -33.97
N GLU C 705 -6.56 16.14 -32.98
CA GLU C 705 -7.71 16.86 -32.44
C GLU C 705 -7.31 18.21 -31.89
N LEU C 706 -6.14 18.29 -31.25
CA LEU C 706 -5.69 19.56 -30.71
C LEU C 706 -5.21 20.52 -31.81
N ARG C 707 -4.85 20.01 -32.98
CA ARG C 707 -4.52 20.85 -34.13
C ARG C 707 -5.67 20.95 -35.11
N ASP C 708 -6.91 20.87 -34.62
CA ASP C 708 -8.10 20.93 -35.47
C ASP C 708 -9.13 21.92 -34.93
N THR C 709 -8.71 22.81 -34.02
CA THR C 709 -9.64 23.69 -33.34
C THR C 709 -9.72 25.08 -33.96
N GLY C 710 -8.87 25.39 -34.92
CA GLY C 710 -8.85 26.69 -35.55
C GLY C 710 -9.62 26.71 -36.85
N LEU C 711 -9.92 27.93 -37.31
CA LEU C 711 -10.75 28.09 -38.50
C LEU C 711 -9.96 27.81 -39.76
N LEU C 712 -8.71 28.27 -39.84
CA LEU C 712 -7.86 28.08 -41.00
C LEU C 712 -6.48 27.62 -40.55
N ASP C 713 -5.86 26.79 -41.39
CA ASP C 713 -4.48 26.36 -41.21
C ASP C 713 -3.64 27.03 -42.27
N TYR C 714 -2.62 27.78 -41.84
CA TYR C 714 -1.81 28.53 -42.79
C TYR C 714 -1.15 27.61 -43.80
N SER C 715 -0.55 26.51 -43.33
CA SER C 715 0.15 25.60 -44.22
C SER C 715 -0.80 24.92 -45.19
N GLU C 716 -2.01 24.61 -44.75
CA GLU C 716 -2.99 24.00 -45.65
C GLU C 716 -3.40 24.95 -46.76
N ILE C 717 -3.77 26.19 -46.38
CA ILE C 717 -4.12 27.21 -47.37
C ILE C 717 -2.98 27.43 -48.34
N GLN C 718 -1.75 27.47 -47.83
CA GLN C 718 -0.61 27.77 -48.70
C GLN C 718 -0.30 26.60 -49.62
N ARG C 719 -0.43 25.36 -49.13
CA ARG C 719 -0.20 24.22 -49.99
C ARG C 719 -1.25 24.12 -51.09
N ARG C 720 -2.50 24.48 -50.78
CA ARG C 720 -3.55 24.37 -51.77
C ARG C 720 -3.53 25.52 -52.77
N ASN C 721 -3.17 26.72 -52.32
CA ASN C 721 -3.32 27.91 -53.13
C ASN C 721 -2.07 28.31 -53.90
N GLN C 722 -0.91 27.81 -53.51
CA GLN C 722 0.31 28.20 -54.21
C GLN C 722 0.55 27.39 -55.47
N MET C 723 -0.32 26.44 -55.79
CA MET C 723 -0.28 25.75 -57.07
C MET C 723 -1.50 26.08 -57.92
N HIS C 724 -2.06 27.27 -57.73
CA HIS C 724 -3.15 27.73 -58.59
C HIS C 724 -2.68 27.86 -60.03
N SER C 725 -1.49 28.41 -60.24
CA SER C 725 -0.96 28.57 -61.59
C SER C 725 -0.57 27.23 -62.21
N LEU C 726 -0.19 26.26 -61.39
CA LEU C 726 0.06 24.92 -61.91
C LEU C 726 -1.23 24.22 -62.26
N ARG C 727 -2.26 24.39 -61.44
CA ARG C 727 -3.54 23.72 -61.66
C ARG C 727 -4.24 24.25 -62.90
N PHE C 728 -4.39 25.57 -63.00
CA PHE C 728 -5.30 26.17 -63.96
C PHE C 728 -4.61 26.85 -65.13
N TYR C 729 -3.30 26.66 -65.30
CA TYR C 729 -2.59 27.26 -66.42
C TYR C 729 -1.51 26.31 -66.89
N ASP C 730 -1.01 26.57 -68.09
CA ASP C 730 0.03 25.74 -68.70
C ASP C 730 1.31 26.56 -68.73
N ILE C 731 2.09 26.46 -67.65
CA ILE C 731 3.24 27.33 -67.46
C ILE C 731 4.48 26.85 -68.20
N ASP C 732 4.37 25.79 -68.99
CA ASP C 732 5.52 25.26 -69.71
C ASP C 732 5.50 25.50 -71.21
N LYS C 733 4.39 25.93 -71.78
CA LYS C 733 4.33 26.25 -73.20
C LYS C 733 4.72 27.70 -73.43
N VAL C 734 5.52 27.94 -74.46
CA VAL C 734 5.95 29.28 -74.82
C VAL C 734 5.28 29.69 -76.13
N VAL C 735 4.91 30.96 -76.22
CA VAL C 735 4.31 31.52 -77.42
C VAL C 735 5.36 32.37 -78.11
N GLN C 736 5.53 32.16 -79.41
CA GLN C 736 6.52 32.89 -80.18
C GLN C 736 5.87 33.97 -81.04
N ASP D 1 47.71 -20.22 32.98
CA ASP D 1 47.36 -20.85 34.24
C ASP D 1 48.51 -20.80 35.22
N ILE D 2 49.19 -21.93 35.41
CA ILE D 2 50.21 -22.04 36.44
C ILE D 2 51.32 -21.02 36.27
N GLN D 3 51.55 -20.51 35.05
CA GLN D 3 52.55 -19.49 34.83
C GLN D 3 51.99 -18.45 33.86
N MET D 4 52.13 -17.18 34.22
CA MET D 4 51.55 -16.08 33.47
C MET D 4 52.63 -15.07 33.12
N THR D 5 52.50 -14.47 31.95
CA THR D 5 53.42 -13.46 31.48
C THR D 5 52.81 -12.07 31.68
N GLN D 6 53.50 -11.04 31.21
CA GLN D 6 53.11 -9.69 31.57
C GLN D 6 53.44 -8.74 30.43
N SER D 7 53.39 -7.45 30.73
CA SER D 7 53.71 -6.34 29.85
C SER D 7 55.15 -5.90 30.07
N PRO D 8 55.70 -5.02 29.21
CA PRO D 8 57.01 -4.43 29.50
C PRO D 8 57.12 -3.81 30.89
N SER D 9 58.35 -3.52 31.31
CA SER D 9 58.60 -3.29 32.73
C SER D 9 58.06 -1.94 33.21
N THR D 10 58.09 -0.91 32.36
CA THR D 10 57.80 0.45 32.84
C THR D 10 56.50 1.01 32.27
N LEU D 11 56.38 1.09 30.95
CA LEU D 11 55.24 1.76 30.30
C LEU D 11 55.07 3.18 30.82
N SER D 12 56.09 4.01 30.59
CA SER D 12 56.06 5.38 31.04
C SER D 12 54.88 6.14 30.45
N ALA D 13 54.28 7.01 31.25
CA ALA D 13 53.13 7.77 30.81
C ALA D 13 53.01 9.03 31.66
N SER D 14 52.07 9.89 31.27
CA SER D 14 51.82 11.15 31.95
C SER D 14 50.35 11.20 32.38
N VAL D 15 50.01 12.22 33.14
CA VAL D 15 48.63 12.36 33.63
C VAL D 15 47.71 12.63 32.44
N GLY D 16 46.76 11.74 32.23
CA GLY D 16 45.80 11.87 31.15
C GLY D 16 45.98 10.89 30.01
N ASP D 17 46.75 9.82 30.19
CA ASP D 17 47.00 8.85 29.14
C ASP D 17 46.16 7.60 29.34
N ARG D 18 45.89 6.91 28.23
CA ARG D 18 45.18 5.63 28.25
C ARG D 18 46.21 4.52 28.14
N VAL D 19 46.52 3.88 29.25
CA VAL D 19 47.57 2.87 29.33
C VAL D 19 46.93 1.51 29.46
N THR D 20 47.46 0.53 28.72
CA THR D 20 47.04 -0.85 28.82
C THR D 20 48.18 -1.67 29.39
N ILE D 21 47.86 -2.54 30.34
CA ILE D 21 48.87 -3.27 31.12
C ILE D 21 48.70 -4.75 30.81
N THR D 22 48.39 -5.06 29.55
CA THR D 22 48.08 -6.41 29.08
C THR D 22 49.04 -7.46 29.65
N CYS D 23 48.46 -8.51 30.24
CA CYS D 23 49.18 -9.70 30.64
C CYS D 23 48.43 -10.92 30.15
N ARG D 24 49.17 -11.99 29.86
CA ARG D 24 48.60 -13.18 29.25
C ARG D 24 48.77 -14.39 30.15
N ALA D 25 48.16 -15.49 29.72
CA ALA D 25 48.11 -16.71 30.52
C ALA D 25 48.52 -17.92 29.71
N SER D 26 48.41 -19.11 30.29
CA SER D 26 48.91 -20.34 29.69
C SER D 26 47.82 -21.32 29.30
N GLN D 27 46.87 -21.59 30.19
CA GLN D 27 45.90 -22.67 30.01
C GLN D 27 44.48 -22.16 30.15
N THR D 28 44.16 -21.11 29.38
CA THR D 28 42.81 -20.54 29.22
C THR D 28 42.10 -20.36 30.56
N ILE D 29 42.64 -19.43 31.34
CA ILE D 29 41.91 -18.90 32.50
C ILE D 29 40.60 -18.31 32.00
N SER D 30 39.49 -18.89 32.44
CA SER D 30 38.18 -18.47 31.94
C SER D 30 37.63 -17.36 32.81
N THR D 31 38.16 -16.15 32.59
CA THR D 31 37.72 -14.94 33.29
C THR D 31 37.92 -15.04 34.80
N TRP D 32 38.97 -15.72 35.23
CA TRP D 32 39.30 -15.91 36.64
C TRP D 32 40.59 -15.20 37.00
N LEU D 33 40.75 -13.97 36.55
CA LEU D 33 41.97 -13.20 36.80
C LEU D 33 41.66 -11.99 37.67
N ALA D 34 42.59 -11.67 38.57
CA ALA D 34 42.47 -10.52 39.43
C ALA D 34 43.67 -9.59 39.25
N TRP D 35 43.43 -8.29 39.39
CA TRP D 35 44.46 -7.26 39.25
C TRP D 35 44.66 -6.54 40.57
N TYR D 36 45.89 -6.18 40.87
CA TYR D 36 46.23 -5.51 42.12
C TYR D 36 46.99 -4.21 41.88
N GLN D 37 47.46 -3.58 42.95
CA GLN D 37 48.21 -2.33 42.84
C GLN D 37 49.02 -2.15 44.12
N GLN D 38 50.34 -2.11 44.01
CA GLN D 38 51.21 -1.95 45.16
C GLN D 38 52.16 -0.78 44.93
N THR D 39 51.90 0.32 45.62
CA THR D 39 52.85 1.42 45.66
C THR D 39 54.07 1.03 46.48
N PRO D 40 55.21 1.72 46.30
CA PRO D 40 56.46 1.25 46.91
C PRO D 40 56.46 1.14 48.42
N ARG D 41 55.53 1.76 49.13
CA ARG D 41 55.50 1.70 50.60
C ARG D 41 54.09 1.41 51.08
N LYS D 42 53.48 0.38 50.50
CA LYS D 42 52.13 -0.02 50.86
C LYS D 42 52.05 -1.53 50.72
N ALA D 43 50.91 -2.05 50.92
CA ALA D 43 50.52 -3.40 50.61
C ALA D 43 49.67 -3.40 49.35
N PRO D 44 49.69 -4.47 48.56
CA PRO D 44 48.85 -4.51 47.37
C PRO D 44 47.38 -4.40 47.76
N LYS D 45 46.58 -3.96 46.80
CA LYS D 45 45.16 -3.76 47.05
C LYS D 45 44.37 -4.17 45.83
N LEU D 46 43.18 -4.72 46.06
CA LEU D 46 42.40 -5.27 44.97
C LEU D 46 41.86 -4.16 44.08
N MET D 47 42.05 -4.33 42.77
CA MET D 47 41.52 -3.43 41.76
C MET D 47 40.42 -4.08 40.93
N ILE D 48 40.69 -5.25 40.39
CA ILE D 48 39.77 -5.94 39.49
C ILE D 48 39.75 -7.42 39.88
N TYR D 49 38.57 -7.98 40.04
CA TYR D 49 38.40 -9.42 40.15
C TYR D 49 37.45 -9.87 39.06
N LYS D 50 37.54 -11.16 38.72
CA LYS D 50 36.81 -11.75 37.60
C LYS D 50 37.18 -11.12 36.26
N ALA D 51 38.32 -10.41 36.23
CA ALA D 51 38.92 -9.83 35.03
C ALA D 51 38.14 -8.63 34.50
N SER D 52 36.97 -8.36 35.08
CA SER D 52 36.17 -7.22 34.63
C SER D 52 35.50 -6.43 35.75
N ILE D 53 35.42 -6.94 36.97
CA ILE D 53 34.60 -6.36 38.02
C ILE D 53 35.46 -5.50 38.93
N LEU D 54 34.99 -4.29 39.22
CA LEU D 54 35.69 -3.39 40.11
C LEU D 54 35.36 -3.72 41.56
N GLU D 55 36.26 -3.32 42.46
CA GLU D 55 36.06 -3.47 43.88
C GLU D 55 35.54 -2.18 44.48
N ASN D 56 34.73 -2.32 45.53
CA ASN D 56 34.18 -1.16 46.23
C ASN D 56 35.33 -0.31 46.78
N GLY D 57 35.34 0.96 46.40
CA GLY D 57 36.43 1.86 46.74
C GLY D 57 37.45 2.07 45.64
N VAL D 58 37.11 1.75 44.40
CA VAL D 58 38.01 1.91 43.26
C VAL D 58 37.31 2.78 42.23
N PRO D 59 37.94 3.85 41.75
CA PRO D 59 37.25 4.74 40.81
C PRO D 59 36.95 4.04 39.50
N SER D 60 35.83 4.41 38.89
CA SER D 60 35.34 3.76 37.68
C SER D 60 36.14 4.14 36.44
N ARG D 61 37.27 4.84 36.59
CA ARG D 61 38.16 5.04 35.46
C ARG D 61 38.93 3.77 35.11
N PHE D 62 39.04 2.84 36.05
CA PHE D 62 39.68 1.56 35.80
C PHE D 62 38.73 0.63 35.05
N SER D 63 39.29 -0.16 34.14
CA SER D 63 38.52 -1.11 33.37
C SER D 63 39.30 -2.41 33.28
N GLY D 64 38.67 -3.42 32.68
CA GLY D 64 39.30 -4.70 32.47
C GLY D 64 38.49 -5.50 31.48
N SER D 65 39.13 -6.40 30.74
CA SER D 65 38.41 -7.20 29.76
C SER D 65 39.25 -8.43 29.43
N GLY D 66 38.86 -9.14 28.39
CA GLY D 66 39.51 -10.38 28.02
C GLY D 66 38.88 -11.58 28.68
N SER D 67 38.86 -12.69 27.95
CA SER D 67 38.19 -13.89 28.44
C SER D 67 39.11 -15.08 28.58
N GLY D 68 40.00 -15.32 27.61
CA GLY D 68 40.90 -16.45 27.71
C GLY D 68 42.34 -16.13 27.32
N THR D 69 43.26 -16.29 28.28
CA THR D 69 44.70 -16.12 28.08
C THR D 69 45.09 -14.72 27.61
N GLU D 70 44.13 -13.80 27.49
CA GLU D 70 44.40 -12.46 26.99
C GLU D 70 43.56 -11.47 27.79
N PHE D 71 44.17 -10.83 28.78
CA PHE D 71 43.46 -9.89 29.64
C PHE D 71 44.21 -8.57 29.68
N THR D 72 43.46 -7.48 29.59
CA THR D 72 44.02 -6.13 29.56
C THR D 72 43.46 -5.32 30.71
N LEU D 73 44.26 -4.36 31.19
CA LEU D 73 43.85 -3.43 32.23
C LEU D 73 44.01 -2.03 31.65
N THR D 74 42.99 -1.56 30.95
CA THR D 74 43.04 -0.29 30.24
C THR D 74 42.52 0.82 31.15
N ILE D 75 43.40 1.72 31.55
CA ILE D 75 43.03 2.88 32.35
C ILE D 75 42.75 4.04 31.41
N SER D 76 41.77 4.87 31.77
CA SER D 76 41.49 6.10 31.06
C SER D 76 41.34 7.21 32.09
N SER D 77 41.70 8.44 31.68
CA SER D 77 41.71 9.59 32.57
C SER D 77 42.63 9.32 33.77
N LEU D 78 43.92 9.18 33.47
CA LEU D 78 44.88 8.75 34.47
C LEU D 78 45.20 9.89 35.44
N GLN D 79 44.42 9.98 36.52
CA GLN D 79 44.71 10.91 37.59
C GLN D 79 46.05 10.55 38.24
N PRO D 80 46.70 11.51 38.94
CA PRO D 80 48.06 11.31 39.45
C PRO D 80 48.13 10.42 40.69
N GLU D 81 47.41 9.29 40.65
CA GLU D 81 47.53 8.25 41.66
C GLU D 81 47.55 6.88 41.00
N ASP D 82 48.15 6.81 39.81
CA ASP D 82 48.25 5.56 39.06
C ASP D 82 49.71 5.14 38.86
N PHE D 83 50.64 5.71 39.62
CA PHE D 83 52.06 5.44 39.43
C PHE D 83 52.53 4.35 40.38
N ALA D 84 52.08 3.12 40.11
CA ALA D 84 52.30 2.02 41.02
C ALA D 84 52.51 0.74 40.24
N THR D 85 53.01 -0.28 40.93
CA THR D 85 53.19 -1.61 40.37
C THR D 85 51.86 -2.34 40.32
N TYR D 86 51.68 -3.17 39.29
CA TYR D 86 50.43 -3.89 39.08
C TYR D 86 50.72 -5.38 38.91
N TYR D 87 49.78 -6.21 39.35
CA TYR D 87 49.97 -7.65 39.35
C TYR D 87 48.73 -8.37 38.85
N CYS D 88 48.95 -9.39 38.03
CA CYS D 88 47.89 -10.29 37.61
C CYS D 88 47.88 -11.49 38.55
N GLN D 89 46.68 -11.92 38.92
CA GLN D 89 46.54 -13.04 39.84
C GLN D 89 45.62 -14.08 39.21
N GLN D 90 46.03 -15.34 39.28
CA GLN D 90 45.32 -16.46 38.68
C GLN D 90 44.66 -17.28 39.78
N TYR D 91 43.34 -17.40 39.73
CA TYR D 91 42.59 -18.33 40.59
C TYR D 91 41.73 -19.20 39.68
N LYS D 92 42.32 -20.27 39.16
CA LYS D 92 41.54 -21.31 38.50
C LYS D 92 41.89 -22.67 39.09
N SER D 93 43.14 -22.85 39.48
CA SER D 93 43.58 -24.05 40.16
C SER D 93 44.82 -23.73 40.97
N TYR D 94 44.86 -24.22 42.20
CA TYR D 94 46.00 -23.95 43.05
C TYR D 94 47.26 -24.55 42.43
N PRO D 95 48.41 -23.89 42.59
CA PRO D 95 48.60 -22.67 43.38
C PRO D 95 48.23 -21.42 42.60
N TRP D 96 47.83 -20.38 43.34
CA TRP D 96 47.47 -19.10 42.74
C TRP D 96 48.74 -18.33 42.45
N THR D 97 49.30 -18.56 41.26
CA THR D 97 50.58 -17.97 40.90
C THR D 97 50.38 -16.54 40.40
N PHE D 98 51.08 -15.61 41.01
CA PHE D 98 50.96 -14.21 40.64
C PHE D 98 51.64 -13.95 39.30
N GLY D 99 51.31 -12.82 38.71
CA GLY D 99 51.71 -12.52 37.36
C GLY D 99 52.60 -11.31 37.22
N GLN D 100 51.96 -10.21 36.81
CA GLN D 100 52.56 -9.09 36.13
C GLN D 100 53.69 -8.42 36.93
N GLY D 101 54.43 -7.55 36.24
CA GLY D 101 55.39 -6.65 36.82
C GLY D 101 54.87 -5.23 36.76
N THR D 102 55.29 -4.47 35.73
CA THR D 102 54.83 -3.11 35.49
C THR D 102 55.16 -2.20 36.69
N LYS D 103 56.47 -2.04 36.89
CA LYS D 103 57.01 -1.42 38.10
C LYS D 103 56.36 -0.06 38.40
N VAL D 104 56.47 0.89 37.47
CA VAL D 104 55.97 2.23 37.75
C VAL D 104 55.80 2.98 36.43
N GLU D 105 54.88 3.94 36.42
CA GLU D 105 54.61 4.79 35.27
C GLU D 105 55.08 6.20 35.61
N ILE D 106 56.22 6.61 35.05
CA ILE D 106 56.72 7.96 35.26
C ILE D 106 57.25 8.56 33.96
N GLN E 1 37.15 -0.18 59.78
CA GLN E 1 37.00 -1.43 59.04
C GLN E 1 37.94 -2.51 59.59
N VAL E 2 37.97 -3.66 58.90
CA VAL E 2 38.83 -4.76 59.32
C VAL E 2 40.29 -4.35 59.19
N GLN E 3 41.13 -4.89 60.07
CA GLN E 3 42.56 -4.62 60.04
C GLN E 3 43.32 -5.88 60.40
N LEU E 4 44.34 -6.20 59.61
CA LEU E 4 45.21 -7.35 59.86
C LEU E 4 46.63 -6.83 60.08
N VAL E 5 47.29 -7.35 61.11
CA VAL E 5 48.62 -6.89 61.50
C VAL E 5 49.52 -8.10 61.68
N GLN E 6 50.77 -7.97 61.24
CA GLN E 6 51.76 -9.02 61.43
C GLN E 6 52.60 -8.72 62.67
N SER E 7 53.68 -9.49 62.84
CA SER E 7 54.56 -9.31 63.99
C SER E 7 55.27 -7.95 63.92
N GLY E 8 56.04 -7.73 62.87
CA GLY E 8 56.80 -6.52 62.69
C GLY E 8 58.18 -6.83 62.15
N ALA E 9 59.10 -5.90 62.36
CA ALA E 9 60.46 -6.07 61.88
C ALA E 9 61.12 -7.28 62.54
N GLU E 10 61.44 -8.29 61.75
CA GLU E 10 61.95 -9.55 62.25
C GLU E 10 63.33 -9.81 61.67
N VAL E 11 64.23 -10.33 62.50
CA VAL E 11 65.57 -10.73 62.09
C VAL E 11 65.81 -12.10 62.71
N LYS E 12 65.93 -13.12 61.86
CA LYS E 12 66.12 -14.50 62.32
C LYS E 12 67.29 -15.12 61.57
N LYS E 13 68.10 -15.87 62.30
CA LYS E 13 69.23 -16.57 61.72
C LYS E 13 68.76 -17.82 60.98
N PRO E 14 69.49 -18.25 59.94
CA PRO E 14 69.11 -19.49 59.24
C PRO E 14 69.28 -20.70 60.14
N GLY E 15 68.20 -21.47 60.29
CA GLY E 15 68.22 -22.66 61.10
C GLY E 15 67.20 -22.65 62.22
N SER E 16 66.21 -21.78 62.10
CA SER E 16 65.17 -21.65 63.11
C SER E 16 63.84 -21.42 62.40
N SER E 17 62.83 -21.01 63.17
CA SER E 17 61.52 -20.66 62.64
C SER E 17 61.32 -19.15 62.70
N VAL E 18 60.16 -18.69 62.24
CA VAL E 18 59.79 -17.29 62.26
C VAL E 18 58.50 -17.06 63.05
N LYS E 19 57.46 -17.86 62.77
CA LYS E 19 56.21 -17.83 63.51
C LYS E 19 55.56 -16.44 63.45
N VAL E 20 55.18 -16.04 62.24
CA VAL E 20 54.56 -14.74 62.03
C VAL E 20 53.08 -14.84 62.34
N SER E 21 52.58 -13.90 63.14
CA SER E 21 51.18 -13.85 63.52
C SER E 21 50.42 -12.86 62.64
N CYS E 22 49.09 -12.95 62.69
CA CYS E 22 48.24 -12.06 61.89
C CYS E 22 46.94 -11.82 62.67
N LYS E 23 46.93 -10.76 63.47
CA LYS E 23 45.77 -10.44 64.28
C LYS E 23 44.71 -9.73 63.44
N ALA E 24 43.46 -10.15 63.59
CA ALA E 24 42.35 -9.53 62.87
C ALA E 24 41.66 -8.50 63.78
N SER E 25 40.63 -7.87 63.25
CA SER E 25 39.90 -6.86 64.04
C SER E 25 38.41 -7.11 64.11
N GLY E 26 37.79 -7.60 63.04
CA GLY E 26 36.37 -7.86 63.02
C GLY E 26 36.05 -9.05 62.15
N GLY E 27 34.89 -9.02 61.51
CA GLY E 27 34.50 -10.04 60.56
C GLY E 27 34.26 -11.42 61.14
N THR E 28 34.31 -11.57 62.47
CA THR E 28 33.89 -12.77 63.19
C THR E 28 34.90 -13.90 62.98
N PHE E 29 35.84 -13.72 62.05
CA PHE E 29 36.88 -14.69 61.71
C PHE E 29 36.32 -16.02 61.21
N SER E 30 35.00 -16.13 61.07
CA SER E 30 34.39 -17.29 60.45
C SER E 30 34.23 -17.12 58.95
N ASN E 31 34.54 -15.93 58.44
CA ASN E 31 34.47 -15.62 57.02
C ASN E 31 35.84 -15.20 56.48
N PHE E 32 36.90 -15.75 57.06
CA PHE E 32 38.27 -15.40 56.69
C PHE E 32 38.96 -16.65 56.16
N ALA E 33 39.44 -16.58 54.93
CA ALA E 33 40.29 -17.62 54.35
C ALA E 33 41.68 -17.01 54.21
N ILE E 34 42.46 -17.10 55.27
CA ILE E 34 43.75 -16.40 55.33
C ILE E 34 44.70 -17.02 54.32
N SER E 35 45.18 -16.19 53.39
CA SER E 35 46.24 -16.57 52.46
C SER E 35 47.50 -15.79 52.81
N TRP E 36 48.64 -16.32 52.39
CA TRP E 36 49.92 -15.69 52.68
C TRP E 36 50.74 -15.58 51.40
N VAL E 37 51.21 -14.37 51.11
CA VAL E 37 52.01 -14.09 49.93
C VAL E 37 53.32 -13.45 50.39
N ARG E 38 54.23 -13.27 49.44
CA ARG E 38 55.54 -12.70 49.75
C ARG E 38 56.24 -12.36 48.45
N GLN E 39 57.22 -11.46 48.55
CA GLN E 39 58.13 -11.21 47.45
C GLN E 39 59.42 -10.63 48.02
N ALA E 40 60.55 -11.17 47.57
CA ALA E 40 61.83 -10.64 47.99
C ALA E 40 62.06 -9.29 47.33
N PRO E 41 62.91 -8.44 47.92
CA PRO E 41 63.21 -7.16 47.26
C PRO E 41 63.78 -7.38 45.87
N GLY E 42 63.03 -6.97 44.85
CA GLY E 42 63.41 -7.20 43.48
C GLY E 42 62.67 -8.30 42.78
N GLN E 43 61.65 -8.88 43.42
CA GLN E 43 60.82 -9.92 42.82
C GLN E 43 59.37 -9.47 42.83
N GLY E 44 58.57 -10.13 42.00
CA GLY E 44 57.18 -9.71 41.83
C GLY E 44 56.29 -10.00 43.02
N LEU E 45 55.97 -11.28 43.23
CA LEU E 45 55.07 -11.75 44.28
C LEU E 45 55.04 -13.27 44.20
N GLU E 46 54.52 -13.89 45.24
CA GLU E 46 54.44 -15.34 45.31
C GLU E 46 53.23 -15.70 46.17
N TRP E 47 52.94 -16.99 46.27
CA TRP E 47 51.79 -17.46 47.04
C TRP E 47 52.22 -18.61 47.93
N MET E 48 51.72 -18.63 49.17
CA MET E 48 52.23 -19.54 50.19
C MET E 48 51.13 -20.26 50.96
N GLY E 49 50.00 -20.53 50.33
CA GLY E 49 49.02 -21.38 50.96
C GLY E 49 47.82 -20.61 51.50
N ARG E 50 46.71 -21.33 51.66
CA ARG E 50 45.44 -20.76 52.07
C ARG E 50 44.82 -21.64 53.15
N ILE E 51 44.47 -21.04 54.28
CA ILE E 51 43.81 -21.74 55.37
C ILE E 51 42.36 -21.26 55.43
N MET E 52 41.42 -22.17 55.16
CA MET E 52 40.01 -21.87 55.08
C MET E 52 39.34 -22.02 56.44
N PRO E 53 38.17 -21.37 56.64
CA PRO E 53 37.46 -21.49 57.92
C PRO E 53 37.23 -22.93 58.34
N LEU E 54 36.96 -23.15 59.63
CA LEU E 54 37.13 -24.45 60.27
C LEU E 54 38.56 -24.94 60.02
N PHE E 55 39.49 -24.18 60.59
CA PHE E 55 40.88 -24.18 60.15
C PHE E 55 41.62 -25.45 60.55
N VAL E 56 41.55 -26.47 59.70
CA VAL E 56 42.22 -27.74 59.95
C VAL E 56 43.08 -28.22 58.80
N THR E 57 42.83 -27.79 57.56
CA THR E 57 43.53 -28.34 56.40
C THR E 57 44.75 -27.51 56.00
N SER E 58 44.53 -26.24 55.66
CA SER E 58 45.60 -25.31 55.29
C SER E 58 46.39 -25.82 54.09
N THR E 59 45.70 -25.92 52.95
CA THR E 59 46.35 -26.24 51.69
C THR E 59 47.50 -25.29 51.40
N TYR E 60 48.66 -25.85 51.03
CA TYR E 60 49.87 -25.07 50.81
C TYR E 60 50.18 -25.01 49.32
N ALA E 61 51.21 -24.23 48.99
CA ALA E 61 51.62 -24.03 47.61
C ALA E 61 52.43 -25.23 47.14
N GLN E 62 53.05 -25.10 45.97
CA GLN E 62 53.85 -26.19 45.42
C GLN E 62 55.26 -26.19 45.98
N LYS E 63 55.86 -25.01 46.12
CA LYS E 63 57.27 -24.90 46.48
C LYS E 63 57.51 -24.92 47.98
N PHE E 64 56.52 -24.54 48.78
CA PHE E 64 56.66 -24.52 50.24
C PHE E 64 55.88 -25.62 50.93
N GLN E 65 55.40 -26.63 50.20
CA GLN E 65 54.55 -27.64 50.82
C GLN E 65 55.28 -28.41 51.92
N GLY E 66 56.58 -28.63 51.75
CA GLY E 66 57.35 -29.31 52.77
C GLY E 66 57.96 -28.41 53.82
N ARG E 67 57.86 -27.10 53.64
CA ARG E 67 58.50 -26.13 54.54
C ARG E 67 57.51 -25.46 55.47
N VAL E 68 56.49 -24.79 54.92
CA VAL E 68 55.63 -23.89 55.70
C VAL E 68 54.49 -24.66 56.32
N THR E 69 54.01 -24.14 57.45
CA THR E 69 52.78 -24.61 58.08
C THR E 69 52.00 -23.39 58.53
N ILE E 70 50.71 -23.35 58.18
CA ILE E 70 49.85 -22.22 58.48
C ILE E 70 48.66 -22.71 59.29
N SER E 71 48.31 -21.96 60.33
CA SER E 71 47.21 -22.35 61.21
C SER E 71 46.52 -21.09 61.72
N ALA E 72 45.35 -21.28 62.28
CA ALA E 72 44.55 -20.19 62.84
C ALA E 72 43.90 -20.66 64.13
N ASP E 73 43.10 -19.78 64.73
CA ASP E 73 42.52 -20.04 66.05
C ASP E 73 41.00 -20.06 66.06
N ALA E 74 40.36 -19.13 65.35
CA ALA E 74 38.91 -18.93 65.29
C ALA E 74 38.36 -18.41 66.61
N SER E 75 39.18 -18.26 67.63
CA SER E 75 38.82 -17.67 68.91
C SER E 75 39.67 -16.47 69.26
N THR E 76 40.95 -16.47 68.86
CA THR E 76 41.84 -15.34 69.04
C THR E 76 41.82 -14.40 67.86
N SER E 77 41.31 -14.86 66.71
CA SER E 77 41.30 -14.10 65.46
C SER E 77 42.72 -13.82 64.96
N THR E 78 43.56 -14.85 64.98
CA THR E 78 44.94 -14.75 64.56
C THR E 78 45.26 -15.88 63.59
N ALA E 79 46.41 -15.75 62.92
CA ALA E 79 46.85 -16.74 61.94
C ALA E 79 48.37 -16.81 61.96
N TYR E 80 48.91 -18.01 62.11
CA TYR E 80 50.34 -18.21 62.24
C TYR E 80 50.90 -18.90 61.01
N MET E 81 52.13 -18.56 60.66
CA MET E 81 52.72 -18.96 59.38
C MET E 81 54.17 -19.42 59.59
N GLU E 82 54.38 -20.34 60.52
CA GLU E 82 55.72 -20.83 60.81
C GLU E 82 56.32 -21.54 59.60
N LEU E 83 57.63 -21.33 59.38
CA LEU E 83 58.37 -22.03 58.34
C LEU E 83 59.29 -23.11 58.90
N SER E 84 60.11 -22.77 59.90
CA SER E 84 61.04 -23.68 60.56
C SER E 84 62.15 -24.19 59.65
N SER E 85 62.34 -23.58 58.48
CA SER E 85 63.40 -24.00 57.56
C SER E 85 64.47 -22.92 57.39
N LEU E 86 64.10 -21.72 56.96
CA LEU E 86 65.01 -20.60 56.79
C LEU E 86 66.25 -20.99 55.99
N ARG E 87 66.02 -21.34 54.73
CA ARG E 87 67.05 -21.80 53.81
C ARG E 87 67.86 -20.66 53.21
N SER E 88 67.83 -19.47 53.82
CA SER E 88 68.55 -18.27 53.39
C SER E 88 67.94 -17.66 52.14
N ASP E 89 66.96 -18.36 51.55
CA ASP E 89 66.13 -17.79 50.50
C ASP E 89 64.85 -17.20 51.06
N ASP E 90 64.62 -17.33 52.37
CA ASP E 90 63.40 -16.82 53.00
C ASP E 90 63.61 -15.40 53.50
N THR E 91 63.91 -14.51 52.56
CA THR E 91 64.13 -13.09 52.85
C THR E 91 63.17 -12.28 51.96
N ALA E 92 62.00 -11.99 52.50
CA ALA E 92 60.97 -11.30 51.75
C ALA E 92 60.14 -10.44 52.70
N MET E 93 59.03 -9.92 52.22
CA MET E 93 58.10 -9.11 53.00
C MET E 93 56.79 -9.89 53.08
N TYR E 94 56.69 -10.77 54.07
CA TYR E 94 55.56 -11.68 54.15
C TYR E 94 54.27 -10.93 54.46
N TYR E 95 53.25 -11.16 53.64
CA TYR E 95 51.96 -10.53 53.82
C TYR E 95 50.95 -11.56 54.33
N CYS E 96 49.89 -11.05 54.93
CA CYS E 96 48.78 -11.85 55.42
C CYS E 96 47.52 -11.36 54.74
N ALA E 97 47.22 -11.92 53.56
CA ALA E 97 46.03 -11.54 52.82
C ALA E 97 44.81 -12.21 53.44
N ARG E 98 43.65 -11.96 52.85
CA ARG E 98 42.40 -12.51 53.36
C ARG E 98 41.34 -12.41 52.28
N ASP E 99 40.66 -13.53 52.04
CA ASP E 99 39.53 -13.57 51.13
C ASP E 99 38.26 -13.90 51.93
N ILE E 100 37.14 -13.35 51.48
CA ILE E 100 35.87 -13.56 52.16
C ILE E 100 35.28 -14.89 51.70
N THR E 101 34.84 -15.71 52.66
CA THR E 101 34.30 -17.02 52.36
C THR E 101 33.43 -17.45 53.54
N ALA E 102 33.09 -18.73 53.61
CA ALA E 102 32.30 -19.29 54.68
C ALA E 102 32.67 -20.75 54.85
N PRO E 103 32.46 -21.32 56.03
CA PRO E 103 32.77 -22.75 56.20
C PRO E 103 31.79 -23.61 55.41
N GLY E 104 32.33 -24.66 54.79
CA GLY E 104 31.53 -25.51 53.94
C GLY E 104 31.35 -24.99 52.54
N ALA E 105 32.09 -23.97 52.13
CA ALA E 105 31.95 -23.40 50.81
C ALA E 105 32.42 -24.40 49.75
N ALA E 106 32.03 -24.13 48.51
CA ALA E 106 32.41 -24.99 47.40
C ALA E 106 33.79 -24.60 46.88
N PRO E 107 34.57 -25.56 46.40
CA PRO E 107 35.88 -25.26 45.81
C PRO E 107 35.74 -24.69 44.40
N THR E 108 35.14 -23.50 44.31
CA THR E 108 34.82 -22.88 43.04
C THR E 108 35.46 -21.50 42.96
N PRO E 109 35.88 -21.08 41.76
CA PRO E 109 36.37 -19.71 41.58
C PRO E 109 35.26 -18.68 41.51
N LEU E 110 34.00 -19.10 41.61
CA LEU E 110 32.89 -18.16 41.72
C LEU E 110 32.77 -17.59 43.12
N ASN E 111 33.41 -18.21 44.11
CA ASN E 111 33.39 -17.75 45.48
C ASN E 111 34.62 -16.95 45.85
N PHE E 112 35.49 -16.65 44.89
CA PHE E 112 36.67 -15.84 45.14
C PHE E 112 36.43 -14.43 44.66
N TYR E 113 36.29 -13.50 45.60
CA TYR E 113 36.17 -12.08 45.30
C TYR E 113 37.46 -11.33 45.59
N GLY E 114 38.61 -11.97 45.36
CA GLY E 114 39.90 -11.34 45.54
C GLY E 114 40.29 -11.20 47.01
N MET E 115 41.59 -11.01 47.23
CA MET E 115 42.13 -10.71 48.55
C MET E 115 41.88 -9.23 48.80
N ASP E 116 40.73 -8.93 49.41
CA ASP E 116 40.29 -7.55 49.54
C ASP E 116 41.14 -6.78 50.54
N VAL E 117 41.32 -7.32 51.74
CA VAL E 117 42.07 -6.62 52.78
C VAL E 117 43.35 -7.39 53.06
N TRP E 118 44.39 -6.65 53.45
CA TRP E 118 45.72 -7.20 53.60
C TRP E 118 46.33 -6.85 54.95
N GLY E 119 47.58 -7.18 55.15
CA GLY E 119 48.27 -6.89 56.39
C GLY E 119 49.18 -5.68 56.26
N GLN E 120 50.33 -5.75 56.92
CA GLN E 120 51.30 -4.66 56.94
C GLN E 120 52.57 -5.00 56.18
N GLY E 121 53.15 -6.16 56.45
CA GLY E 121 54.47 -6.48 55.89
C GLY E 121 55.42 -6.74 57.04
N THR E 122 56.21 -7.80 56.89
CA THR E 122 57.09 -8.27 57.96
C THR E 122 58.54 -7.82 57.77
N THR E 123 59.05 -7.88 56.54
CA THR E 123 60.44 -7.53 56.24
C THR E 123 61.40 -8.40 57.06
N VAL E 124 61.34 -9.71 56.80
CA VAL E 124 62.16 -10.68 57.50
C VAL E 124 63.49 -10.81 56.78
N THR E 125 64.57 -10.93 57.55
CA THR E 125 65.92 -11.10 57.02
C THR E 125 66.52 -12.37 57.60
N VAL E 126 67.13 -13.17 56.74
CA VAL E 126 67.76 -14.43 57.15
C VAL E 126 69.22 -14.34 56.72
N SER E 127 70.08 -13.89 57.63
CA SER E 127 71.52 -13.79 57.42
C SER E 127 72.15 -13.37 58.74
N SER E 128 73.44 -13.69 58.87
CA SER E 128 74.20 -13.32 60.06
C SER E 128 75.21 -12.22 59.75
N THR F 115 30.05 -8.98 32.70
CA THR F 115 29.56 -8.00 33.66
C THR F 115 29.35 -8.61 35.04
N LYS F 116 28.67 -7.87 35.91
CA LYS F 116 28.43 -8.30 37.29
C LYS F 116 27.05 -8.92 37.42
N PRO F 117 26.94 -10.13 37.95
CA PRO F 117 25.61 -10.73 38.13
C PRO F 117 24.82 -10.01 39.20
N THR F 118 23.54 -9.81 38.94
CA THR F 118 22.63 -9.22 39.90
C THR F 118 21.70 -10.27 40.47
N PHE F 119 21.70 -10.41 41.78
CA PHE F 119 20.75 -11.27 42.48
C PHE F 119 19.63 -10.45 43.07
N TYR F 120 18.54 -11.12 43.43
CA TYR F 120 17.37 -10.48 43.99
C TYR F 120 17.06 -11.06 45.37
N VAL F 121 16.23 -10.35 46.11
CA VAL F 121 15.71 -10.83 47.38
C VAL F 121 14.21 -10.55 47.40
N CYS F 122 13.42 -11.62 47.42
CA CYS F 122 11.97 -11.48 47.34
C CYS F 122 11.35 -11.66 48.72
N PRO F 123 11.00 -10.59 49.42
CA PRO F 123 10.30 -10.74 50.70
C PRO F 123 8.90 -11.31 50.49
N PRO F 124 8.33 -11.96 51.51
CA PRO F 124 7.01 -12.58 51.34
C PRO F 124 5.94 -11.53 51.10
N PRO F 125 5.05 -11.76 50.13
CA PRO F 125 4.04 -10.76 49.80
C PRO F 125 3.05 -10.55 50.94
N THR F 126 2.20 -9.54 50.75
CA THR F 126 1.15 -9.22 51.70
C THR F 126 -0.09 -8.83 50.91
N GLY F 127 -1.26 -9.06 51.52
CA GLY F 127 -2.55 -8.81 50.84
C GLY F 127 -2.80 -7.38 50.46
N SER F 128 -1.89 -6.47 50.75
CA SER F 128 -2.10 -5.05 50.47
C SER F 128 -2.41 -4.84 49.00
N THR F 129 -1.50 -5.24 48.11
CA THR F 129 -1.65 -5.05 46.68
C THR F 129 -2.16 -6.35 46.07
N ILE F 130 -3.47 -6.43 45.84
CA ILE F 130 -4.08 -7.56 45.14
C ILE F 130 -4.52 -7.09 43.77
N VAL F 131 -4.37 -7.97 42.77
CA VAL F 131 -4.69 -7.66 41.39
C VAL F 131 -5.49 -8.81 40.81
N ARG F 132 -5.80 -8.69 39.51
CA ARG F 132 -6.55 -9.71 38.80
C ARG F 132 -6.26 -9.56 37.31
N LEU F 133 -6.52 -10.63 36.57
CA LEU F 133 -6.43 -10.58 35.11
C LEU F 133 -7.59 -9.78 34.54
N GLU F 134 -7.27 -8.88 33.63
CA GLU F 134 -8.30 -8.09 32.97
C GLU F 134 -9.20 -8.99 32.13
N PRO F 135 -10.50 -8.74 32.11
CA PRO F 135 -11.41 -9.55 31.29
C PRO F 135 -11.11 -9.38 29.81
N PRO F 136 -11.53 -10.32 28.96
CA PRO F 136 -11.21 -10.22 27.54
C PRO F 136 -11.83 -8.99 26.90
N ARG F 137 -11.04 -8.29 26.10
CA ARG F 137 -11.49 -7.10 25.42
C ARG F 137 -12.39 -7.45 24.25
N THR F 138 -13.41 -6.63 24.03
CA THR F 138 -14.27 -6.82 22.87
C THR F 138 -13.52 -6.44 21.60
N CYS F 139 -13.89 -7.08 20.49
CA CYS F 139 -13.15 -6.75 19.30
C CYS F 139 -13.96 -5.86 18.38
N PRO F 140 -13.33 -4.84 17.82
CA PRO F 140 -14.07 -3.89 16.97
C PRO F 140 -14.57 -4.53 15.69
N ASP F 141 -15.80 -4.20 15.34
CA ASP F 141 -16.38 -4.63 14.07
C ASP F 141 -16.02 -3.58 13.03
N TYR F 142 -15.23 -3.96 12.03
CA TYR F 142 -14.84 -3.05 10.98
C TYR F 142 -15.93 -3.02 9.91
N HIS F 143 -16.57 -1.86 9.77
CA HIS F 143 -17.65 -1.69 8.80
C HIS F 143 -17.11 -1.20 7.46
N LEU F 144 -16.15 -1.94 6.91
CA LEU F 144 -15.60 -1.63 5.60
C LEU F 144 -16.49 -2.27 4.54
N GLY F 145 -17.00 -1.44 3.63
CA GLY F 145 -17.95 -1.90 2.64
C GLY F 145 -18.92 -0.80 2.28
N LYS F 146 -19.20 -0.62 1.00
CA LYS F 146 -20.03 0.47 0.53
C LYS F 146 -21.20 -0.07 -0.28
N ASN F 147 -22.19 0.79 -0.48
CA ASN F 147 -23.33 0.48 -1.33
C ASN F 147 -22.96 0.87 -2.75
N PHE F 148 -22.78 -0.13 -3.61
CA PHE F 148 -22.38 0.10 -4.99
C PHE F 148 -23.58 -0.10 -5.92
N THR F 149 -23.37 0.18 -7.19
CA THR F 149 -24.41 0.06 -8.21
C THR F 149 -23.73 -0.23 -9.54
N GLU F 150 -23.96 -1.41 -10.08
CA GLU F 150 -23.42 -1.75 -11.38
C GLU F 150 -24.27 -1.12 -12.48
N GLY F 151 -23.68 -1.00 -13.67
CA GLY F 151 -24.42 -0.45 -14.80
C GLY F 151 -23.52 -0.23 -15.98
N ILE F 152 -24.07 0.46 -16.98
CA ILE F 152 -23.37 0.84 -18.19
C ILE F 152 -23.27 2.35 -18.26
N ALA F 153 -22.15 2.85 -18.76
CA ALA F 153 -21.92 4.28 -18.85
C ALA F 153 -21.32 4.62 -20.20
N VAL F 154 -21.59 5.84 -20.64
CA VAL F 154 -20.97 6.45 -21.82
C VAL F 154 -20.40 7.78 -21.39
N VAL F 155 -19.11 7.97 -21.58
CA VAL F 155 -18.44 9.20 -21.16
C VAL F 155 -18.36 10.14 -22.34
N TYR F 156 -18.67 11.41 -22.10
CA TYR F 156 -18.72 12.43 -23.15
C TYR F 156 -17.79 13.56 -22.78
N LYS F 157 -16.97 13.97 -23.74
CA LYS F 157 -16.09 15.11 -23.57
C LYS F 157 -16.60 16.28 -24.40
N GLU F 158 -16.06 17.45 -24.13
CA GLU F 158 -16.36 18.63 -24.93
C GLU F 158 -15.78 18.48 -26.33
N ASN F 159 -16.55 18.93 -27.32
CA ASN F 159 -16.13 18.87 -28.72
C ASN F 159 -15.34 20.13 -29.03
N ILE F 160 -14.05 19.98 -29.29
CA ILE F 160 -13.19 21.13 -29.56
C ILE F 160 -12.90 21.30 -31.03
N ALA F 161 -13.33 20.38 -31.88
CA ALA F 161 -13.03 20.44 -33.30
C ALA F 161 -14.00 21.39 -34.00
N ALA F 162 -13.57 21.86 -35.17
CA ALA F 162 -14.39 22.71 -36.00
C ALA F 162 -15.40 21.87 -36.78
N TYR F 163 -16.55 22.48 -37.07
CA TYR F 163 -17.57 21.82 -37.88
C TYR F 163 -17.15 21.90 -39.34
N LYS F 164 -17.03 20.75 -39.98
CA LYS F 164 -16.45 20.63 -41.31
C LYS F 164 -17.50 20.14 -42.28
N PHE F 165 -17.69 20.89 -43.37
CA PHE F 165 -18.58 20.49 -44.44
C PHE F 165 -17.89 20.75 -45.77
N LYS F 166 -18.61 20.51 -46.86
CA LYS F 166 -18.08 20.71 -48.20
C LYS F 166 -18.94 21.71 -48.94
N ALA F 167 -18.30 22.58 -49.71
CA ALA F 167 -18.96 23.61 -50.49
C ALA F 167 -18.27 23.67 -51.85
N THR F 168 -18.76 24.55 -52.71
CA THR F 168 -18.17 24.77 -54.01
C THR F 168 -18.00 26.26 -54.20
N VAL F 169 -16.90 26.67 -54.81
CA VAL F 169 -16.65 28.07 -55.13
C VAL F 169 -16.67 28.24 -56.64
N TYR F 170 -17.34 29.28 -57.10
CA TYR F 170 -17.47 29.61 -58.51
C TYR F 170 -16.92 31.01 -58.70
N TYR F 171 -15.84 31.14 -59.46
CA TYR F 171 -15.26 32.45 -59.70
C TYR F 171 -14.54 32.44 -61.05
N LYS F 172 -14.28 33.65 -61.55
CA LYS F 172 -13.58 33.86 -62.80
C LYS F 172 -12.29 34.63 -62.54
N ASP F 173 -11.21 34.16 -63.12
CA ASP F 173 -9.89 34.78 -63.00
C ASP F 173 -9.72 35.78 -64.14
N VAL F 174 -9.74 37.06 -63.82
CA VAL F 174 -9.69 38.13 -64.82
C VAL F 174 -8.31 38.77 -64.74
N ILE F 175 -7.42 38.39 -65.65
CA ILE F 175 -6.07 38.94 -65.72
C ILE F 175 -6.01 39.94 -66.86
N VAL F 176 -5.38 41.10 -66.62
CA VAL F 176 -5.24 42.16 -67.61
C VAL F 176 -3.76 42.50 -67.70
N SER F 177 -3.12 42.07 -68.79
CA SER F 177 -1.69 42.26 -68.96
C SER F 177 -1.42 43.40 -69.93
N THR F 178 -0.49 44.29 -69.57
CA THR F 178 -0.08 45.41 -70.41
C THR F 178 1.39 45.24 -70.75
N ALA F 179 1.68 45.04 -72.03
CA ALA F 179 3.05 44.87 -72.50
C ALA F 179 3.52 46.10 -73.25
N TRP F 180 4.82 46.31 -73.25
CA TRP F 180 5.46 47.40 -74.00
C TRP F 180 6.41 46.77 -75.00
N ALA F 181 6.00 46.73 -76.26
CA ALA F 181 6.86 46.20 -77.31
C ALA F 181 8.02 47.17 -77.56
N GLY F 182 9.25 46.70 -77.39
CA GLY F 182 10.42 47.50 -77.55
C GLY F 182 11.21 47.13 -78.79
N SER F 183 12.46 47.60 -78.83
CA SER F 183 13.31 47.39 -79.99
C SER F 183 13.52 45.90 -80.25
N SER F 184 14.11 45.20 -79.29
CA SER F 184 14.41 43.78 -79.43
C SER F 184 13.78 42.92 -78.33
N TYR F 185 12.82 43.46 -77.58
CA TYR F 185 12.25 42.73 -76.47
C TYR F 185 10.86 43.25 -76.18
N THR F 186 10.09 42.46 -75.44
CA THR F 186 8.80 42.87 -74.90
C THR F 186 8.87 42.89 -73.39
N GLN F 187 8.28 43.89 -72.78
CA GLN F 187 8.31 44.05 -71.33
C GLN F 187 6.88 44.20 -70.82
N ILE F 188 6.48 43.31 -69.92
CA ILE F 188 5.22 43.46 -69.20
C ILE F 188 5.35 44.59 -68.19
N THR F 189 4.60 45.67 -68.40
CA THR F 189 4.62 46.81 -67.52
C THR F 189 3.49 46.81 -66.52
N ASN F 190 2.54 45.88 -66.64
CA ASN F 190 1.50 45.73 -65.64
C ASN F 190 0.81 44.39 -65.84
N ARG F 191 0.26 43.87 -64.75
CA ARG F 191 -0.55 42.66 -64.81
C ARG F 191 -1.49 42.70 -63.62
N TYR F 192 -2.75 42.93 -63.88
CA TYR F 192 -3.76 43.13 -62.84
C TYR F 192 -4.64 41.90 -62.81
N ALA F 193 -4.40 41.02 -61.86
CA ALA F 193 -5.22 39.84 -61.68
C ALA F 193 -6.31 40.12 -60.67
N ASP F 194 -7.45 39.48 -60.88
CA ASP F 194 -8.64 39.73 -60.06
C ASP F 194 -9.54 38.51 -60.14
N ARG F 195 -10.15 38.16 -59.02
CA ARG F 195 -11.14 37.09 -58.97
C ARG F 195 -12.51 37.72 -58.84
N VAL F 196 -13.43 37.33 -59.72
CA VAL F 196 -14.76 37.89 -59.74
C VAL F 196 -15.76 36.74 -59.64
N PRO F 197 -16.94 36.95 -59.06
CA PRO F 197 -17.88 35.85 -58.89
C PRO F 197 -18.57 35.48 -60.20
N ILE F 198 -19.17 34.30 -60.19
CA ILE F 198 -20.09 33.87 -61.24
C ILE F 198 -21.50 34.03 -60.68
N PRO F 199 -22.33 34.91 -61.23
CA PRO F 199 -23.67 35.11 -60.66
C PRO F 199 -24.49 33.84 -60.72
N VAL F 200 -25.41 33.70 -59.74
CA VAL F 200 -26.13 32.45 -59.60
C VAL F 200 -27.07 32.18 -60.76
N SER F 201 -27.53 33.23 -61.46
CA SER F 201 -28.27 33.01 -62.69
C SER F 201 -27.42 32.25 -63.70
N GLU F 202 -26.18 32.70 -63.89
CA GLU F 202 -25.28 32.02 -64.81
C GLU F 202 -25.00 30.59 -64.35
N ILE F 203 -24.77 30.39 -63.05
CA ILE F 203 -24.52 29.04 -62.55
C ILE F 203 -25.71 28.14 -62.87
N THR F 204 -26.87 28.47 -62.28
CA THR F 204 -28.04 27.60 -62.35
C THR F 204 -28.68 27.55 -63.73
N ASP F 205 -28.27 28.38 -64.68
CA ASP F 205 -28.81 28.30 -66.02
C ASP F 205 -27.81 27.88 -67.08
N THR F 206 -26.52 27.85 -66.78
CA THR F 206 -25.61 27.35 -67.80
C THR F 206 -24.68 26.27 -67.29
N ILE F 207 -24.16 26.39 -66.07
CA ILE F 207 -23.18 25.42 -65.59
C ILE F 207 -23.87 24.14 -65.16
N ASP F 208 -24.95 24.26 -64.39
CA ASP F 208 -25.71 23.11 -63.93
C ASP F 208 -26.77 22.69 -64.93
N LYS F 209 -26.80 23.31 -66.10
CA LYS F 209 -27.68 22.90 -67.20
C LYS F 209 -26.91 22.24 -68.34
N PHE F 210 -25.82 22.85 -68.80
CA PHE F 210 -25.05 22.33 -69.92
C PHE F 210 -23.60 22.05 -69.58
N GLY F 211 -23.12 22.42 -68.40
CA GLY F 211 -21.73 22.22 -68.06
C GLY F 211 -20.79 23.15 -68.80
N LYS F 212 -21.21 24.38 -69.02
CA LYS F 212 -20.43 25.37 -69.75
C LYS F 212 -20.45 26.68 -68.99
N CYS F 213 -19.46 27.53 -69.26
CA CYS F 213 -19.36 28.83 -68.60
C CYS F 213 -19.10 29.89 -69.65
N SER F 214 -19.84 30.99 -69.56
CA SER F 214 -19.67 32.09 -70.50
C SER F 214 -18.25 32.64 -70.43
N SER F 215 -17.77 33.13 -71.57
CA SER F 215 -16.42 33.68 -71.68
C SER F 215 -16.38 35.16 -71.33
N LYS F 216 -17.49 35.73 -70.88
CA LYS F 216 -17.58 37.14 -70.54
C LYS F 216 -17.86 37.28 -69.05
N ALA F 217 -16.97 37.98 -68.35
CA ALA F 217 -17.16 38.24 -66.93
C ALA F 217 -17.94 39.53 -66.74
N THR F 218 -18.99 39.48 -65.94
CA THR F 218 -19.77 40.66 -65.59
C THR F 218 -19.84 40.74 -64.08
N TYR F 219 -19.29 41.81 -63.51
CA TYR F 219 -19.17 41.93 -62.07
C TYR F 219 -19.33 43.39 -61.69
N VAL F 220 -19.02 43.71 -60.44
CA VAL F 220 -19.17 45.05 -59.90
C VAL F 220 -17.90 45.38 -59.13
N ARG F 221 -17.18 46.39 -59.59
CA ARG F 221 -16.01 46.91 -58.91
C ARG F 221 -16.13 48.42 -58.78
N ASN F 222 -15.74 48.93 -57.62
CA ASN F 222 -15.79 50.37 -57.32
C ASN F 222 -17.20 50.91 -57.47
N ASN F 223 -18.19 50.08 -57.18
CA ASN F 223 -19.62 50.35 -57.28
C ASN F 223 -20.12 50.47 -58.71
N HIS F 224 -19.29 50.14 -59.70
CA HIS F 224 -19.67 50.24 -61.11
C HIS F 224 -19.79 48.85 -61.73
N LYS F 225 -20.73 48.68 -62.63
CA LYS F 225 -20.92 47.41 -63.33
C LYS F 225 -19.88 47.31 -64.43
N VAL F 226 -18.87 46.48 -64.19
CA VAL F 226 -17.73 46.31 -65.06
C VAL F 226 -17.89 45.00 -65.83
N GLU F 227 -17.19 44.89 -66.96
CA GLU F 227 -17.18 43.67 -67.74
C GLU F 227 -15.76 43.32 -68.13
N ALA F 228 -15.60 42.18 -68.81
CA ALA F 228 -14.33 41.71 -69.30
C ALA F 228 -14.59 40.57 -70.26
N PHE F 229 -13.78 40.48 -71.31
CA PHE F 229 -13.95 39.48 -72.36
C PHE F 229 -12.63 38.74 -72.55
N ASN F 230 -12.70 37.41 -72.57
CA ASN F 230 -11.50 36.62 -72.80
C ASN F 230 -10.97 36.89 -74.20
N GLU F 231 -9.68 37.24 -74.28
CA GLU F 231 -8.99 37.57 -75.52
C GLU F 231 -9.59 38.77 -76.23
N ASP F 232 -10.48 39.49 -75.56
CA ASP F 232 -11.12 40.68 -76.10
C ASP F 232 -11.90 40.35 -77.38
N LYS F 233 -12.61 39.23 -77.36
CA LYS F 233 -13.37 38.74 -78.50
C LYS F 233 -14.85 38.71 -78.14
N ASN F 234 -15.64 38.15 -79.03
CA ASN F 234 -17.06 37.98 -78.75
C ASN F 234 -17.25 36.86 -77.72
N PRO F 235 -18.21 37.00 -76.81
CA PRO F 235 -18.37 36.00 -75.76
C PRO F 235 -18.86 34.67 -76.31
N GLN F 236 -18.39 33.59 -75.67
CA GLN F 236 -18.83 32.24 -76.02
C GLN F 236 -19.30 31.52 -74.76
N ASP F 237 -19.61 30.23 -74.88
CA ASP F 237 -19.85 29.36 -73.74
C ASP F 237 -18.89 28.18 -73.86
N MET F 238 -17.87 28.19 -73.06
CA MET F 238 -16.82 27.19 -73.15
C MET F 238 -17.09 26.05 -72.18
N PRO F 239 -16.71 24.83 -72.54
CA PRO F 239 -16.93 23.69 -71.64
C PRO F 239 -15.98 23.71 -70.46
N LEU F 240 -16.47 23.22 -69.34
CA LEU F 240 -15.69 23.13 -68.11
C LEU F 240 -14.92 21.81 -68.13
N ILE F 241 -13.59 21.90 -68.06
CA ILE F 241 -12.72 20.74 -68.20
C ILE F 241 -11.98 20.53 -66.90
N ALA F 242 -11.84 19.27 -66.50
CA ALA F 242 -11.20 18.94 -65.24
C ALA F 242 -9.72 19.30 -65.27
N SER F 243 -9.21 19.70 -64.10
CA SER F 243 -7.79 19.97 -63.97
C SER F 243 -6.97 18.69 -64.13
N LYS F 244 -5.70 18.87 -64.46
CA LYS F 244 -4.82 17.71 -64.55
C LYS F 244 -4.55 17.10 -63.20
N TYR F 245 -4.71 17.86 -62.11
CA TYR F 245 -4.43 17.41 -60.76
C TYR F 245 -5.67 16.95 -60.01
N ASN F 246 -6.73 16.59 -60.73
CA ASN F 246 -7.99 16.22 -60.07
C ASN F 246 -7.83 14.85 -59.43
N SER F 247 -7.21 14.84 -58.26
CA SER F 247 -7.16 13.65 -57.43
C SER F 247 -8.47 13.58 -56.62
N VAL F 248 -8.50 12.71 -55.61
CA VAL F 248 -9.71 12.55 -54.82
C VAL F 248 -9.97 13.81 -53.99
N GLY F 249 -11.25 14.12 -53.80
CA GLY F 249 -11.65 15.20 -52.92
C GLY F 249 -11.53 16.58 -53.52
N SER F 250 -10.30 17.09 -53.64
CA SER F 250 -10.06 18.45 -54.12
C SER F 250 -10.05 18.41 -55.64
N LYS F 251 -11.18 18.76 -56.25
CA LYS F 251 -11.32 18.78 -57.70
C LYS F 251 -11.64 20.18 -58.17
N ALA F 252 -11.29 20.47 -59.41
CA ALA F 252 -11.52 21.78 -60.00
C ALA F 252 -11.69 21.66 -61.50
N TRP F 253 -12.67 22.36 -62.05
CA TRP F 253 -12.95 22.38 -63.47
C TRP F 253 -12.82 23.80 -63.98
N HIS F 254 -11.97 24.00 -65.00
CA HIS F 254 -11.75 25.32 -65.56
C HIS F 254 -11.84 25.25 -67.09
N THR F 255 -11.90 26.43 -67.72
CA THR F 255 -12.15 26.53 -69.15
C THR F 255 -10.92 26.85 -69.99
N THR F 256 -9.94 27.57 -69.45
CA THR F 256 -8.82 28.08 -70.21
C THR F 256 -7.50 27.65 -69.57
N ASN F 257 -6.59 27.12 -70.39
CA ASN F 257 -5.23 26.86 -69.94
C ASN F 257 -4.27 27.97 -70.30
N ASP F 258 -4.70 28.95 -71.08
CA ASP F 258 -3.82 29.97 -71.63
C ASP F 258 -4.14 31.33 -71.04
N THR F 259 -3.14 32.20 -71.05
CA THR F 259 -3.31 33.58 -70.63
C THR F 259 -2.98 34.48 -71.82
N TYR F 260 -3.89 35.39 -72.14
CA TYR F 260 -3.80 36.20 -73.34
C TYR F 260 -3.03 37.49 -73.07
N MET F 261 -2.05 37.77 -73.94
CA MET F 261 -1.39 39.07 -73.94
C MET F 261 -0.88 39.32 -75.35
N VAL F 262 -0.74 40.60 -75.68
CA VAL F 262 -0.26 41.03 -76.99
C VAL F 262 0.80 42.10 -76.79
N ALA F 263 1.74 42.16 -77.74
CA ALA F 263 2.88 43.07 -77.66
C ALA F 263 2.67 44.32 -78.51
N GLY F 264 2.43 44.15 -79.80
CA GLY F 264 2.24 45.29 -80.69
C GLY F 264 3.51 45.69 -81.41
N THR F 265 3.40 46.81 -82.12
CA THR F 265 4.53 47.34 -82.87
C THR F 265 5.51 48.05 -81.93
N PRO F 266 6.81 47.90 -82.16
CA PRO F 266 7.81 48.46 -81.23
C PRO F 266 7.60 49.95 -81.00
N GLY F 267 7.30 50.30 -79.75
CA GLY F 267 7.14 51.67 -79.34
C GLY F 267 5.77 51.98 -78.77
N THR F 268 4.90 50.99 -78.61
CA THR F 268 3.55 51.21 -78.13
C THR F 268 3.21 50.23 -77.02
N TYR F 269 2.24 50.60 -76.21
CA TYR F 269 1.71 49.73 -75.18
C TYR F 269 0.49 49.00 -75.72
N ARG F 270 0.36 47.74 -75.36
CA ARG F 270 -0.80 46.94 -75.74
C ARG F 270 -1.34 46.24 -74.52
N THR F 271 -2.66 46.16 -74.41
CA THR F 271 -3.32 45.56 -73.27
C THR F 271 -4.13 44.35 -73.69
N GLY F 272 -3.95 43.24 -72.98
CA GLY F 272 -4.70 42.03 -73.21
C GLY F 272 -5.69 41.78 -72.08
N THR F 273 -6.30 40.59 -72.13
CA THR F 273 -7.26 40.21 -71.11
C THR F 273 -7.56 38.71 -71.16
N SER F 274 -7.45 38.04 -70.03
CA SER F 274 -7.89 36.67 -69.90
C SER F 274 -9.14 36.61 -69.03
N VAL F 275 -9.89 35.52 -69.20
CA VAL F 275 -10.99 35.18 -68.30
C VAL F 275 -11.02 33.67 -68.19
N ASN F 276 -10.96 33.17 -66.96
CA ASN F 276 -10.88 31.73 -66.70
C ASN F 276 -11.96 31.38 -65.70
N CYS F 277 -13.00 30.69 -66.15
CA CYS F 277 -14.04 30.18 -65.26
C CYS F 277 -13.45 29.04 -64.44
N ILE F 278 -13.53 29.15 -63.11
CA ILE F 278 -12.95 28.16 -62.22
C ILE F 278 -14.00 27.73 -61.22
N ILE F 279 -14.32 26.45 -61.19
CA ILE F 279 -15.22 25.85 -60.22
C ILE F 279 -14.42 24.85 -59.41
N GLU F 280 -14.28 25.10 -58.10
CA GLU F 280 -13.53 24.24 -57.20
C GLU F 280 -14.43 23.69 -56.11
N GLU F 281 -14.28 22.41 -55.82
CA GLU F 281 -14.86 21.82 -54.62
C GLU F 281 -13.92 22.05 -53.45
N VAL F 282 -14.37 22.82 -52.47
CA VAL F 282 -13.54 23.18 -51.33
C VAL F 282 -14.06 22.46 -50.08
N GLU F 283 -13.28 22.55 -49.01
CA GLU F 283 -13.68 22.07 -47.70
C GLU F 283 -13.95 23.28 -46.82
N ALA F 284 -15.20 23.44 -46.40
CA ALA F 284 -15.54 24.53 -45.52
C ALA F 284 -15.35 24.10 -44.07
N ARG F 285 -15.35 25.08 -43.17
CA ARG F 285 -14.85 24.87 -41.82
C ARG F 285 -15.37 25.99 -40.94
N SER F 286 -16.07 25.64 -39.88
CA SER F 286 -16.68 26.64 -39.02
C SER F 286 -16.49 26.25 -37.55
N ILE F 287 -16.27 27.24 -36.70
CA ILE F 287 -16.08 27.03 -35.28
C ILE F 287 -17.12 27.82 -34.51
N PHE F 288 -17.29 27.45 -33.25
CA PHE F 288 -18.32 28.06 -32.41
C PHE F 288 -18.10 29.57 -32.31
N PRO F 289 -19.18 30.38 -32.32
CA PRO F 289 -20.60 30.00 -32.37
C PRO F 289 -21.19 29.81 -33.76
N TYR F 290 -20.37 29.45 -34.74
CA TYR F 290 -20.83 29.14 -36.09
C TYR F 290 -21.57 30.32 -36.71
N ASP F 291 -20.87 31.45 -36.82
CA ASP F 291 -21.40 32.63 -37.48
C ASP F 291 -20.49 33.08 -38.62
N SER F 292 -19.67 32.19 -39.14
CA SER F 292 -18.75 32.42 -40.23
C SER F 292 -18.13 31.08 -40.59
N PHE F 293 -17.61 30.98 -41.80
CA PHE F 293 -16.87 29.78 -42.15
C PHE F 293 -15.77 30.14 -43.13
N GLY F 294 -14.62 29.50 -42.96
CA GLY F 294 -13.50 29.67 -43.86
C GLY F 294 -13.43 28.54 -44.86
N LEU F 295 -12.82 28.82 -46.00
CA LEU F 295 -12.75 27.88 -47.10
C LEU F 295 -11.30 27.43 -47.31
N SER F 296 -11.16 26.31 -48.02
CA SER F 296 -9.84 25.80 -48.39
C SER F 296 -9.07 26.78 -49.25
N THR F 297 -9.75 27.72 -49.89
CA THR F 297 -9.11 28.76 -50.68
C THR F 297 -8.56 29.87 -49.82
N GLY F 298 -8.96 29.96 -48.56
CA GLY F 298 -8.47 30.98 -47.65
C GLY F 298 -9.47 32.06 -47.34
N ASP F 299 -10.69 31.94 -47.83
CA ASP F 299 -11.67 33.01 -47.76
C ASP F 299 -12.56 32.84 -46.53
N ILE F 300 -12.75 33.92 -45.80
CA ILE F 300 -13.72 33.94 -44.70
C ILE F 300 -15.06 34.37 -45.26
N ILE F 301 -16.10 33.60 -44.96
CA ILE F 301 -17.46 33.92 -45.38
C ILE F 301 -18.22 34.32 -44.12
N TYR F 302 -18.51 35.62 -44.00
CA TYR F 302 -19.10 36.17 -42.79
C TYR F 302 -20.59 35.91 -42.73
N MET F 303 -20.93 34.64 -42.82
CA MET F 303 -22.31 34.18 -42.75
C MET F 303 -22.32 32.78 -42.16
N SER F 304 -23.28 32.50 -41.29
CA SER F 304 -23.33 31.21 -40.63
C SER F 304 -23.60 30.11 -41.64
N PRO F 305 -22.99 28.92 -41.48
CA PRO F 305 -23.27 27.82 -42.40
C PRO F 305 -24.69 27.34 -42.36
N PHE F 306 -25.50 27.81 -41.43
CA PHE F 306 -26.87 27.37 -41.25
C PHE F 306 -27.88 28.47 -41.52
N PHE F 307 -27.43 29.57 -42.13
CA PHE F 307 -28.34 30.60 -42.59
C PHE F 307 -29.20 30.05 -43.72
N GLY F 308 -30.48 30.36 -43.68
CA GLY F 308 -31.41 29.87 -44.67
C GLY F 308 -32.64 30.74 -44.72
N LEU F 309 -33.70 30.19 -45.29
CA LEU F 309 -34.96 30.91 -45.41
C LEU F 309 -36.10 30.28 -44.62
N ARG F 310 -36.01 29.01 -44.27
CA ARG F 310 -37.05 28.30 -43.53
C ARG F 310 -36.53 27.90 -42.16
N ASP F 311 -37.41 27.27 -41.38
CA ASP F 311 -37.03 26.63 -40.11
C ASP F 311 -36.36 27.60 -39.15
N GLY F 312 -36.72 28.88 -39.21
CA GLY F 312 -36.11 29.87 -38.35
C GLY F 312 -34.63 30.08 -38.58
N ALA F 313 -34.12 29.57 -39.71
CA ALA F 313 -32.72 29.73 -40.04
C ALA F 313 -32.39 31.15 -40.44
N TYR F 314 -33.37 31.92 -40.91
CA TYR F 314 -33.16 33.32 -41.29
C TYR F 314 -32.74 34.20 -40.12
N ARG F 315 -32.76 33.66 -38.90
CA ARG F 315 -32.36 34.41 -37.71
C ARG F 315 -30.91 34.14 -37.30
N GLU F 316 -30.17 33.40 -38.13
CA GLU F 316 -28.75 33.22 -37.90
C GLU F 316 -28.00 34.50 -38.25
N HIS F 317 -26.68 34.46 -38.19
CA HIS F 317 -25.86 35.64 -38.39
C HIS F 317 -25.48 35.79 -39.86
N SER F 318 -25.42 37.03 -40.32
CA SER F 318 -25.01 37.31 -41.68
C SER F 318 -24.52 38.74 -41.76
N ASN F 319 -23.28 38.93 -42.24
CA ASN F 319 -22.72 40.25 -42.47
C ASN F 319 -22.99 40.77 -43.87
N TYR F 320 -23.87 40.12 -44.61
CA TYR F 320 -24.14 40.45 -46.00
C TYR F 320 -25.58 40.92 -46.16
N ALA F 321 -25.82 41.61 -47.27
CA ALA F 321 -27.17 42.00 -47.62
C ALA F 321 -27.95 40.80 -48.13
N MET F 322 -29.27 40.84 -47.96
CA MET F 322 -30.10 39.70 -48.32
C MET F 322 -30.21 39.50 -49.82
N ASP F 323 -29.66 40.41 -50.62
CA ASP F 323 -29.69 40.27 -52.07
C ASP F 323 -28.59 39.35 -52.58
N ARG F 324 -27.51 39.18 -51.81
CA ARG F 324 -26.42 38.30 -52.19
C ARG F 324 -26.72 36.83 -51.92
N PHE F 325 -27.76 36.53 -51.13
CA PHE F 325 -28.03 35.18 -50.69
C PHE F 325 -29.21 34.59 -51.45
N HIS F 326 -29.01 33.39 -52.01
CA HIS F 326 -30.05 32.67 -52.73
C HIS F 326 -30.15 31.25 -52.21
N GLN F 327 -31.39 30.76 -52.07
CA GLN F 327 -31.64 29.39 -51.67
C GLN F 327 -32.55 28.72 -52.70
N PHE F 328 -32.20 27.49 -53.08
CA PHE F 328 -32.93 26.74 -54.09
C PHE F 328 -33.37 25.41 -53.48
N GLU F 329 -34.63 25.32 -53.08
CA GLU F 329 -35.16 24.11 -52.48
C GLU F 329 -35.39 23.05 -53.56
N GLY F 330 -34.86 21.85 -53.33
CA GLY F 330 -34.94 20.80 -54.31
C GLY F 330 -33.93 20.92 -55.43
N TYR F 331 -32.85 21.67 -55.22
CA TYR F 331 -31.87 21.93 -56.27
C TYR F 331 -31.12 20.65 -56.62
N ARG F 332 -30.96 20.39 -57.90
CA ARG F 332 -30.22 19.23 -58.40
C ARG F 332 -28.91 19.71 -59.00
N GLN F 333 -27.83 19.53 -58.25
CA GLN F 333 -26.51 19.89 -58.74
C GLN F 333 -26.11 18.98 -59.89
N ARG F 334 -25.13 19.42 -60.66
CA ARG F 334 -24.62 18.67 -61.80
C ARG F 334 -23.19 18.22 -61.51
N ASP F 335 -22.93 16.92 -61.71
CA ASP F 335 -21.58 16.40 -61.59
C ASP F 335 -20.84 16.67 -62.88
N LEU F 336 -19.82 17.54 -62.82
CA LEU F 336 -19.14 17.96 -64.03
C LEU F 336 -18.27 16.88 -64.65
N ASP F 337 -18.20 15.70 -64.04
CA ASP F 337 -17.46 14.57 -64.61
C ASP F 337 -18.37 13.57 -65.29
N THR F 338 -19.42 13.12 -64.62
CA THR F 338 -20.38 12.20 -65.20
C THR F 338 -21.50 12.90 -65.95
N ARG F 339 -21.47 14.23 -65.99
CA ARG F 339 -22.42 15.04 -66.75
C ARG F 339 -23.87 14.81 -66.33
N ALA F 340 -24.08 14.23 -65.16
CA ALA F 340 -25.41 13.84 -64.71
C ALA F 340 -25.80 14.65 -63.49
N LEU F 341 -27.09 14.97 -63.39
CA LEU F 341 -27.59 15.68 -62.24
C LEU F 341 -27.54 14.81 -60.99
N LEU F 342 -27.25 15.42 -59.85
CA LEU F 342 -27.24 14.74 -58.58
C LEU F 342 -28.66 14.73 -58.00
N GLU F 343 -28.80 14.31 -56.77
CA GLU F 343 -30.12 14.20 -56.17
C GLU F 343 -30.54 15.52 -55.53
N PRO F 344 -31.84 15.80 -55.48
CA PRO F 344 -32.30 17.11 -55.02
C PRO F 344 -31.92 17.36 -53.56
N ALA F 345 -31.56 18.61 -53.29
CA ALA F 345 -31.17 19.03 -51.95
C ALA F 345 -31.13 20.55 -51.88
N ALA F 346 -31.69 21.14 -50.83
CA ALA F 346 -31.65 22.59 -50.66
C ALA F 346 -30.22 23.08 -50.69
N ARG F 347 -29.99 24.18 -51.40
CA ARG F 347 -28.63 24.66 -51.65
C ARG F 347 -28.60 26.17 -51.51
N ASN F 348 -27.73 26.66 -50.62
CA ASN F 348 -27.52 28.09 -50.44
C ASN F 348 -26.45 28.58 -51.40
N PHE F 349 -26.63 29.80 -51.88
CA PHE F 349 -25.66 30.47 -52.73
C PHE F 349 -25.43 31.86 -52.18
N LEU F 350 -24.17 32.27 -52.09
CA LEU F 350 -23.84 33.61 -51.64
C LEU F 350 -22.83 34.20 -52.60
N VAL F 351 -23.11 35.40 -53.09
CA VAL F 351 -22.25 36.08 -54.05
C VAL F 351 -21.36 37.04 -53.26
N THR F 352 -20.19 36.57 -52.90
CA THR F 352 -19.16 37.40 -52.31
C THR F 352 -18.51 38.25 -53.40
N PRO F 353 -18.07 39.48 -53.09
CA PRO F 353 -17.42 40.32 -54.10
C PRO F 353 -16.34 39.66 -54.95
N HIS F 354 -15.74 38.57 -54.47
CA HIS F 354 -14.66 37.91 -55.21
C HIS F 354 -14.94 36.47 -55.58
N LEU F 355 -16.10 35.91 -55.22
CA LEU F 355 -16.46 34.55 -55.58
C LEU F 355 -17.88 34.28 -55.14
N THR F 356 -18.42 33.17 -55.62
CA THR F 356 -19.75 32.69 -55.24
C THR F 356 -19.59 31.36 -54.53
N VAL F 357 -20.06 31.28 -53.30
CA VAL F 357 -20.00 30.06 -52.52
C VAL F 357 -21.35 29.37 -52.62
N GLY F 358 -21.34 28.06 -52.79
CA GLY F 358 -22.57 27.29 -52.75
C GLY F 358 -22.42 26.08 -51.87
N TRP F 359 -23.37 25.86 -50.95
CA TRP F 359 -23.29 24.70 -50.08
C TRP F 359 -24.69 24.19 -49.79
N ASN F 360 -24.81 22.87 -49.70
CA ASN F 360 -26.09 22.25 -49.37
C ASN F 360 -26.48 22.60 -47.94
N TRP F 361 -27.71 23.07 -47.77
CA TRP F 361 -28.17 23.53 -46.47
C TRP F 361 -28.60 22.37 -45.58
N LYS F 362 -28.19 22.44 -44.31
CA LYS F 362 -28.49 21.46 -43.30
C LYS F 362 -28.77 22.20 -42.00
N PRO F 363 -29.77 21.77 -41.24
CA PRO F 363 -30.15 22.50 -40.03
C PRO F 363 -29.08 22.40 -38.94
N LYS F 364 -29.03 23.44 -38.11
CA LYS F 364 -28.00 23.53 -37.08
C LYS F 364 -28.15 22.44 -36.03
N ARG F 365 -29.39 22.02 -35.74
CA ARG F 365 -29.66 21.11 -34.65
C ARG F 365 -29.12 19.71 -34.91
N THR F 366 -28.88 19.34 -36.16
CA THR F 366 -28.48 17.98 -36.50
C THR F 366 -27.04 17.87 -36.95
N GLU F 367 -26.30 18.97 -36.97
CA GLU F 367 -24.93 18.95 -37.50
C GLU F 367 -23.87 19.29 -36.47
N VAL F 368 -24.14 20.24 -35.58
CA VAL F 368 -23.16 20.66 -34.57
C VAL F 368 -23.62 20.15 -33.21
N CYS F 369 -22.64 19.92 -32.34
CA CYS F 369 -22.90 19.29 -31.05
C CYS F 369 -21.76 19.66 -30.12
N SER F 370 -22.09 20.16 -28.92
CA SER F 370 -21.06 20.61 -27.99
C SER F 370 -20.27 19.48 -27.39
N LEU F 371 -20.86 18.29 -27.30
CA LEU F 371 -20.24 17.15 -26.65
C LEU F 371 -20.02 16.05 -27.66
N VAL F 372 -18.91 15.32 -27.49
CA VAL F 372 -18.59 14.20 -28.34
C VAL F 372 -18.28 13.01 -27.45
N LYS F 373 -18.64 11.83 -27.91
CA LYS F 373 -18.39 10.62 -27.14
C LYS F 373 -16.90 10.38 -27.03
N TRP F 374 -16.43 10.22 -25.80
CA TRP F 374 -15.04 9.88 -25.54
C TRP F 374 -14.85 8.37 -25.43
N ARG F 375 -15.65 7.72 -24.61
CA ARG F 375 -15.44 6.31 -24.31
C ARG F 375 -16.74 5.71 -23.82
N GLU F 376 -17.11 4.55 -24.37
CA GLU F 376 -18.21 3.75 -23.85
C GLU F 376 -17.64 2.70 -22.91
N VAL F 377 -18.24 2.55 -21.74
CA VAL F 377 -17.74 1.64 -20.72
C VAL F 377 -18.84 0.62 -20.40
N GLU F 378 -18.53 -0.65 -20.59
CA GLU F 378 -19.55 -1.69 -20.45
C GLU F 378 -19.82 -2.04 -18.99
N ASP F 379 -18.78 -2.09 -18.15
CA ASP F 379 -18.92 -2.43 -16.75
C ASP F 379 -18.37 -1.30 -15.87
N VAL F 380 -19.28 -0.53 -15.27
CA VAL F 380 -18.90 0.51 -14.33
C VAL F 380 -19.52 0.16 -12.98
N VAL F 381 -19.09 0.87 -11.95
CA VAL F 381 -19.59 0.69 -10.59
C VAL F 381 -19.78 2.07 -9.98
N ARG F 382 -21.01 2.39 -9.61
CA ARG F 382 -21.32 3.68 -8.99
C ARG F 382 -21.37 3.50 -7.49
N ASP F 383 -20.47 4.17 -6.79
CA ASP F 383 -20.41 4.15 -5.34
C ASP F 383 -21.06 5.41 -4.78
N GLU F 384 -21.27 5.42 -3.47
CA GLU F 384 -22.05 6.45 -2.80
C GLU F 384 -21.25 7.03 -1.63
N TYR F 385 -20.04 7.49 -1.93
CA TYR F 385 -19.21 8.13 -0.93
C TYR F 385 -19.94 9.33 -0.34
N ALA F 386 -19.36 9.87 0.75
CA ALA F 386 -19.99 10.97 1.45
C ALA F 386 -20.07 12.20 0.55
N HIS F 387 -21.29 12.61 0.20
CA HIS F 387 -21.64 13.80 -0.57
C HIS F 387 -21.35 13.67 -2.06
N ASN F 388 -20.82 12.55 -2.52
CA ASN F 388 -20.39 12.45 -3.91
C ASN F 388 -20.61 11.04 -4.43
N PHE F 389 -20.90 10.95 -5.72
CA PHE F 389 -20.86 9.69 -6.44
C PHE F 389 -19.44 9.40 -6.90
N ARG F 390 -19.16 8.13 -7.17
CA ARG F 390 -17.89 7.71 -7.72
C ARG F 390 -18.17 6.64 -8.76
N PHE F 391 -17.57 6.79 -9.93
CA PHE F 391 -17.75 5.85 -11.03
C PHE F 391 -16.42 5.16 -11.28
N THR F 392 -16.31 3.91 -10.86
CA THR F 392 -15.10 3.14 -11.01
C THR F 392 -15.21 2.29 -12.25
N MET F 393 -14.23 2.39 -13.14
CA MET F 393 -14.21 1.67 -14.40
C MET F 393 -12.92 0.85 -14.42
N LYS F 394 -13.04 -0.43 -14.10
CA LYS F 394 -11.86 -1.27 -13.89
C LYS F 394 -11.18 -1.65 -15.20
N THR F 395 -11.89 -1.57 -16.33
CA THR F 395 -11.26 -1.85 -17.61
C THR F 395 -10.43 -0.66 -18.09
N LEU F 396 -10.81 0.55 -17.72
CA LEU F 396 -10.03 1.73 -18.06
C LEU F 396 -9.04 2.11 -16.97
N SER F 397 -9.22 1.58 -15.75
CA SER F 397 -8.44 1.99 -14.58
C SER F 397 -8.63 3.48 -14.31
N THR F 398 -9.89 3.92 -14.38
CA THR F 398 -10.25 5.31 -14.26
C THR F 398 -11.43 5.45 -13.31
N THR F 399 -11.37 6.42 -12.40
CA THR F 399 -12.45 6.69 -11.46
C THR F 399 -12.88 8.14 -11.60
N PHE F 400 -14.12 8.34 -12.02
CA PHE F 400 -14.72 9.66 -12.12
C PHE F 400 -15.55 9.94 -10.87
N ILE F 401 -15.58 11.21 -10.47
CA ILE F 401 -16.24 11.62 -9.24
C ILE F 401 -17.24 12.72 -9.58
N SER F 402 -18.52 12.39 -9.50
CA SER F 402 -19.60 13.32 -9.76
C SER F 402 -20.15 13.86 -8.45
N GLU F 403 -21.22 14.62 -8.54
CA GLU F 403 -22.04 14.97 -7.40
C GLU F 403 -23.21 14.02 -7.30
N THR F 404 -23.93 14.08 -6.18
CA THR F 404 -25.10 13.23 -6.04
C THR F 404 -26.27 13.71 -6.90
N ASN F 405 -26.20 14.93 -7.43
CA ASN F 405 -27.26 15.48 -8.24
C ASN F 405 -27.11 15.03 -9.69
N GLU F 406 -28.24 14.97 -10.39
CA GLU F 406 -28.18 14.77 -11.83
C GLU F 406 -27.76 16.07 -12.50
N PHE F 407 -27.24 15.94 -13.73
CA PHE F 407 -26.91 17.08 -14.56
C PHE F 407 -27.95 17.22 -15.66
N ASN F 408 -28.54 18.40 -15.77
CA ASN F 408 -29.50 18.70 -16.82
C ASN F 408 -28.73 19.20 -18.03
N LEU F 409 -28.73 18.41 -19.10
CA LEU F 409 -28.01 18.78 -20.31
C LEU F 409 -28.70 19.90 -21.08
N ASN F 410 -29.77 20.48 -20.55
CA ASN F 410 -30.39 21.64 -21.16
C ASN F 410 -29.65 22.93 -20.84
N GLN F 411 -28.81 22.92 -19.82
CA GLN F 411 -27.96 24.08 -19.52
C GLN F 411 -26.81 24.23 -20.49
N ILE F 412 -26.59 23.26 -21.38
CA ILE F 412 -25.46 23.25 -22.28
C ILE F 412 -25.94 23.48 -23.70
N HIS F 413 -25.21 24.30 -24.45
CA HIS F 413 -25.55 24.56 -25.84
C HIS F 413 -25.42 23.30 -26.67
N LEU F 414 -26.39 23.06 -27.54
CA LEU F 414 -26.27 22.07 -28.61
C LEU F 414 -26.02 20.67 -28.06
N SER F 415 -26.79 20.28 -27.06
CA SER F 415 -26.62 18.99 -26.41
C SER F 415 -27.68 17.97 -26.80
N GLN F 416 -28.32 18.15 -27.96
CA GLN F 416 -29.40 17.27 -28.37
C GLN F 416 -28.93 15.87 -28.73
N CYS F 417 -27.63 15.70 -28.99
CA CYS F 417 -27.12 14.41 -29.45
C CYS F 417 -27.10 13.40 -28.31
N VAL F 418 -26.66 13.84 -27.13
CA VAL F 418 -26.16 12.95 -26.10
C VAL F 418 -27.22 11.95 -25.69
N LYS F 419 -28.44 12.42 -25.45
CA LYS F 419 -29.51 11.56 -24.97
C LYS F 419 -29.70 10.34 -25.86
N GLU F 420 -29.99 10.57 -27.14
CA GLU F 420 -30.31 9.45 -28.02
C GLU F 420 -29.07 8.66 -28.40
N GLU F 421 -27.92 9.32 -28.58
CA GLU F 421 -26.70 8.58 -28.90
C GLU F 421 -26.36 7.61 -27.78
N ALA F 422 -26.39 8.09 -26.53
CA ALA F 422 -26.10 7.23 -25.39
C ALA F 422 -27.18 6.17 -25.21
N ARG F 423 -28.44 6.49 -25.50
CA ARG F 423 -29.48 5.48 -25.42
C ARG F 423 -29.20 4.33 -26.37
N ALA F 424 -28.84 4.65 -27.63
CA ALA F 424 -28.53 3.61 -28.60
C ALA F 424 -27.32 2.79 -28.16
N ILE F 425 -26.25 3.46 -27.72
CA ILE F 425 -25.04 2.75 -27.33
C ILE F 425 -25.30 1.84 -26.14
N ILE F 426 -26.03 2.36 -25.14
CA ILE F 426 -26.31 1.60 -23.93
C ILE F 426 -27.23 0.42 -24.23
N ASN F 427 -28.21 0.62 -25.12
CA ASN F 427 -29.08 -0.48 -25.50
C ASN F 427 -28.30 -1.57 -26.22
N ARG F 428 -27.40 -1.20 -27.13
CA ARG F 428 -26.58 -2.21 -27.78
C ARG F 428 -25.72 -2.96 -26.79
N ILE F 429 -25.08 -2.25 -25.87
CA ILE F 429 -24.21 -2.88 -24.88
C ILE F 429 -25.01 -3.83 -24.00
N TYR F 430 -26.19 -3.40 -23.55
CA TYR F 430 -27.04 -4.23 -22.71
C TYR F 430 -27.45 -5.50 -23.46
N THR F 431 -27.98 -5.33 -24.67
CA THR F 431 -28.46 -6.48 -25.43
C THR F 431 -27.34 -7.45 -25.78
N THR F 432 -26.11 -6.96 -25.91
CA THR F 432 -25.02 -7.87 -26.26
C THR F 432 -24.33 -8.49 -25.07
N ARG F 433 -24.41 -7.87 -23.88
CA ARG F 433 -23.67 -8.39 -22.74
C ARG F 433 -24.54 -8.79 -21.55
N TYR F 434 -25.44 -7.91 -21.11
CA TYR F 434 -26.23 -8.15 -19.91
C TYR F 434 -27.68 -8.54 -20.22
N ASN F 435 -27.91 -9.19 -21.36
CA ASN F 435 -29.28 -9.48 -21.78
C ASN F 435 -29.96 -10.44 -20.81
N SER F 436 -29.23 -11.42 -20.29
CA SER F 436 -29.80 -12.44 -19.43
C SER F 436 -29.34 -12.37 -17.98
N SER F 437 -28.22 -11.71 -17.70
CA SER F 437 -27.69 -11.71 -16.34
C SER F 437 -28.35 -10.65 -15.47
N HIS F 438 -28.53 -9.44 -15.99
CA HIS F 438 -29.03 -8.32 -15.19
C HIS F 438 -30.33 -7.80 -15.78
N VAL F 439 -30.86 -6.77 -15.13
CA VAL F 439 -32.05 -6.05 -15.58
C VAL F 439 -31.86 -4.57 -15.29
N ARG F 440 -32.46 -3.73 -16.13
CA ARG F 440 -32.32 -2.29 -15.97
C ARG F 440 -33.05 -1.81 -14.73
N THR F 441 -32.66 -0.63 -14.25
CA THR F 441 -33.21 -0.06 -13.02
C THR F 441 -33.56 1.42 -13.22
N GLY F 442 -34.29 1.70 -14.29
CA GLY F 442 -34.73 3.05 -14.59
C GLY F 442 -34.08 3.57 -15.87
N ASP F 443 -34.46 4.81 -16.20
CA ASP F 443 -33.92 5.45 -17.38
C ASP F 443 -32.49 5.92 -17.14
N ILE F 444 -31.80 6.25 -18.23
CA ILE F 444 -30.42 6.69 -18.13
C ILE F 444 -30.32 7.97 -17.29
N GLN F 445 -29.22 8.08 -16.56
CA GLN F 445 -28.95 9.23 -15.72
C GLN F 445 -27.71 9.96 -16.22
N THR F 446 -27.71 11.27 -16.10
CA THR F 446 -26.63 12.11 -16.63
C THR F 446 -25.97 12.85 -15.48
N TYR F 447 -24.68 12.62 -15.30
CA TYR F 447 -23.90 13.26 -14.27
C TYR F 447 -22.72 14.00 -14.88
N LEU F 448 -22.38 15.14 -14.29
CA LEU F 448 -21.20 15.90 -14.69
C LEU F 448 -20.04 15.49 -13.80
N ALA F 449 -19.13 14.70 -14.34
CA ALA F 449 -17.98 14.26 -13.58
C ALA F 449 -17.03 15.43 -13.35
N ARG F 450 -15.93 15.15 -12.67
CA ARG F 450 -14.94 16.16 -12.35
C ARG F 450 -13.91 16.23 -13.46
N GLY F 451 -13.48 17.44 -13.78
CA GLY F 451 -12.60 17.64 -14.90
C GLY F 451 -13.28 17.87 -16.23
N GLY F 452 -14.60 17.96 -16.24
CA GLY F 452 -15.34 18.32 -17.43
C GLY F 452 -15.90 17.19 -18.25
N PHE F 453 -16.24 16.07 -17.65
CA PHE F 453 -16.81 14.94 -18.36
C PHE F 453 -18.28 14.80 -18.03
N VAL F 454 -18.99 14.10 -18.92
CA VAL F 454 -20.42 13.85 -18.77
C VAL F 454 -20.60 12.35 -18.84
N VAL F 455 -21.07 11.76 -17.76
CA VAL F 455 -21.30 10.33 -17.65
C VAL F 455 -22.80 10.09 -17.81
N VAL F 456 -23.18 9.42 -18.89
CA VAL F 456 -24.55 8.93 -19.06
C VAL F 456 -24.59 7.52 -18.51
N PHE F 457 -25.21 7.36 -17.34
CA PHE F 457 -25.13 6.14 -16.56
C PHE F 457 -26.48 5.43 -16.54
N GLN F 458 -26.48 4.17 -16.95
CA GLN F 458 -27.67 3.34 -16.86
C GLN F 458 -27.51 2.36 -15.71
N PRO F 459 -28.32 2.44 -14.65
CA PRO F 459 -28.16 1.51 -13.53
C PRO F 459 -28.74 0.14 -13.85
N LEU F 460 -27.96 -0.90 -13.58
CA LEU F 460 -28.38 -2.28 -13.75
C LEU F 460 -28.63 -2.92 -12.39
N LEU F 461 -29.20 -4.12 -12.43
CA LEU F 461 -29.47 -4.90 -11.23
C LEU F 461 -29.51 -6.36 -11.63
N SER F 462 -28.77 -7.20 -10.91
CA SER F 462 -28.70 -8.60 -11.28
C SER F 462 -30.05 -9.28 -11.05
N ASN F 463 -30.20 -10.46 -11.65
CA ASN F 463 -31.45 -11.19 -11.53
C ASN F 463 -31.75 -11.59 -10.08
N SER F 464 -30.74 -11.60 -9.23
CA SER F 464 -30.92 -11.87 -7.80
C SER F 464 -31.76 -10.77 -7.15
N ASN F 503 -27.39 29.70 -20.51
CA ASN F 503 -26.75 28.55 -21.11
C ASN F 503 -25.24 28.70 -21.08
N ARG F 504 -24.53 27.58 -20.98
CA ARG F 504 -23.08 27.59 -20.85
C ARG F 504 -22.50 26.45 -21.68
N THR F 505 -21.19 26.26 -21.57
CA THR F 505 -20.49 25.18 -22.23
C THR F 505 -19.61 24.48 -21.21
N ILE F 506 -19.33 23.20 -21.45
CA ILE F 506 -18.51 22.39 -20.57
C ILE F 506 -17.09 22.40 -21.11
N THR F 507 -16.12 22.64 -20.23
CA THR F 507 -14.71 22.66 -20.60
C THR F 507 -14.02 21.44 -20.02
N THR F 508 -13.43 20.62 -20.87
CA THR F 508 -12.79 19.39 -20.47
C THR F 508 -11.28 19.56 -20.43
N THR F 509 -10.66 19.05 -19.38
CA THR F 509 -9.21 19.08 -19.26
C THR F 509 -8.58 18.17 -20.32
N SER F 510 -7.27 18.30 -20.50
CA SER F 510 -6.57 17.50 -21.48
C SER F 510 -5.79 16.35 -20.84
N SER F 511 -6.26 15.85 -19.72
CA SER F 511 -5.58 14.77 -19.03
C SER F 511 -6.61 14.03 -18.17
N VAL F 512 -6.55 12.70 -18.21
CA VAL F 512 -7.35 11.87 -17.33
C VAL F 512 -6.38 11.09 -16.47
N GLU F 513 -5.22 11.72 -16.21
CA GLU F 513 -4.18 11.12 -15.34
C GLU F 513 -4.67 11.22 -13.89
N PHE F 514 -5.38 12.31 -13.55
CA PHE F 514 -5.92 12.47 -12.22
C PHE F 514 -6.94 11.39 -11.89
N ALA F 515 -7.69 10.94 -12.90
CA ALA F 515 -8.69 9.90 -12.66
C ALA F 515 -8.06 8.52 -12.56
N MET F 516 -6.97 8.28 -13.27
CA MET F 516 -6.23 7.04 -13.08
C MET F 516 -5.54 7.03 -11.72
N LEU F 517 -5.01 8.18 -11.29
CA LEU F 517 -4.50 8.31 -9.94
C LEU F 517 -5.58 8.00 -8.91
N GLN F 518 -6.79 8.51 -9.14
CA GLN F 518 -7.88 8.27 -8.20
C GLN F 518 -8.21 6.79 -8.14
N PHE F 519 -8.30 6.13 -9.29
CA PHE F 519 -8.55 4.70 -9.30
C PHE F 519 -7.47 3.94 -8.55
N THR F 520 -6.21 4.25 -8.82
CA THR F 520 -5.12 3.51 -8.18
C THR F 520 -5.12 3.72 -6.67
N TYR F 521 -5.29 4.95 -6.22
CA TYR F 521 -5.35 5.20 -4.79
C TYR F 521 -6.54 4.50 -4.15
N ASP F 522 -7.70 4.55 -4.79
CA ASP F 522 -8.87 3.86 -4.25
C ASP F 522 -8.62 2.38 -4.12
N HIS F 523 -7.98 1.77 -5.12
CA HIS F 523 -7.72 0.33 -5.10
C HIS F 523 -6.76 -0.02 -3.97
N ILE F 524 -5.60 0.63 -3.94
CA ILE F 524 -4.61 0.34 -2.90
C ILE F 524 -5.20 0.59 -1.52
N GLN F 525 -5.93 1.70 -1.37
CA GLN F 525 -6.48 2.07 -0.08
C GLN F 525 -7.51 1.06 0.40
N GLU F 526 -8.42 0.64 -0.48
CA GLU F 526 -9.42 -0.35 -0.11
C GLU F 526 -8.79 -1.68 0.27
N HIS F 527 -7.83 -2.15 -0.53
CA HIS F 527 -7.22 -3.45 -0.24
C HIS F 527 -6.42 -3.41 1.05
N VAL F 528 -5.61 -2.38 1.24
CA VAL F 528 -4.81 -2.28 2.45
C VAL F 528 -5.69 -2.12 3.67
N ASN F 529 -6.82 -1.42 3.54
CA ASN F 529 -7.71 -1.25 4.67
C ASN F 529 -8.38 -2.57 5.04
N GLU F 530 -8.78 -3.36 4.04
CA GLU F 530 -9.34 -4.67 4.35
C GLU F 530 -8.31 -5.55 5.05
N MET F 531 -7.07 -5.54 4.58
CA MET F 531 -6.05 -6.37 5.21
C MET F 531 -5.73 -5.90 6.62
N LEU F 532 -5.67 -4.59 6.85
CA LEU F 532 -5.45 -4.08 8.20
C LEU F 532 -6.58 -4.47 9.14
N ALA F 533 -7.82 -4.38 8.65
CA ALA F 533 -8.96 -4.79 9.47
C ALA F 533 -8.86 -6.25 9.84
N ARG F 534 -8.43 -7.09 8.91
CA ARG F 534 -8.30 -8.52 9.19
C ARG F 534 -7.19 -8.78 10.20
N ILE F 535 -6.04 -8.13 10.03
CA ILE F 535 -4.96 -8.26 11.01
C ILE F 535 -5.45 -7.89 12.39
N SER F 536 -6.23 -6.82 12.48
CA SER F 536 -6.71 -6.36 13.80
C SER F 536 -7.67 -7.35 14.43
N SER F 537 -8.64 -7.85 13.64
CA SER F 537 -9.58 -8.82 14.19
C SER F 537 -8.87 -10.09 14.66
N SER F 538 -7.93 -10.60 13.87
CA SER F 538 -7.20 -11.79 14.27
C SER F 538 -6.37 -11.53 15.52
N TRP F 539 -5.75 -10.35 15.61
CA TRP F 539 -4.94 -10.04 16.78
C TRP F 539 -5.81 -10.01 18.03
N CYS F 540 -7.00 -9.43 17.93
CA CYS F 540 -7.87 -9.38 19.09
C CYS F 540 -8.32 -10.77 19.52
N GLN F 541 -8.71 -11.61 18.55
CA GLN F 541 -9.10 -12.98 18.88
C GLN F 541 -7.95 -13.76 19.52
N LEU F 542 -6.75 -13.59 18.99
CA LEU F 542 -5.61 -14.31 19.54
C LEU F 542 -5.28 -13.86 20.95
N GLN F 543 -5.37 -12.56 21.22
CA GLN F 543 -5.12 -12.11 22.59
C GLN F 543 -6.18 -12.65 23.53
N ASN F 544 -7.44 -12.61 23.12
CA ASN F 544 -8.51 -13.12 23.96
C ASN F 544 -8.37 -14.61 24.23
N ARG F 545 -7.72 -15.33 23.32
CA ARG F 545 -7.50 -16.75 23.56
C ARG F 545 -6.29 -17.01 24.45
N GLU F 546 -5.19 -16.29 24.23
CA GLU F 546 -4.02 -16.44 25.09
C GLU F 546 -4.30 -16.00 26.53
N ARG F 547 -5.35 -15.21 26.74
CA ARG F 547 -5.75 -14.92 28.11
C ARG F 547 -6.11 -16.19 28.88
N ALA F 548 -6.63 -17.20 28.19
CA ALA F 548 -6.97 -18.45 28.86
C ALA F 548 -5.73 -19.20 29.32
N LEU F 549 -4.69 -19.22 28.49
CA LEU F 549 -3.43 -19.83 28.89
C LEU F 549 -2.81 -19.08 30.06
N TRP F 550 -2.85 -17.75 30.01
CA TRP F 550 -2.31 -16.97 31.12
C TRP F 550 -3.07 -17.25 32.41
N SER F 551 -4.40 -17.31 32.34
CA SER F 551 -5.20 -17.54 33.53
C SER F 551 -5.02 -18.96 34.06
N GLY F 552 -4.83 -19.94 33.17
CA GLY F 552 -4.64 -21.31 33.60
C GLY F 552 -3.24 -21.64 34.07
N LEU F 553 -2.26 -20.80 33.77
CA LEU F 553 -0.89 -21.10 34.19
C LEU F 553 -0.45 -20.30 35.40
N PHE F 554 -1.22 -19.32 35.86
CA PHE F 554 -0.83 -18.58 37.06
C PHE F 554 -0.70 -19.47 38.30
N PRO F 555 -1.62 -20.39 38.60
CA PRO F 555 -1.40 -21.27 39.77
C PRO F 555 -0.07 -21.99 39.76
N ILE F 556 0.44 -22.36 38.59
CA ILE F 556 1.66 -23.16 38.51
C ILE F 556 2.88 -22.33 38.86
N ASN F 557 2.97 -21.10 38.33
CA ASN F 557 4.11 -20.24 38.57
C ASN F 557 3.63 -18.80 38.57
N PRO F 558 3.22 -18.28 39.72
CA PRO F 558 2.68 -16.92 39.75
C PRO F 558 3.73 -15.83 39.64
N SER F 559 4.91 -16.07 40.20
CA SER F 559 5.94 -15.02 40.23
C SER F 559 6.51 -14.76 38.84
N ALA F 560 6.75 -15.82 38.06
CA ALA F 560 7.31 -15.64 36.74
C ALA F 560 6.33 -14.93 35.81
N LEU F 561 5.07 -15.37 35.82
CA LEU F 561 4.07 -14.74 34.97
C LEU F 561 3.80 -13.30 35.40
N ALA F 562 3.78 -13.05 36.71
CA ALA F 562 3.54 -11.69 37.17
C ALA F 562 4.73 -10.79 36.89
N SER F 563 5.94 -11.34 36.87
CA SER F 563 7.11 -10.55 36.52
C SER F 563 7.14 -10.23 35.04
N THR F 564 6.68 -11.16 34.20
CA THR F 564 6.59 -10.90 32.77
C THR F 564 5.51 -9.87 32.47
N ILE F 565 4.32 -10.05 33.05
CA ILE F 565 3.21 -9.14 32.76
C ILE F 565 3.52 -7.73 33.25
N LEU F 566 4.04 -7.61 34.47
CA LEU F 566 4.34 -6.32 35.06
C LEU F 566 5.66 -5.73 34.60
N ASP F 567 6.41 -6.44 33.76
CA ASP F 567 7.69 -5.97 33.24
C ASP F 567 8.65 -5.60 34.37
N GLN F 568 8.51 -6.27 35.51
CA GLN F 568 9.25 -5.91 36.71
C GLN F 568 9.24 -7.10 37.66
N ARG F 569 10.39 -7.39 38.27
CA ARG F 569 10.53 -8.54 39.16
C ARG F 569 9.64 -8.37 40.39
N VAL F 570 8.71 -9.30 40.59
CA VAL F 570 7.81 -9.30 41.73
C VAL F 570 7.69 -10.73 42.26
N LYS F 571 7.07 -10.84 43.44
CA LYS F 571 6.74 -12.12 44.05
C LYS F 571 5.23 -12.16 44.26
N ALA F 572 4.56 -13.14 43.67
CA ALA F 572 3.11 -13.20 43.67
C ALA F 572 2.60 -14.47 44.31
N ARG F 573 1.46 -14.35 44.98
CA ARG F 573 0.73 -15.48 45.54
C ARG F 573 -0.69 -15.48 45.00
N ILE F 574 -1.30 -16.66 44.94
CA ILE F 574 -2.69 -16.80 44.55
C ILE F 574 -3.52 -16.87 45.83
N LEU F 575 -4.22 -15.79 46.14
CA LEU F 575 -5.06 -15.71 47.34
C LEU F 575 -6.51 -16.06 46.99
N GLY F 576 -6.70 -17.25 46.46
CA GLY F 576 -8.01 -17.65 46.01
C GLY F 576 -8.25 -17.31 44.56
N ASP F 577 -9.00 -16.25 44.31
CA ASP F 577 -9.30 -15.80 42.95
C ASP F 577 -8.56 -14.53 42.57
N VAL F 578 -7.64 -14.06 43.40
CA VAL F 578 -6.88 -12.85 43.12
C VAL F 578 -5.39 -13.18 43.24
N ILE F 579 -4.57 -12.20 42.91
CA ILE F 579 -3.12 -12.35 42.90
C ILE F 579 -2.54 -11.21 43.72
N SER F 580 -1.73 -11.53 44.72
CA SER F 580 -1.12 -10.53 45.58
C SER F 580 0.35 -10.44 45.26
N VAL F 581 0.78 -9.32 44.67
CA VAL F 581 2.14 -9.15 44.22
C VAL F 581 2.93 -8.38 45.27
N SER F 582 4.25 -8.44 45.14
CA SER F 582 5.16 -7.72 46.02
C SER F 582 6.49 -7.56 45.31
N ASN F 583 7.07 -6.37 45.39
CA ASN F 583 8.28 -6.05 44.66
C ASN F 583 9.50 -6.71 45.30
N CYS F 584 10.43 -7.13 44.45
CA CYS F 584 11.66 -7.79 44.85
C CYS F 584 12.84 -6.85 44.65
N PRO F 585 13.33 -6.22 45.72
CA PRO F 585 14.47 -5.31 45.59
C PRO F 585 15.77 -6.08 45.33
N GLU F 586 16.58 -5.52 44.44
CA GLU F 586 17.81 -6.18 44.03
C GLU F 586 18.84 -6.11 45.14
N LEU F 587 19.62 -7.19 45.26
CA LEU F 587 20.61 -7.29 46.31
C LEU F 587 21.74 -6.30 46.05
N GLY F 588 21.96 -5.37 46.97
CA GLY F 588 22.94 -4.32 46.75
C GLY F 588 24.36 -4.81 46.93
N SER F 589 25.27 -3.86 46.97
CA SER F 589 26.69 -4.11 47.14
C SER F 589 26.98 -4.38 48.61
N ASP F 590 28.27 -4.38 48.96
CA ASP F 590 28.78 -4.82 50.28
C ASP F 590 28.15 -6.13 50.72
N THR F 591 27.93 -7.03 49.75
CA THR F 591 27.25 -8.29 50.00
C THR F 591 27.95 -9.39 49.23
N ARG F 592 28.46 -10.39 49.95
CA ARG F 592 29.17 -11.51 49.36
C ARG F 592 28.30 -12.75 49.47
N ILE F 593 27.90 -13.30 48.33
CA ILE F 593 27.08 -14.49 48.27
C ILE F 593 28.00 -15.68 48.05
N ILE F 594 28.07 -16.56 49.04
CA ILE F 594 28.93 -17.74 49.00
C ILE F 594 28.08 -18.95 48.67
N LEU F 595 28.62 -19.84 47.85
CA LEU F 595 27.92 -21.04 47.40
C LEU F 595 28.46 -22.25 48.16
N GLN F 596 27.56 -23.00 48.79
CA GLN F 596 27.95 -24.13 49.62
C GLN F 596 28.16 -25.38 48.77
N ASN F 597 28.98 -26.29 49.30
CA ASN F 597 29.48 -27.41 48.51
C ASN F 597 28.50 -28.58 48.45
N SER F 598 27.76 -28.83 49.52
CA SER F 598 26.89 -29.99 49.61
C SER F 598 25.44 -29.56 49.79
N MET F 599 24.54 -30.30 49.14
CA MET F 599 23.11 -30.07 49.26
C MET F 599 22.44 -31.02 50.25
N ARG F 600 23.22 -31.72 51.06
CA ARG F 600 22.69 -32.73 51.97
C ARG F 600 22.36 -32.11 53.32
N VAL F 601 21.26 -32.57 53.93
CA VAL F 601 20.92 -32.15 55.27
C VAL F 601 21.88 -32.75 56.26
N SER F 602 22.25 -31.98 57.29
CA SER F 602 23.23 -32.43 58.26
C SER F 602 22.72 -33.66 59.01
N GLY F 603 23.52 -34.72 58.98
CA GLY F 603 23.16 -35.97 59.65
C GLY F 603 22.14 -36.83 58.95
N SER F 604 21.04 -36.23 58.50
CA SER F 604 19.99 -36.99 57.82
C SER F 604 20.49 -37.50 56.47
N THR F 605 20.03 -38.69 56.10
CA THR F 605 20.41 -39.32 54.85
C THR F 605 19.22 -39.58 53.93
N THR F 606 18.01 -39.66 54.45
CA THR F 606 16.81 -39.83 53.66
C THR F 606 16.25 -38.49 53.17
N ARG F 607 16.84 -37.37 53.58
CA ARG F 607 16.34 -36.06 53.23
C ARG F 607 17.50 -35.19 52.74
N CYS F 608 17.24 -34.46 51.65
CA CYS F 608 18.25 -33.60 51.05
C CYS F 608 17.56 -32.35 50.49
N TYR F 609 18.36 -31.31 50.28
CA TYR F 609 17.85 -30.05 49.75
C TYR F 609 17.65 -30.14 48.25
N SER F 610 16.77 -29.27 47.73
CA SER F 610 16.47 -29.28 46.29
C SER F 610 17.33 -28.30 45.50
N ARG F 611 17.61 -27.13 46.06
CA ARG F 611 18.41 -26.10 45.42
C ARG F 611 19.65 -25.80 46.27
N PRO F 612 20.75 -25.37 45.65
CA PRO F 612 21.98 -25.16 46.41
C PRO F 612 21.80 -24.16 47.54
N LEU F 613 22.57 -24.35 48.60
CA LEU F 613 22.54 -23.46 49.74
C LEU F 613 23.59 -22.37 49.60
N ILE F 614 23.27 -21.19 50.08
CA ILE F 614 24.18 -20.05 50.00
C ILE F 614 24.32 -19.43 51.37
N SER F 615 25.43 -18.71 51.55
CA SER F 615 25.73 -17.98 52.78
C SER F 615 25.98 -16.53 52.39
N ILE F 616 25.05 -15.65 52.75
CA ILE F 616 25.17 -14.25 52.37
C ILE F 616 26.03 -13.54 53.40
N VAL F 617 27.35 -13.55 53.18
CA VAL F 617 28.28 -12.95 54.12
C VAL F 617 28.19 -11.43 54.02
N SER F 618 28.24 -10.75 55.16
CA SER F 618 28.12 -9.31 55.22
C SER F 618 29.49 -8.66 55.38
N LEU F 619 29.56 -7.40 54.97
CA LEU F 619 30.79 -6.63 55.07
C LEU F 619 30.73 -5.53 56.11
N ASN F 620 29.55 -5.00 56.40
CA ASN F 620 29.36 -4.02 57.45
C ASN F 620 29.36 -4.64 58.84
N GLY F 621 29.62 -5.94 58.95
CA GLY F 621 29.58 -6.61 60.23
C GLY F 621 28.22 -7.00 60.71
N SER F 622 27.22 -7.03 59.82
CA SER F 622 25.86 -7.38 60.18
C SER F 622 25.63 -8.88 60.29
N GLY F 623 26.70 -9.69 60.36
CA GLY F 623 26.54 -11.12 60.53
C GLY F 623 26.59 -11.92 59.26
N THR F 624 25.78 -12.98 59.19
CA THR F 624 25.76 -13.87 58.03
C THR F 624 24.36 -14.45 57.89
N VAL F 625 23.70 -14.13 56.80
CA VAL F 625 22.41 -14.72 56.47
C VAL F 625 22.66 -16.03 55.75
N GLU F 626 21.82 -17.03 56.00
CA GLU F 626 21.94 -18.33 55.35
C GLU F 626 20.61 -18.72 54.74
N GLY F 627 20.53 -18.68 53.41
CA GLY F 627 19.38 -19.13 52.67
C GLY F 627 19.78 -20.15 51.62
N GLN F 628 19.09 -20.10 50.49
CA GLN F 628 19.43 -20.96 49.38
C GLN F 628 19.14 -20.27 48.06
N LEU F 629 19.61 -20.89 46.98
CA LEU F 629 19.56 -20.29 45.65
C LEU F 629 18.21 -20.60 45.02
N GLY F 630 17.41 -19.58 44.80
CA GLY F 630 16.12 -19.73 44.14
C GLY F 630 16.26 -19.81 42.63
N THR F 631 15.24 -19.35 41.93
CA THR F 631 15.20 -19.41 40.48
C THR F 631 15.35 -18.00 39.92
N ASP F 632 16.04 -17.89 38.78
CA ASP F 632 16.27 -16.61 38.12
C ASP F 632 17.08 -15.67 39.00
N ASN F 633 18.06 -16.23 39.70
CA ASN F 633 18.95 -15.47 40.59
C ASN F 633 18.17 -14.83 41.73
N GLU F 634 17.18 -15.54 42.25
CA GLU F 634 16.48 -15.13 43.45
C GLU F 634 17.12 -15.80 44.65
N LEU F 635 17.46 -15.02 45.67
CA LEU F 635 18.16 -15.51 46.84
C LEU F 635 17.18 -15.58 48.01
N ILE F 636 16.67 -16.77 48.28
CA ILE F 636 15.78 -16.97 49.41
C ILE F 636 16.57 -16.83 50.71
N MET F 637 15.92 -16.29 51.74
CA MET F 637 16.53 -16.10 53.04
C MET F 637 16.22 -17.23 54.01
N SER F 638 15.98 -18.44 53.50
CA SER F 638 15.69 -19.60 54.33
C SER F 638 16.01 -20.84 53.52
N ARG F 639 15.98 -21.99 54.20
CA ARG F 639 16.33 -23.25 53.55
C ARG F 639 15.17 -24.22 53.60
N ASP F 640 13.97 -23.75 53.26
CA ASP F 640 12.75 -24.52 53.41
C ASP F 640 12.34 -25.27 52.14
N LEU F 641 13.26 -25.52 51.22
CA LEU F 641 12.98 -26.30 50.02
C LEU F 641 13.74 -27.63 50.13
N LEU F 642 13.09 -28.61 50.74
CA LEU F 642 13.70 -29.93 50.94
C LEU F 642 13.02 -30.93 50.01
N GLU F 643 13.66 -32.09 49.88
CA GLU F 643 13.15 -33.12 48.99
C GLU F 643 13.62 -34.48 49.46
N PRO F 644 12.87 -35.54 49.18
CA PRO F 644 13.39 -36.89 49.41
C PRO F 644 14.63 -37.14 48.56
N CYS F 645 15.70 -37.57 49.23
CA CYS F 645 17.03 -37.60 48.61
C CYS F 645 17.06 -38.66 47.52
N VAL F 646 16.96 -38.20 46.27
CA VAL F 646 16.90 -39.11 45.11
C VAL F 646 18.29 -39.71 44.85
N ALA F 647 18.30 -40.82 44.12
CA ALA F 647 19.52 -41.50 43.70
C ALA F 647 19.86 -41.12 42.26
N ASN F 648 21.15 -41.09 41.97
CA ASN F 648 21.68 -40.64 40.68
C ASN F 648 21.19 -39.22 40.37
N HIS F 649 21.61 -38.30 41.23
CA HIS F 649 21.19 -36.91 41.19
C HIS F 649 22.11 -36.11 40.27
N LYS F 650 21.52 -35.38 39.34
CA LYS F 650 22.26 -34.51 38.42
C LYS F 650 21.42 -33.28 38.14
N ARG F 651 21.91 -32.10 38.51
CA ARG F 651 21.16 -30.87 38.29
C ARG F 651 22.10 -29.73 37.95
N TYR F 652 21.59 -28.79 37.15
CA TYR F 652 22.27 -27.55 36.81
C TYR F 652 21.49 -26.39 37.39
N PHE F 653 22.18 -25.49 38.10
CA PHE F 653 21.54 -24.35 38.73
C PHE F 653 22.16 -23.05 38.25
N LEU F 654 21.34 -22.01 38.12
CA LEU F 654 21.79 -20.72 37.63
C LEU F 654 22.32 -19.90 38.80
N PHE F 655 23.61 -19.61 38.77
CA PHE F 655 24.25 -18.75 39.76
C PHE F 655 24.83 -17.55 39.02
N GLY F 656 24.01 -16.53 38.80
CA GLY F 656 24.45 -15.35 38.10
C GLY F 656 24.59 -15.57 36.61
N HIS F 657 25.83 -15.59 36.12
CA HIS F 657 26.12 -15.82 34.72
C HIS F 657 26.63 -17.23 34.46
N HIS F 658 26.48 -18.14 35.41
CA HIS F 658 27.01 -19.49 35.28
C HIS F 658 25.94 -20.50 35.65
N TYR F 659 26.11 -21.71 35.14
CA TYR F 659 25.29 -22.85 35.50
C TYR F 659 26.15 -23.77 36.34
N VAL F 660 26.01 -23.65 37.66
CA VAL F 660 26.78 -24.49 38.58
C VAL F 660 26.15 -25.87 38.62
N TYR F 661 26.97 -26.91 38.54
CA TYR F 661 26.53 -28.28 38.36
C TYR F 661 26.72 -29.06 39.65
N TYR F 662 25.66 -29.75 40.09
CA TYR F 662 25.66 -30.53 41.31
C TYR F 662 25.30 -31.97 40.97
N GLU F 663 26.21 -32.90 41.25
CA GLU F 663 26.00 -34.32 40.98
C GLU F 663 26.08 -35.07 42.30
N ASP F 664 25.00 -35.79 42.63
CA ASP F 664 24.85 -36.44 43.93
C ASP F 664 25.03 -35.46 45.08
N TYR F 665 24.34 -34.33 44.96
CA TYR F 665 24.20 -33.35 46.04
C TYR F 665 25.54 -32.75 46.44
N ARG F 666 26.47 -32.65 45.50
CA ARG F 666 27.76 -32.04 45.75
C ARG F 666 28.18 -31.23 44.54
N TYR F 667 28.87 -30.13 44.80
CA TYR F 667 29.41 -29.32 43.72
C TYR F 667 30.35 -30.14 42.86
N VAL F 668 30.29 -29.93 41.55
CA VAL F 668 31.14 -30.67 40.61
C VAL F 668 31.93 -29.73 39.72
N ARG F 669 31.23 -28.88 38.98
CA ARG F 669 31.86 -27.98 38.02
C ARG F 669 30.91 -26.82 37.75
N GLU F 670 31.29 -25.97 36.80
CA GLU F 670 30.47 -24.84 36.41
C GLU F 670 30.75 -24.51 34.96
N ILE F 671 29.76 -23.92 34.31
CA ILE F 671 29.85 -23.57 32.90
C ILE F 671 29.12 -22.24 32.70
N ALA F 672 29.70 -21.37 31.89
CA ALA F 672 29.09 -20.07 31.66
C ALA F 672 27.78 -20.21 30.91
N VAL F 673 26.88 -19.25 31.11
CA VAL F 673 25.58 -19.31 30.47
C VAL F 673 25.71 -19.23 28.97
N HIS F 674 26.65 -18.43 28.47
CA HIS F 674 26.82 -18.26 27.04
C HIS F 674 27.34 -19.50 26.35
N ASP F 675 27.73 -20.53 27.10
CA ASP F 675 28.23 -21.77 26.52
C ASP F 675 27.17 -22.83 26.36
N VAL F 676 26.08 -22.76 27.12
CA VAL F 676 24.99 -23.72 26.99
C VAL F 676 24.21 -23.45 25.71
N GLY F 677 23.86 -24.52 25.00
CA GLY F 677 23.11 -24.36 23.77
C GLY F 677 21.71 -23.83 24.03
N MET F 678 21.18 -23.10 23.04
CA MET F 678 19.90 -22.44 23.18
C MET F 678 18.87 -23.05 22.25
N ILE F 679 17.61 -23.02 22.69
CA ILE F 679 16.47 -23.22 21.82
C ILE F 679 15.58 -21.99 21.97
N SER F 680 14.96 -21.57 20.86
CA SER F 680 14.24 -20.31 20.81
C SER F 680 12.75 -20.57 20.61
N THR F 681 11.93 -19.96 21.45
CA THR F 681 10.49 -19.97 21.30
C THR F 681 9.99 -18.81 20.46
N TYR F 682 10.90 -18.06 19.84
CA TYR F 682 10.58 -16.84 19.12
C TYR F 682 10.33 -17.15 17.66
N VAL F 683 9.21 -16.66 17.13
CA VAL F 683 8.88 -16.76 15.72
C VAL F 683 9.25 -15.45 15.05
N ASP F 684 9.84 -15.53 13.87
CA ASP F 684 10.38 -14.35 13.20
C ASP F 684 9.35 -13.66 12.34
N LEU F 685 9.47 -12.33 12.28
CA LEU F 685 8.68 -11.48 11.38
C LEU F 685 9.59 -10.37 10.87
N ASN F 686 10.17 -10.59 9.69
CA ASN F 686 11.08 -9.63 9.08
C ASN F 686 10.28 -8.77 8.10
N LEU F 687 9.70 -7.69 8.59
CA LEU F 687 8.94 -6.76 7.77
C LEU F 687 9.84 -5.60 7.35
N THR F 688 10.01 -5.42 6.05
CA THR F 688 10.83 -4.37 5.48
C THR F 688 9.95 -3.19 5.10
N LEU F 689 10.52 -1.99 5.19
CA LEU F 689 9.80 -0.76 4.88
C LEU F 689 10.00 -0.34 3.42
N LEU F 690 9.01 0.35 2.88
CA LEU F 690 9.14 0.96 1.56
C LEU F 690 10.14 2.09 1.60
N LYS F 691 11.00 2.14 0.59
CA LYS F 691 12.02 3.17 0.50
C LYS F 691 11.53 4.38 -0.26
N ASP F 692 12.24 5.49 -0.09
CA ASP F 692 11.86 6.74 -0.74
C ASP F 692 12.16 6.69 -2.23
N ARG F 693 11.24 7.21 -3.02
CA ARG F 693 11.43 7.38 -4.45
C ARG F 693 11.22 8.83 -4.82
N GLU F 694 11.85 9.25 -5.91
CA GLU F 694 11.67 10.59 -6.45
C GLU F 694 11.29 10.48 -7.92
N PHE F 695 10.17 11.08 -8.28
CA PHE F 695 9.64 10.99 -9.64
C PHE F 695 10.10 12.21 -10.44
N MET F 696 10.58 11.96 -11.65
CA MET F 696 11.14 12.95 -12.55
C MET F 696 10.09 13.42 -13.55
N PRO F 697 10.09 14.71 -13.89
CA PRO F 697 9.10 15.22 -14.84
C PRO F 697 9.40 14.80 -16.27
N LEU F 698 8.95 13.61 -16.65
CA LEU F 698 9.23 13.05 -17.96
C LEU F 698 8.20 13.55 -18.97
N ARG F 699 8.68 14.20 -20.03
CA ARG F 699 7.86 14.58 -21.17
C ARG F 699 8.34 13.82 -22.38
N VAL F 700 7.41 13.28 -23.15
CA VAL F 700 7.80 12.62 -24.40
C VAL F 700 8.10 13.66 -25.47
N TYR F 701 7.28 14.70 -25.59
CA TYR F 701 7.52 15.83 -26.48
C TYR F 701 7.39 17.12 -25.69
N THR F 702 8.27 18.08 -25.99
CA THR F 702 8.22 19.38 -25.37
C THR F 702 7.25 20.29 -26.13
N ARG F 703 7.07 21.51 -25.63
CA ARG F 703 6.20 22.47 -26.32
C ARG F 703 6.80 22.87 -27.66
N ASP F 704 8.12 23.00 -27.73
CA ASP F 704 8.78 23.30 -28.99
C ASP F 704 8.58 22.19 -30.00
N GLU F 705 8.81 20.93 -29.59
CA GLU F 705 8.61 19.81 -30.49
C GLU F 705 7.18 19.75 -30.99
N LEU F 706 6.22 20.07 -30.13
CA LEU F 706 4.82 20.06 -30.54
C LEU F 706 4.47 21.22 -31.44
N ARG F 707 5.24 22.31 -31.39
CA ARG F 707 5.09 23.43 -32.31
C ARG F 707 6.09 23.39 -33.47
N ASP F 708 6.52 22.19 -33.86
CA ASP F 708 7.50 22.02 -34.93
C ASP F 708 7.04 20.99 -35.95
N THR F 709 5.75 20.66 -35.97
CA THR F 709 5.24 19.57 -36.79
C THR F 709 4.63 20.06 -38.10
N GLY F 710 4.49 21.37 -38.28
CA GLY F 710 3.89 21.92 -39.48
C GLY F 710 4.92 22.37 -40.48
N LEU F 711 4.45 22.57 -41.72
CA LEU F 711 5.35 22.90 -42.81
C LEU F 711 5.80 24.36 -42.74
N LEU F 712 4.89 25.28 -42.41
CA LEU F 712 5.19 26.69 -42.32
C LEU F 712 4.60 27.27 -41.04
N ASP F 713 5.29 28.25 -40.49
CA ASP F 713 4.82 29.01 -39.34
C ASP F 713 4.47 30.40 -39.82
N TYR F 714 3.22 30.81 -39.60
CA TYR F 714 2.76 32.11 -40.11
C TYR F 714 3.60 33.24 -39.53
N SER F 715 3.82 33.23 -38.22
CA SER F 715 4.57 34.31 -37.58
C SER F 715 6.02 34.34 -38.04
N GLU F 716 6.62 33.18 -38.30
CA GLU F 716 7.99 33.16 -38.79
C GLU F 716 8.09 33.76 -40.18
N ILE F 717 7.22 33.31 -41.09
CA ILE F 717 7.20 33.86 -42.45
C ILE F 717 6.95 35.36 -42.41
N GLN F 718 6.05 35.81 -41.55
CA GLN F 718 5.72 37.22 -41.52
C GLN F 718 6.85 38.05 -40.91
N ARG F 719 7.53 37.53 -39.90
CA ARG F 719 8.66 38.25 -39.33
C ARG F 719 9.81 38.34 -40.32
N ARG F 720 10.01 37.30 -41.12
CA ARG F 720 11.13 37.33 -42.06
C ARG F 720 10.83 38.15 -43.30
N ASN F 721 9.58 38.13 -43.76
CA ASN F 721 9.23 38.70 -45.06
C ASN F 721 8.72 40.13 -44.98
N GLN F 722 8.29 40.60 -43.83
CA GLN F 722 7.77 41.95 -43.75
C GLN F 722 8.86 42.99 -43.59
N MET F 723 10.13 42.59 -43.53
CA MET F 723 11.24 43.52 -43.59
C MET F 723 12.06 43.35 -44.86
N HIS F 724 11.40 42.90 -45.94
CA HIS F 724 12.05 42.83 -47.23
C HIS F 724 12.48 44.22 -47.71
N SER F 725 11.60 45.22 -47.53
CA SER F 725 11.92 46.57 -47.94
C SER F 725 12.97 47.20 -47.06
N LEU F 726 13.04 46.80 -45.79
CA LEU F 726 14.11 47.28 -44.93
C LEU F 726 15.44 46.63 -45.30
N ARG F 727 15.41 45.34 -45.62
CA ARG F 727 16.64 44.61 -45.94
C ARG F 727 17.24 45.09 -47.25
N PHE F 728 16.45 45.14 -48.32
CA PHE F 728 16.97 45.27 -49.67
C PHE F 728 16.74 46.64 -50.28
N TYR F 729 16.31 47.63 -49.50
CA TYR F 729 16.10 48.96 -50.05
C TYR F 729 16.47 49.98 -48.98
N ASP F 730 16.65 51.22 -49.40
CA ASP F 730 17.03 52.32 -48.52
C ASP F 730 15.83 53.24 -48.42
N ILE F 731 14.96 52.98 -47.45
CA ILE F 731 13.67 53.65 -47.34
C ILE F 731 13.76 55.01 -46.66
N ASP F 732 14.96 55.46 -46.31
CA ASP F 732 15.13 56.73 -45.61
C ASP F 732 15.74 57.84 -46.45
N LYS F 733 16.28 57.53 -47.63
CA LYS F 733 16.82 58.56 -48.50
C LYS F 733 15.72 59.08 -49.44
N VAL F 734 15.68 60.40 -49.62
CA VAL F 734 14.71 61.03 -50.50
C VAL F 734 15.43 61.58 -51.72
N VAL F 735 14.78 61.46 -52.87
CA VAL F 735 15.28 61.98 -54.13
C VAL F 735 14.52 63.25 -54.46
N GLN F 736 15.25 64.31 -54.80
CA GLN F 736 14.63 65.60 -55.11
C GLN F 736 14.65 65.86 -56.61
N ASP G 1 -26.53 6.45 55.01
CA ASP G 1 -26.55 5.25 55.82
C ASP G 1 -27.66 5.31 56.84
N ILE G 2 -27.30 5.56 58.10
CA ILE G 2 -28.26 5.48 59.19
C ILE G 2 -29.44 6.41 59.00
N GLN G 3 -29.28 7.48 58.24
CA GLN G 3 -30.39 8.38 57.95
C GLN G 3 -30.34 8.79 56.48
N MET G 4 -31.48 8.68 55.82
CA MET G 4 -31.57 8.92 54.39
C MET G 4 -32.66 9.95 54.11
N THR G 5 -32.41 10.78 53.08
CA THR G 5 -33.34 11.81 52.66
C THR G 5 -34.10 11.32 51.44
N GLN G 6 -34.93 12.19 50.87
CA GLN G 6 -35.86 11.75 49.85
C GLN G 6 -36.11 12.88 48.85
N SER G 7 -37.15 12.70 48.05
CA SER G 7 -37.63 13.64 47.04
C SER G 7 -38.77 14.45 47.61
N PRO G 8 -39.21 15.51 46.90
CA PRO G 8 -40.44 16.21 47.33
C PRO G 8 -41.63 15.30 47.56
N SER G 9 -42.67 15.82 48.21
CA SER G 9 -43.69 14.96 48.81
C SER G 9 -44.59 14.33 47.77
N THR G 10 -44.91 15.02 46.68
CA THR G 10 -45.95 14.56 45.76
C THR G 10 -45.41 14.15 44.40
N LEU G 11 -44.73 15.05 43.69
CA LEU G 11 -44.29 14.81 42.32
C LEU G 11 -45.47 14.39 41.44
N SER G 12 -46.43 15.30 41.30
CA SER G 12 -47.62 15.02 40.51
C SER G 12 -47.25 14.72 39.06
N ALA G 13 -47.97 13.77 38.46
CA ALA G 13 -47.71 13.37 37.09
C ALA G 13 -48.97 12.74 36.51
N SER G 14 -48.90 12.45 35.21
CA SER G 14 -50.00 11.84 34.47
C SER G 14 -49.52 10.55 33.84
N VAL G 15 -50.45 9.81 33.25
CA VAL G 15 -50.12 8.54 32.61
C VAL G 15 -49.25 8.82 31.39
N GLY G 16 -48.03 8.28 31.41
CA GLY G 16 -47.10 8.45 30.33
C GLY G 16 -45.91 9.35 30.61
N ASP G 17 -45.65 9.67 31.88
CA ASP G 17 -44.55 10.56 32.24
C ASP G 17 -43.36 9.77 32.76
N ARG G 18 -42.18 10.36 32.62
CA ARG G 18 -40.94 9.79 33.14
C ARG G 18 -40.60 10.51 34.44
N VAL G 19 -40.88 9.84 35.57
CA VAL G 19 -40.75 10.44 36.88
C VAL G 19 -39.54 9.83 37.57
N THR G 20 -38.75 10.68 38.23
CA THR G 20 -37.62 10.24 39.03
C THR G 20 -37.91 10.53 40.50
N ILE G 21 -37.62 9.56 41.36
CA ILE G 21 -38.00 9.63 42.76
C ILE G 21 -36.73 9.66 43.59
N THR G 22 -35.71 10.35 43.08
CA THR G 22 -34.38 10.42 43.67
C THR G 22 -34.41 10.57 45.20
N CYS G 23 -33.69 9.69 45.87
CA CYS G 23 -33.43 9.79 47.31
C CYS G 23 -31.94 9.59 47.53
N ARG G 24 -31.42 10.23 48.58
CA ARG G 24 -29.99 10.24 48.84
C ARG G 24 -29.68 9.61 50.20
N ALA G 25 -28.38 9.45 50.46
CA ALA G 25 -27.92 8.75 51.65
C ALA G 25 -26.86 9.55 52.38
N SER G 26 -26.27 8.97 53.43
CA SER G 26 -25.35 9.69 54.31
C SER G 26 -23.93 9.18 54.23
N GLN G 27 -23.71 7.87 54.29
CA GLN G 27 -22.38 7.29 54.46
C GLN G 27 -22.09 6.26 53.37
N THR G 28 -22.29 6.68 52.12
CA THR G 28 -21.92 5.93 50.90
C THR G 28 -22.38 4.47 50.97
N ILE G 29 -23.71 4.31 50.95
CA ILE G 29 -24.30 3.01 50.68
C ILE G 29 -23.80 2.52 49.33
N SER G 30 -23.06 1.42 49.33
CA SER G 30 -22.44 0.93 48.09
C SER G 30 -23.39 -0.01 47.37
N THR G 31 -24.39 0.57 46.71
CA THR G 31 -25.38 -0.17 45.91
C THR G 31 -26.19 -1.15 46.76
N TRP G 32 -26.45 -0.80 48.01
CA TRP G 32 -27.19 -1.64 48.95
C TRP G 32 -28.53 -1.00 49.31
N LEU G 33 -29.25 -0.48 48.33
CA LEU G 33 -30.51 0.19 48.56
C LEU G 33 -31.65 -0.57 47.90
N ALA G 34 -32.80 -0.60 48.58
CA ALA G 34 -33.99 -1.25 48.08
C ALA G 34 -35.14 -0.25 47.99
N TRP G 35 -36.00 -0.44 46.99
CA TRP G 35 -37.16 0.42 46.76
C TRP G 35 -38.44 -0.39 46.95
N TYR G 36 -39.47 0.26 47.49
CA TYR G 36 -40.74 -0.41 47.75
C TYR G 36 -41.91 0.34 47.13
N GLN G 37 -43.13 -0.09 47.41
CA GLN G 37 -44.33 0.57 46.90
C GLN G 37 -45.51 0.18 47.75
N GLN G 38 -46.13 1.15 48.40
CA GLN G 38 -47.27 0.90 49.30
C GLN G 38 -48.44 1.77 48.88
N THR G 39 -49.45 1.15 48.25
CA THR G 39 -50.70 1.84 48.00
C THR G 39 -51.46 2.03 49.31
N PRO G 40 -52.42 2.96 49.36
CA PRO G 40 -53.03 3.33 50.65
C PRO G 40 -53.72 2.20 51.40
N ARG G 41 -54.05 1.08 50.76
CA ARG G 41 -54.75 -0.02 51.42
C ARG G 41 -54.08 -1.35 51.08
N LYS G 42 -52.77 -1.38 51.22
CA LYS G 42 -52.00 -2.59 50.92
C LYS G 42 -50.82 -2.63 51.89
N ALA G 43 -49.99 -3.56 51.72
CA ALA G 43 -48.69 -3.68 52.33
C ALA G 43 -47.61 -3.33 51.32
N PRO G 44 -46.49 -2.79 51.75
CA PRO G 44 -45.42 -2.47 50.79
C PRO G 44 -44.97 -3.73 50.07
N LYS G 45 -44.38 -3.55 48.89
CA LYS G 45 -43.95 -4.67 48.10
C LYS G 45 -42.63 -4.31 47.42
N LEU G 46 -41.78 -5.32 47.26
CA LEU G 46 -40.45 -5.08 46.75
C LEU G 46 -40.50 -4.72 45.27
N MET G 47 -39.81 -3.63 44.91
CA MET G 47 -39.66 -3.18 43.54
C MET G 47 -38.23 -3.35 43.03
N ILE G 48 -37.26 -2.84 43.77
CA ILE G 48 -35.86 -2.83 43.37
C ILE G 48 -35.03 -3.21 44.58
N TYR G 49 -34.12 -4.17 44.40
CA TYR G 49 -33.09 -4.44 45.38
C TYR G 49 -31.73 -4.30 44.70
N LYS G 50 -30.70 -4.06 45.51
CA LYS G 50 -29.35 -3.77 45.05
C LYS G 50 -29.30 -2.49 44.21
N ALA G 51 -30.35 -1.66 44.32
CA ALA G 51 -30.44 -0.34 43.71
C ALA G 51 -30.62 -0.41 42.20
N SER G 52 -30.53 -1.60 41.60
CA SER G 52 -30.69 -1.74 40.17
C SER G 52 -31.49 -2.96 39.74
N ILE G 53 -31.70 -3.95 40.59
CA ILE G 53 -32.24 -5.25 40.18
C ILE G 53 -33.73 -5.27 40.45
N LEU G 54 -34.50 -5.73 39.45
CA LEU G 54 -35.93 -5.87 39.59
C LEU G 54 -36.28 -7.19 40.28
N GLU G 55 -37.46 -7.22 40.88
CA GLU G 55 -37.99 -8.41 41.52
C GLU G 55 -38.93 -9.13 40.57
N ASN G 56 -38.97 -10.47 40.68
CA ASN G 56 -39.87 -11.28 39.87
C ASN G 56 -41.31 -10.86 40.13
N GLY G 57 -42.01 -10.50 39.06
CA GLY G 57 -43.35 -9.97 39.18
C GLY G 57 -43.45 -8.46 39.10
N VAL G 58 -42.43 -7.78 38.59
CA VAL G 58 -42.41 -6.34 38.47
C VAL G 58 -42.14 -5.99 37.02
N PRO G 59 -42.96 -5.15 36.38
CA PRO G 59 -42.76 -4.85 34.96
C PRO G 59 -41.45 -4.14 34.72
N SER G 60 -40.84 -4.42 33.57
CA SER G 60 -39.52 -3.88 33.25
C SER G 60 -39.56 -2.41 32.86
N ARG G 61 -40.68 -1.73 33.05
CA ARG G 61 -40.69 -0.28 32.90
C ARG G 61 -40.01 0.42 34.06
N PHE G 62 -39.90 -0.26 35.20
CA PHE G 62 -39.18 0.29 36.35
C PHE G 62 -37.69 0.15 36.17
N SER G 63 -36.94 1.14 36.63
CA SER G 63 -35.50 1.15 36.54
C SER G 63 -34.93 1.65 37.87
N GLY G 64 -33.60 1.62 37.97
CA GLY G 64 -32.92 2.12 39.14
C GLY G 64 -31.45 2.25 38.83
N SER G 65 -30.76 3.18 39.48
CA SER G 65 -29.34 3.37 39.24
C SER G 65 -28.73 4.10 40.43
N GLY G 66 -27.51 4.57 40.26
CA GLY G 66 -26.78 5.21 41.35
C GLY G 66 -25.95 4.22 42.14
N SER G 67 -24.80 4.68 42.59
CA SER G 67 -23.87 3.80 43.30
C SER G 67 -23.57 4.25 44.71
N GLY G 68 -23.36 5.54 44.94
CA GLY G 68 -23.06 6.01 46.28
C GLY G 68 -23.81 7.27 46.67
N THR G 69 -24.65 7.18 47.70
CA THR G 69 -25.38 8.30 48.28
C THR G 69 -26.32 9.00 47.29
N GLU G 70 -26.42 8.49 46.07
CA GLU G 70 -27.25 9.12 45.04
C GLU G 70 -27.92 8.02 44.22
N PHE G 71 -29.17 7.74 44.54
CA PHE G 71 -29.91 6.69 43.87
C PHE G 71 -31.24 7.24 43.35
N THR G 72 -31.58 6.87 42.12
CA THR G 72 -32.78 7.34 41.46
C THR G 72 -33.67 6.17 41.09
N LEU G 73 -34.98 6.41 41.05
CA LEU G 73 -35.96 5.42 40.62
C LEU G 73 -36.73 6.04 39.46
N THR G 74 -36.17 5.90 38.25
CA THR G 74 -36.73 6.54 37.06
C THR G 74 -37.71 5.58 36.39
N ILE G 75 -38.99 5.94 36.41
CA ILE G 75 -40.02 5.16 35.72
C ILE G 75 -40.22 5.73 34.34
N SER G 76 -40.49 4.86 33.37
CA SER G 76 -40.85 5.27 32.02
C SER G 76 -42.08 4.48 31.60
N SER G 77 -42.90 5.09 30.75
CA SER G 77 -44.18 4.51 30.33
C SER G 77 -45.07 4.23 31.54
N LEU G 78 -45.45 5.31 32.23
CA LEU G 78 -46.15 5.19 33.50
C LEU G 78 -47.59 4.74 33.29
N GLN G 79 -47.81 3.44 33.27
CA GLN G 79 -49.16 2.90 33.24
C GLN G 79 -49.91 3.29 34.52
N PRO G 80 -51.26 3.27 34.49
CA PRO G 80 -52.07 3.79 35.61
C PRO G 80 -52.11 2.86 36.82
N GLU G 81 -50.94 2.36 37.22
CA GLU G 81 -50.78 1.62 38.47
C GLU G 81 -49.49 2.04 39.15
N ASP G 82 -49.14 3.32 39.02
CA ASP G 82 -47.94 3.87 39.64
C ASP G 82 -48.27 4.97 40.64
N PHE G 83 -49.51 5.06 41.08
CA PHE G 83 -49.94 6.15 41.96
C PHE G 83 -49.91 5.69 43.42
N ALA G 84 -48.68 5.52 43.93
CA ALA G 84 -48.48 4.93 45.24
C ALA G 84 -47.28 5.57 45.91
N THR G 85 -47.19 5.33 47.22
CA THR G 85 -46.06 5.79 48.02
C THR G 85 -44.85 4.89 47.77
N TYR G 86 -43.66 5.47 47.84
CA TYR G 86 -42.43 4.75 47.57
C TYR G 86 -41.43 4.98 48.70
N TYR G 87 -40.61 3.97 48.97
CA TYR G 87 -39.70 4.02 50.10
C TYR G 87 -38.32 3.52 49.72
N CYS G 88 -37.29 4.21 50.20
CA CYS G 88 -35.92 3.76 50.09
C CYS G 88 -35.56 2.98 51.34
N GLN G 89 -34.84 1.87 51.16
CA GLN G 89 -34.46 1.02 52.28
C GLN G 89 -32.96 0.81 52.24
N GLN G 90 -32.31 0.96 53.39
CA GLN G 90 -30.87 0.87 53.53
C GLN G 90 -30.52 -0.44 54.25
N TYR G 91 -29.75 -1.30 53.58
CA TYR G 91 -29.17 -2.48 54.21
C TYR G 91 -27.66 -2.45 53.97
N LYS G 92 -26.95 -1.73 54.82
CA LYS G 92 -25.50 -1.83 54.84
C LYS G 92 -25.01 -2.12 56.25
N SER G 93 -25.71 -1.57 57.23
CA SER G 93 -25.43 -1.85 58.64
C SER G 93 -26.69 -1.60 59.44
N TYR G 94 -27.01 -2.51 60.35
CA TYR G 94 -28.19 -2.36 61.16
C TYR G 94 -28.09 -1.08 62.00
N PRO G 95 -29.21 -0.39 62.24
CA PRO G 95 -30.55 -0.78 61.82
C PRO G 95 -30.85 -0.37 60.39
N TRP G 96 -31.74 -1.12 59.74
CA TRP G 96 -32.17 -0.86 58.38
C TRP G 96 -33.18 0.28 58.40
N THR G 97 -32.69 1.51 58.34
CA THR G 97 -33.57 2.66 58.47
C THR G 97 -34.21 2.99 57.13
N PHE G 98 -35.54 3.06 57.11
CA PHE G 98 -36.25 3.34 55.89
C PHE G 98 -36.10 4.80 55.49
N GLY G 99 -36.41 5.08 54.24
CA GLY G 99 -36.14 6.37 53.65
C GLY G 99 -37.37 7.14 53.21
N GLN G 100 -37.61 7.08 51.90
CA GLN G 100 -38.34 8.06 51.13
C GLN G 100 -39.78 8.26 51.63
N GLY G 101 -40.40 9.31 51.10
CA GLY G 101 -41.80 9.59 51.24
C GLY G 101 -42.52 9.37 49.92
N THR G 102 -42.73 10.44 49.17
CA THR G 102 -43.34 10.40 47.83
C THR G 102 -44.75 9.80 47.90
N LYS G 103 -45.62 10.53 48.59
CA LYS G 103 -46.93 10.03 48.97
C LYS G 103 -47.72 9.47 47.79
N VAL G 104 -47.96 10.27 46.76
CA VAL G 104 -48.80 9.82 45.65
C VAL G 104 -48.57 10.73 44.45
N GLU G 105 -48.77 10.18 43.26
CA GLU G 105 -48.63 10.90 41.99
C GLU G 105 -50.03 11.03 41.39
N ILE G 106 -50.60 12.24 41.49
CA ILE G 106 -51.90 12.50 40.89
C ILE G 106 -51.93 13.85 40.18
N GLN H 1 -48.94 -19.23 46.76
CA GLN H 1 -47.62 -18.87 47.25
C GLN H 1 -47.62 -18.69 48.76
N VAL H 2 -46.49 -18.24 49.29
CA VAL H 2 -46.35 -18.05 50.74
C VAL H 2 -47.30 -16.94 51.18
N GLN H 3 -47.79 -17.06 52.41
CA GLN H 3 -48.67 -16.06 52.99
C GLN H 3 -48.36 -15.89 54.47
N LEU H 4 -48.25 -14.64 54.91
CA LEU H 4 -48.00 -14.31 56.31
C LEU H 4 -49.18 -13.50 56.81
N VAL H 5 -49.67 -13.84 57.99
CA VAL H 5 -50.86 -13.21 58.57
C VAL H 5 -50.56 -12.81 60.01
N GLN H 6 -51.05 -11.64 60.40
CA GLN H 6 -50.90 -11.18 61.77
C GLN H 6 -52.17 -11.51 62.57
N SER H 7 -52.25 -10.96 63.78
CA SER H 7 -53.41 -11.20 64.64
C SER H 7 -54.67 -10.59 64.03
N GLY H 8 -54.67 -9.29 63.84
CA GLY H 8 -55.82 -8.58 63.31
C GLY H 8 -56.01 -7.27 64.05
N ALA H 9 -57.23 -6.75 63.98
CA ALA H 9 -57.55 -5.49 64.64
C ALA H 9 -57.37 -5.61 66.15
N GLU H 10 -56.42 -4.87 66.69
CA GLU H 10 -56.04 -4.97 68.10
C GLU H 10 -56.25 -3.63 68.78
N VAL H 11 -56.77 -3.67 70.01
CA VAL H 11 -56.94 -2.49 70.85
C VAL H 11 -56.42 -2.86 72.23
N LYS H 12 -55.33 -2.23 72.65
CA LYS H 12 -54.71 -2.52 73.92
C LYS H 12 -54.47 -1.22 74.69
N LYS H 13 -54.72 -1.26 75.98
CA LYS H 13 -54.50 -0.11 76.85
C LYS H 13 -53.00 0.04 77.15
N PRO H 14 -52.54 1.27 77.40
CA PRO H 14 -51.12 1.46 77.76
C PRO H 14 -50.83 0.85 79.11
N GLY H 15 -49.82 -0.03 79.13
CA GLY H 15 -49.41 -0.69 80.36
C GLY H 15 -49.47 -2.21 80.28
N SER H 16 -49.53 -2.73 79.06
CA SER H 16 -49.62 -4.17 78.84
C SER H 16 -48.75 -4.53 77.64
N SER H 17 -48.92 -5.74 77.14
CA SER H 17 -48.24 -6.21 75.94
C SER H 17 -49.25 -6.30 74.78
N VAL H 18 -48.74 -6.71 73.62
CA VAL H 18 -49.55 -6.89 72.42
C VAL H 18 -49.47 -8.33 71.91
N LYS H 19 -48.25 -8.86 71.77
CA LYS H 19 -48.02 -10.25 71.39
C LYS H 19 -48.64 -10.56 70.02
N VAL H 20 -48.11 -9.89 69.00
CA VAL H 20 -48.60 -10.07 67.65
C VAL H 20 -47.95 -11.32 67.04
N SER H 21 -48.77 -12.18 66.45
CA SER H 21 -48.30 -13.40 65.82
C SER H 21 -48.17 -13.20 64.32
N CYS H 22 -47.46 -14.13 63.66
CA CYS H 22 -47.26 -14.06 62.21
C CYS H 22 -47.16 -15.49 61.68
N LYS H 23 -48.31 -16.03 61.27
CA LYS H 23 -48.37 -17.40 60.76
C LYS H 23 -47.92 -17.43 59.30
N ALA H 24 -47.07 -18.40 58.98
CA ALA H 24 -46.59 -18.60 57.62
C ALA H 24 -47.43 -19.66 56.91
N SER H 25 -47.08 -19.92 55.66
CA SER H 25 -47.82 -20.93 54.90
C SER H 25 -46.93 -22.01 54.29
N GLY H 26 -45.74 -21.66 53.82
CA GLY H 26 -44.83 -22.61 53.21
C GLY H 26 -43.40 -22.25 53.52
N GLY H 27 -42.52 -22.56 52.57
CA GLY H 27 -41.12 -22.18 52.67
C GLY H 27 -40.33 -22.85 53.77
N THR H 28 -40.93 -23.80 54.49
CA THR H 28 -40.25 -24.69 55.43
C THR H 28 -39.85 -23.93 56.69
N PHE H 29 -39.98 -22.60 56.67
CA PHE H 29 -39.64 -21.72 57.79
C PHE H 29 -38.18 -21.80 58.20
N SER H 30 -37.38 -22.59 57.50
CA SER H 30 -35.94 -22.61 57.73
C SER H 30 -35.22 -21.59 56.85
N ASN H 31 -35.94 -20.93 55.95
CA ASN H 31 -35.39 -19.92 55.07
C ASN H 31 -36.10 -18.58 55.28
N PHE H 32 -36.54 -18.32 56.51
CA PHE H 32 -37.28 -17.11 56.84
C PHE H 32 -36.48 -16.33 57.88
N ALA H 33 -36.14 -15.10 57.55
CA ALA H 33 -35.54 -14.16 58.50
C ALA H 33 -36.59 -13.08 58.76
N ILE H 34 -37.46 -13.35 59.72
CA ILE H 34 -38.61 -12.48 59.97
C ILE H 34 -38.14 -11.13 60.47
N SER H 35 -38.49 -10.07 59.75
CA SER H 35 -38.28 -8.71 60.18
C SER H 35 -39.63 -8.08 60.47
N TRP H 36 -39.62 -7.03 61.28
CA TRP H 36 -40.85 -6.34 61.67
C TRP H 36 -40.68 -4.84 61.47
N VAL H 37 -41.62 -4.24 60.74
CA VAL H 37 -41.61 -2.82 60.46
C VAL H 37 -42.95 -2.24 60.92
N ARG H 38 -43.04 -0.91 60.88
CA ARG H 38 -44.25 -0.23 61.32
C ARG H 38 -44.19 1.22 60.89
N GLN H 39 -45.35 1.86 60.83
CA GLN H 39 -45.43 3.30 60.67
C GLN H 39 -46.75 3.78 61.22
N ALA H 40 -46.71 4.84 62.03
CA ALA H 40 -47.94 5.42 62.52
C ALA H 40 -48.66 6.14 61.40
N PRO H 41 -49.98 6.33 61.52
CA PRO H 41 -50.70 7.09 60.48
C PRO H 41 -50.10 8.48 60.34
N GLY H 42 -49.51 8.76 59.20
CA GLY H 42 -48.84 10.02 58.96
C GLY H 42 -47.34 9.97 59.02
N GLN H 43 -46.75 8.78 59.17
CA GLN H 43 -45.30 8.61 59.19
C GLN H 43 -44.89 7.65 58.08
N GLY H 44 -43.61 7.69 57.74
CA GLY H 44 -43.13 6.91 56.62
C GLY H 44 -43.08 5.41 56.85
N LEU H 45 -42.13 4.97 57.67
CA LEU H 45 -41.89 3.55 57.98
C LEU H 45 -40.77 3.51 59.01
N GLU H 46 -40.61 2.34 59.63
CA GLU H 46 -39.59 2.15 60.64
C GLU H 46 -39.18 0.69 60.62
N TRP H 47 -38.18 0.33 61.41
CA TRP H 47 -37.67 -1.03 61.46
C TRP H 47 -37.53 -1.47 62.91
N MET H 48 -37.90 -2.72 63.19
CA MET H 48 -38.04 -3.18 64.57
C MET H 48 -37.38 -4.53 64.82
N GLY H 49 -36.30 -4.83 64.12
CA GLY H 49 -35.54 -6.02 64.47
C GLY H 49 -35.76 -7.18 63.50
N ARG H 50 -34.78 -8.07 63.47
CA ARG H 50 -34.75 -9.21 62.56
C ARG H 50 -34.38 -10.47 63.32
N ILE H 51 -35.20 -11.50 63.18
CA ILE H 51 -34.94 -12.80 63.81
C ILE H 51 -34.58 -13.78 62.70
N MET H 52 -33.33 -14.26 62.71
CA MET H 52 -32.80 -15.13 61.69
C MET H 52 -33.06 -16.60 62.03
N PRO H 53 -33.04 -17.49 61.02
CA PRO H 53 -33.24 -18.93 61.28
C PRO H 53 -32.33 -19.48 62.36
N LEU H 54 -32.71 -20.62 62.93
CA LEU H 54 -32.20 -21.05 64.23
C LEU H 54 -32.45 -19.94 65.24
N PHE H 55 -33.73 -19.69 65.48
CA PHE H 55 -34.20 -18.43 66.04
C PHE H 55 -33.90 -18.31 67.53
N VAL H 56 -32.71 -17.78 67.84
CA VAL H 56 -32.28 -17.61 69.23
C VAL H 56 -31.79 -16.21 69.53
N THR H 57 -31.33 -15.43 68.55
CA THR H 57 -30.69 -14.14 68.80
C THR H 57 -31.68 -12.98 68.71
N SER H 58 -32.29 -12.79 67.54
CA SER H 58 -33.29 -11.75 67.30
C SER H 58 -32.71 -10.36 67.57
N THR H 59 -31.73 -9.98 66.75
CA THR H 59 -31.17 -8.64 66.79
C THR H 59 -32.27 -7.60 66.62
N TYR H 60 -32.26 -6.58 67.48
CA TYR H 60 -33.30 -5.55 67.50
C TYR H 60 -32.74 -4.24 66.95
N ALA H 61 -33.63 -3.26 66.83
CA ALA H 61 -33.26 -1.96 66.30
C ALA H 61 -32.60 -1.13 67.40
N GLN H 62 -32.40 0.15 67.13
CA GLN H 62 -31.75 1.03 68.09
C GLN H 62 -32.75 1.55 69.12
N LYS H 63 -33.94 1.94 68.66
CA LYS H 63 -34.91 2.62 69.51
C LYS H 63 -35.78 1.67 70.33
N PHE H 64 -35.97 0.43 69.87
CA PHE H 64 -36.79 -0.54 70.56
C PHE H 64 -35.98 -1.65 71.23
N GLN H 65 -34.66 -1.49 71.36
CA GLN H 65 -33.85 -2.58 71.89
C GLN H 65 -34.24 -2.94 73.32
N GLY H 66 -34.64 -1.96 74.11
CA GLY H 66 -35.08 -2.24 75.47
C GLY H 66 -36.54 -2.54 75.62
N ARG H 67 -37.32 -2.41 74.55
CA ARG H 67 -38.78 -2.58 74.61
C ARG H 67 -39.23 -3.90 74.00
N VAL H 68 -38.91 -4.13 72.72
CA VAL H 68 -39.50 -5.22 71.95
C VAL H 68 -38.71 -6.51 72.16
N THR H 69 -39.42 -7.63 72.03
CA THR H 69 -38.80 -8.94 71.95
C THR H 69 -39.49 -9.74 70.86
N ILE H 70 -38.69 -10.33 69.97
CA ILE H 70 -39.20 -11.07 68.81
C ILE H 70 -38.69 -12.50 68.89
N SER H 71 -39.56 -13.45 68.61
CA SER H 71 -39.19 -14.86 68.67
C SER H 71 -40.00 -15.62 67.63
N ALA H 72 -39.55 -16.85 67.36
CA ALA H 72 -40.20 -17.72 66.39
C ALA H 72 -40.21 -19.14 66.94
N ASP H 73 -40.73 -20.07 66.15
CA ASP H 73 -40.93 -21.44 66.59
C ASP H 73 -40.17 -22.47 65.77
N ALA H 74 -40.13 -22.32 64.46
CA ALA H 74 -39.52 -23.24 63.50
C ALA H 74 -40.27 -24.56 63.39
N SER H 75 -41.32 -24.75 64.20
CA SER H 75 -42.19 -25.90 64.14
C SER H 75 -43.64 -25.52 63.91
N THR H 76 -44.07 -24.38 64.43
CA THR H 76 -45.41 -23.84 64.20
C THR H 76 -45.45 -22.91 62.98
N SER H 77 -44.28 -22.44 62.53
CA SER H 77 -44.18 -21.47 61.43
C SER H 77 -44.83 -20.14 61.79
N THR H 78 -44.54 -19.66 63.00
CA THR H 78 -45.09 -18.41 63.50
C THR H 78 -43.96 -17.54 64.05
N ALA H 79 -44.27 -16.26 64.29
CA ALA H 79 -43.30 -15.32 64.81
C ALA H 79 -44.02 -14.31 65.69
N TYR H 80 -43.53 -14.13 66.90
CA TYR H 80 -44.17 -13.28 67.90
C TYR H 80 -43.34 -12.03 68.15
N MET H 81 -44.02 -10.92 68.43
CA MET H 81 -43.39 -9.60 68.47
C MET H 81 -43.89 -8.82 69.68
N GLU H 82 -43.83 -9.43 70.87
CA GLU H 82 -44.31 -8.76 72.07
C GLU H 82 -43.49 -7.51 72.38
N LEU H 83 -44.17 -6.46 72.85
CA LEU H 83 -43.53 -5.23 73.29
C LEU H 83 -43.51 -5.09 74.81
N SER H 84 -44.67 -5.26 75.46
CA SER H 84 -44.83 -5.18 76.91
C SER H 84 -44.57 -3.79 77.47
N SER H 85 -44.50 -2.76 76.63
CA SER H 85 -44.26 -1.39 77.10
C SER H 85 -45.46 -0.50 76.86
N LEU H 86 -45.90 -0.35 75.60
CA LEU H 86 -47.06 0.46 75.22
C LEU H 86 -46.99 1.86 75.84
N ARG H 87 -45.99 2.61 75.40
CA ARG H 87 -45.71 3.96 75.89
C ARG H 87 -46.61 5.01 75.26
N SER H 88 -47.73 4.61 74.67
CA SER H 88 -48.72 5.49 74.02
C SER H 88 -48.19 6.02 72.70
N ASP H 89 -46.93 5.77 72.40
CA ASP H 89 -46.37 6.02 71.08
C ASP H 89 -46.42 4.78 70.20
N ASP H 90 -46.88 3.66 70.74
CA ASP H 90 -46.95 2.40 69.99
C ASP H 90 -48.32 2.25 69.31
N THR H 91 -48.61 3.20 68.43
CA THR H 91 -49.86 3.23 67.67
C THR H 91 -49.49 3.28 66.18
N ALA H 92 -49.38 2.12 65.57
CA ALA H 92 -48.97 2.02 64.17
C ALA H 92 -49.64 0.82 63.54
N MET H 93 -49.20 0.46 62.34
CA MET H 93 -49.70 -0.69 61.61
C MET H 93 -48.54 -1.68 61.48
N TYR H 94 -48.39 -2.54 62.48
CA TYR H 94 -47.22 -3.40 62.55
C TYR H 94 -47.26 -4.45 61.45
N TYR H 95 -46.18 -4.55 60.69
CA TYR H 95 -46.06 -5.51 59.61
C TYR H 95 -45.10 -6.62 60.01
N CYS H 96 -45.23 -7.75 59.33
CA CYS H 96 -44.36 -8.91 59.52
C CYS H 96 -43.73 -9.22 58.17
N ALA H 97 -42.60 -8.58 57.89
CA ALA H 97 -41.89 -8.82 56.65
C ALA H 97 -41.12 -10.12 56.72
N ARG H 98 -40.41 -10.45 55.65
CA ARG H 98 -39.68 -11.71 55.57
C ARG H 98 -38.65 -11.61 54.46
N ASP H 99 -37.41 -11.95 54.77
CA ASP H 99 -36.35 -12.05 53.79
C ASP H 99 -35.90 -13.50 53.67
N ILE H 100 -35.49 -13.90 52.47
CA ILE H 100 -35.06 -15.26 52.23
C ILE H 100 -33.60 -15.40 52.64
N THR H 101 -33.29 -16.44 53.41
CA THR H 101 -31.95 -16.68 53.92
C THR H 101 -31.82 -18.17 54.26
N ALA H 102 -30.79 -18.50 55.01
CA ALA H 102 -30.55 -19.87 55.46
C ALA H 102 -29.80 -19.82 56.77
N PRO H 103 -29.90 -20.87 57.60
CA PRO H 103 -29.14 -20.88 58.85
C PRO H 103 -27.65 -21.00 58.58
N GLY H 104 -26.87 -20.25 59.35
CA GLY H 104 -25.43 -20.20 59.14
C GLY H 104 -24.99 -19.26 58.05
N ALA H 105 -25.87 -18.40 57.56
CA ALA H 105 -25.52 -17.48 56.50
C ALA H 105 -24.52 -16.45 56.99
N ALA H 106 -23.87 -15.78 56.04
CA ALA H 106 -22.90 -14.76 56.37
C ALA H 106 -23.59 -13.42 56.61
N PRO H 107 -23.06 -12.60 57.52
CA PRO H 107 -23.63 -11.27 57.77
C PRO H 107 -23.24 -10.28 56.66
N THR H 108 -23.73 -10.55 55.45
CA THR H 108 -23.36 -9.79 54.28
C THR H 108 -24.60 -9.21 53.60
N PRO H 109 -24.49 -8.02 53.01
CA PRO H 109 -25.60 -7.48 52.22
C PRO H 109 -25.73 -8.11 50.86
N LEU H 110 -24.85 -9.05 50.51
CA LEU H 110 -25.02 -9.83 49.28
C LEU H 110 -26.08 -10.90 49.42
N ASN H 111 -26.46 -11.25 50.65
CA ASN H 111 -27.48 -12.25 50.91
C ASN H 111 -28.85 -11.65 51.18
N PHE H 112 -28.98 -10.34 51.02
CA PHE H 112 -30.28 -9.67 51.21
C PHE H 112 -30.89 -9.39 49.85
N TYR H 113 -31.96 -10.13 49.52
CA TYR H 113 -32.74 -9.91 48.32
C TYR H 113 -34.06 -9.20 48.61
N GLY H 114 -34.07 -8.31 49.60
CA GLY H 114 -35.24 -7.55 49.94
C GLY H 114 -36.28 -8.35 50.69
N MET H 115 -37.17 -7.63 51.37
CA MET H 115 -38.33 -8.22 52.03
C MET H 115 -39.37 -8.50 50.96
N ASP H 116 -39.31 -9.69 50.38
CA ASP H 116 -40.13 -10.01 49.21
C ASP H 116 -41.61 -10.12 49.58
N VAL H 117 -41.93 -10.92 50.59
CA VAL H 117 -43.32 -11.15 50.96
C VAL H 117 -43.57 -10.54 52.33
N TRP H 118 -44.81 -10.09 52.54
CA TRP H 118 -45.16 -9.33 53.73
C TRP H 118 -46.40 -9.90 54.39
N GLY H 119 -46.89 -9.23 55.42
CA GLY H 119 -48.08 -9.66 56.13
C GLY H 119 -49.30 -8.89 55.71
N GLN H 120 -50.18 -8.61 56.68
CA GLN H 120 -51.43 -7.91 56.44
C GLN H 120 -51.45 -6.51 57.05
N GLY H 121 -51.07 -6.39 58.31
CA GLY H 121 -51.20 -5.12 59.02
C GLY H 121 -52.09 -5.33 60.23
N THR H 122 -51.66 -4.77 61.35
CA THR H 122 -52.32 -4.98 62.63
C THR H 122 -53.25 -3.85 63.02
N THR H 123 -52.85 -2.60 62.80
CA THR H 123 -53.63 -1.43 63.19
C THR H 123 -53.92 -1.44 64.69
N VAL H 124 -52.84 -1.37 65.46
CA VAL H 124 -52.93 -1.39 66.92
C VAL H 124 -53.13 0.04 67.42
N THR H 125 -53.98 0.18 68.44
CA THR H 125 -54.27 1.46 69.07
C THR H 125 -53.97 1.37 70.56
N VAL H 126 -53.28 2.36 71.08
CA VAL H 126 -52.93 2.41 72.50
C VAL H 126 -53.50 3.71 73.05
N SER H 127 -54.71 3.64 73.60
CA SER H 127 -55.39 4.76 74.22
C SER H 127 -56.68 4.24 74.86
N SER H 128 -57.17 4.99 75.84
CA SER H 128 -58.40 4.65 76.52
C SER H 128 -59.53 5.62 76.16
N THR I 115 -25.42 -4.53 37.22
CA THR I 115 -26.35 -5.50 36.68
C THR I 115 -26.52 -6.70 37.60
N LYS I 116 -27.15 -7.76 37.08
CA LYS I 116 -27.43 -8.95 37.86
C LYS I 116 -26.37 -10.01 37.62
N PRO I 117 -25.75 -10.56 38.65
CA PRO I 117 -24.75 -11.61 38.42
C PRO I 117 -25.41 -12.89 37.96
N THR I 118 -24.76 -13.55 36.99
CA THR I 118 -25.23 -14.83 36.49
C THR I 118 -24.30 -15.95 36.98
N PHE I 119 -24.88 -16.93 37.65
CA PHE I 119 -24.16 -18.12 38.06
C PHE I 119 -24.48 -19.27 37.12
N TYR I 120 -23.65 -20.30 37.17
CA TYR I 120 -23.80 -21.46 36.31
C TYR I 120 -23.94 -22.71 37.17
N VAL I 121 -24.40 -23.78 36.53
CA VAL I 121 -24.45 -25.10 37.14
C VAL I 121 -23.91 -26.10 36.14
N CYS I 122 -22.78 -26.72 36.47
CA CYS I 122 -22.11 -27.62 35.54
C CYS I 122 -22.39 -29.07 35.93
N PRO I 123 -23.31 -29.76 35.29
CA PRO I 123 -23.51 -31.19 35.57
C PRO I 123 -22.31 -32.00 35.12
N PRO I 124 -22.08 -33.17 35.72
CA PRO I 124 -20.91 -33.97 35.37
C PRO I 124 -20.98 -34.45 33.92
N PRO I 125 -19.88 -34.35 33.19
CA PRO I 125 -19.91 -34.72 31.77
C PRO I 125 -20.14 -36.21 31.58
N THR I 126 -20.33 -36.59 30.32
CA THR I 126 -20.52 -37.97 29.92
C THR I 126 -19.76 -38.20 28.62
N GLY I 127 -19.32 -39.45 28.41
CA GLY I 127 -18.51 -39.78 27.26
C GLY I 127 -19.17 -39.57 25.91
N SER I 128 -20.43 -39.13 25.91
CA SER I 128 -21.17 -38.99 24.67
C SER I 128 -20.42 -38.11 23.68
N THR I 129 -20.13 -36.86 24.08
CA THR I 129 -19.46 -35.89 23.21
C THR I 129 -18.00 -35.86 23.59
N ILE I 130 -17.17 -36.57 22.83
CA ILE I 130 -15.72 -36.54 23.00
C ILE I 130 -15.12 -35.79 21.81
N VAL I 131 -14.07 -35.01 22.07
CA VAL I 131 -13.42 -34.18 21.08
C VAL I 131 -11.92 -34.36 21.21
N ARG I 132 -11.19 -33.60 20.39
CA ARG I 132 -9.73 -33.64 20.37
C ARG I 132 -9.22 -32.34 19.78
N LEU I 133 -7.96 -32.03 20.08
CA LEU I 133 -7.31 -30.89 19.45
C LEU I 133 -6.99 -31.19 17.99
N GLU I 134 -7.32 -30.25 17.11
CA GLU I 134 -7.02 -30.40 15.70
C GLU I 134 -5.51 -30.44 15.49
N PRO I 135 -5.03 -31.28 14.58
CA PRO I 135 -3.58 -31.34 14.31
C PRO I 135 -3.11 -30.04 13.68
N PRO I 136 -1.81 -29.75 13.76
CA PRO I 136 -1.30 -28.48 13.24
C PRO I 136 -1.52 -28.34 11.75
N ARG I 137 -2.01 -27.18 11.33
CA ARG I 137 -2.27 -26.91 9.92
C ARG I 137 -0.98 -26.67 9.17
N THR I 138 -0.93 -27.13 7.93
CA THR I 138 0.23 -26.88 7.08
C THR I 138 0.24 -25.41 6.67
N CYS I 139 1.43 -24.89 6.43
CA CYS I 139 1.44 -23.48 6.09
C CYS I 139 1.69 -23.29 4.60
N PRO I 140 0.95 -22.39 3.96
CA PRO I 140 1.08 -22.22 2.52
C PRO I 140 2.43 -21.64 2.14
N ASP I 141 3.01 -22.19 1.07
CA ASP I 141 4.25 -21.66 0.50
C ASP I 141 3.86 -20.59 -0.50
N TYR I 142 4.24 -19.35 -0.23
CA TYR I 142 3.94 -18.25 -1.14
C TYR I 142 5.00 -18.19 -2.23
N HIS I 143 4.59 -18.45 -3.47
CA HIS I 143 5.51 -18.44 -4.60
C HIS I 143 5.58 -17.06 -5.25
N LEU I 144 5.89 -16.06 -4.44
CA LEU I 144 6.08 -14.70 -4.93
C LEU I 144 7.51 -14.56 -5.43
N GLY I 145 7.65 -14.18 -6.70
CA GLY I 145 8.95 -14.11 -7.33
C GLY I 145 8.85 -14.43 -8.80
N LYS I 146 9.52 -13.66 -9.65
CA LYS I 146 9.41 -13.80 -11.08
C LYS I 146 10.78 -14.02 -11.69
N ASN I 147 10.78 -14.49 -12.94
CA ASN I 147 12.00 -14.65 -13.72
C ASN I 147 12.27 -13.32 -14.41
N PHE I 148 13.32 -12.62 -13.97
CA PHE I 148 13.67 -11.33 -14.54
C PHE I 148 14.88 -11.47 -15.46
N THR I 149 15.23 -10.36 -16.10
CA THR I 149 16.34 -10.31 -17.04
C THR I 149 16.88 -8.90 -17.04
N GLU I 150 18.11 -8.72 -16.57
CA GLU I 150 18.74 -7.41 -16.60
C GLU I 150 19.28 -7.13 -18.00
N GLY I 151 19.51 -5.85 -18.28
CA GLY I 151 20.06 -5.49 -19.57
C GLY I 151 20.08 -3.98 -19.76
N ILE I 152 20.37 -3.59 -21.00
CA ILE I 152 20.38 -2.19 -21.41
C ILE I 152 19.31 -1.99 -22.46
N ALA I 153 18.66 -0.83 -22.43
CA ALA I 153 17.58 -0.53 -23.36
C ALA I 153 17.72 0.89 -23.87
N VAL I 154 17.23 1.11 -25.08
CA VAL I 154 17.11 2.43 -25.68
C VAL I 154 15.67 2.57 -26.13
N VAL I 155 14.98 3.60 -25.64
CA VAL I 155 13.57 3.81 -25.97
C VAL I 155 13.49 4.79 -27.12
N TYR I 156 12.63 4.48 -28.09
CA TYR I 156 12.47 5.27 -29.30
C TYR I 156 11.02 5.71 -29.43
N LYS I 157 10.82 6.99 -29.69
CA LYS I 157 9.50 7.52 -29.95
C LYS I 157 9.37 7.86 -31.42
N GLU I 158 8.13 8.09 -31.84
CA GLU I 158 7.86 8.55 -33.20
C GLU I 158 8.39 9.96 -33.40
N ASN I 159 8.97 10.21 -34.57
CA ASN I 159 9.52 11.51 -34.91
C ASN I 159 8.40 12.36 -35.53
N ILE I 160 7.98 13.40 -34.81
CA ILE I 160 6.89 14.24 -35.28
C ILE I 160 7.38 15.55 -35.89
N ALA I 161 8.68 15.83 -35.83
CA ALA I 161 9.20 17.07 -36.35
C ALA I 161 9.38 17.01 -37.86
N ALA I 162 9.43 18.19 -38.48
CA ALA I 162 9.68 18.29 -39.90
C ALA I 162 11.16 18.15 -40.20
N TYR I 163 11.46 17.62 -41.39
CA TYR I 163 12.84 17.50 -41.83
C TYR I 163 13.33 18.87 -42.30
N LYS I 164 14.41 19.36 -41.69
CA LYS I 164 14.86 20.72 -41.88
C LYS I 164 16.23 20.70 -42.54
N PHE I 165 16.36 21.42 -43.65
CA PHE I 165 17.63 21.59 -44.33
C PHE I 165 17.78 23.05 -44.72
N LYS I 166 18.87 23.36 -45.42
CA LYS I 166 19.14 24.71 -45.87
C LYS I 166 19.25 24.73 -47.38
N ALA I 167 18.71 25.80 -47.98
CA ALA I 167 18.73 25.99 -49.41
C ALA I 167 19.03 27.45 -49.68
N THR I 168 19.10 27.81 -50.95
CA THR I 168 19.31 29.19 -51.36
C THR I 168 18.28 29.53 -52.41
N VAL I 169 17.76 30.75 -52.37
CA VAL I 169 16.81 31.24 -53.37
C VAL I 169 17.48 32.34 -54.15
N TYR I 170 17.31 32.29 -55.47
CA TYR I 170 17.87 33.28 -56.40
C TYR I 170 16.72 33.87 -57.17
N TYR I 171 16.47 35.17 -57.01
CA TYR I 171 15.39 35.80 -57.74
C TYR I 171 15.72 37.28 -57.93
N LYS I 172 15.01 37.90 -58.87
CA LYS I 172 15.14 39.31 -59.20
C LYS I 172 13.84 40.02 -58.90
N ASP I 173 13.92 41.16 -58.23
CA ASP I 173 12.76 41.98 -57.91
C ASP I 173 12.56 43.01 -59.02
N VAL I 174 11.51 42.82 -59.81
CA VAL I 174 11.24 43.66 -60.98
C VAL I 174 10.07 44.57 -60.64
N ILE I 175 10.36 45.82 -60.29
CA ILE I 175 9.33 46.81 -59.98
C ILE I 175 9.17 47.76 -61.15
N VAL I 176 7.94 48.06 -61.52
CA VAL I 176 7.62 48.95 -62.63
C VAL I 176 6.69 50.03 -62.11
N SER I 177 7.22 51.24 -61.93
CA SER I 177 6.47 52.35 -61.36
C SER I 177 6.03 53.31 -62.46
N THR I 178 4.77 53.71 -62.41
CA THR I 178 4.21 54.68 -63.36
C THR I 178 3.76 55.90 -62.59
N ALA I 179 4.41 57.04 -62.83
CA ALA I 179 4.09 58.29 -62.18
C ALA I 179 3.37 59.23 -63.13
N TRP I 180 2.57 60.13 -62.56
CA TRP I 180 1.88 61.16 -63.32
C TRP I 180 2.35 62.51 -62.79
N ALA I 181 3.23 63.17 -63.54
CA ALA I 181 3.70 64.49 -63.15
C ALA I 181 2.58 65.51 -63.33
N GLY I 182 2.20 66.17 -62.24
CA GLY I 182 1.14 67.13 -62.25
C GLY I 182 1.64 68.56 -62.09
N SER I 183 0.70 69.45 -61.76
CA SER I 183 1.02 70.87 -61.65
C SER I 183 2.09 71.11 -60.59
N SER I 184 1.80 70.75 -59.34
CA SER I 184 2.71 70.97 -58.23
C SER I 184 3.07 69.69 -57.49
N TYR I 185 2.77 68.52 -58.06
CA TYR I 185 3.01 67.27 -57.36
C TYR I 185 3.19 66.15 -58.38
N THR I 186 3.75 65.05 -57.91
CA THR I 186 3.83 63.82 -58.67
C THR I 186 3.01 62.74 -57.96
N GLN I 187 2.30 61.94 -58.74
CA GLN I 187 1.43 60.91 -58.21
C GLN I 187 1.78 59.58 -58.86
N ILE I 188 2.15 58.60 -58.05
CA ILE I 188 2.31 57.22 -58.53
C ILE I 188 0.93 56.64 -58.83
N THR I 189 0.66 56.36 -60.10
CA THR I 189 -0.61 55.79 -60.52
C THR I 189 -0.55 54.28 -60.68
N ASN I 190 0.64 53.68 -60.60
CA ASN I 190 0.76 52.24 -60.62
C ASN I 190 2.14 51.84 -60.13
N ARG I 191 2.22 50.64 -59.59
CA ARG I 191 3.50 50.07 -59.20
C ARG I 191 3.34 48.56 -59.21
N TYR I 192 3.94 47.91 -60.19
CA TYR I 192 3.77 46.49 -60.42
C TYR I 192 5.06 45.80 -60.01
N ALA I 193 5.07 45.20 -58.83
CA ALA I 193 6.21 44.46 -58.37
C ALA I 193 6.05 42.98 -58.72
N ASP I 194 7.17 42.33 -58.99
CA ASP I 194 7.17 40.95 -59.45
C ASP I 194 8.51 40.33 -59.11
N ARG I 195 8.50 39.07 -58.70
CA ARG I 195 9.71 38.31 -58.45
C ARG I 195 9.89 37.32 -59.60
N VAL I 196 11.06 37.35 -60.21
CA VAL I 196 11.35 36.49 -61.36
C VAL I 196 12.60 35.68 -61.03
N PRO I 197 12.75 34.48 -61.57
CA PRO I 197 13.91 33.65 -61.24
C PRO I 197 15.17 34.13 -61.93
N ILE I 198 16.30 33.65 -61.41
CA ILE I 198 17.60 33.78 -62.07
C ILE I 198 17.90 32.43 -62.71
N PRO I 199 17.98 32.33 -64.04
CA PRO I 199 18.21 31.03 -64.66
C PRO I 199 19.54 30.44 -64.23
N VAL I 200 19.60 29.10 -64.20
CA VAL I 200 20.76 28.44 -63.64
C VAL I 200 22.02 28.64 -64.48
N SER I 201 21.88 28.91 -65.77
CA SER I 201 23.03 29.31 -66.57
C SER I 201 23.65 30.58 -66.01
N GLU I 202 22.82 31.59 -65.74
CA GLU I 202 23.30 32.82 -65.16
C GLU I 202 23.92 32.59 -63.79
N ILE I 203 23.29 31.78 -62.95
CA ILE I 203 23.86 31.48 -61.63
C ILE I 203 25.24 30.87 -61.79
N THR I 204 25.30 29.68 -62.40
CA THR I 204 26.52 28.89 -62.44
C THR I 204 27.58 29.47 -63.37
N ASP I 205 27.27 30.51 -64.15
CA ASP I 205 28.29 31.13 -64.99
C ASP I 205 28.62 32.56 -64.61
N THR I 206 27.86 33.20 -63.73
CA THR I 206 28.26 34.54 -63.33
C THR I 206 28.30 34.72 -61.82
N ILE I 207 27.33 34.17 -61.09
CA ILE I 207 27.27 34.42 -59.66
C ILE I 207 28.29 33.56 -58.93
N ASP I 208 28.35 32.27 -59.28
CA ASP I 208 29.30 31.36 -58.68
C ASP I 208 30.64 31.36 -59.38
N LYS I 209 30.82 32.25 -60.37
CA LYS I 209 32.10 32.44 -61.03
C LYS I 209 32.77 33.76 -60.66
N PHE I 210 32.03 34.87 -60.70
CA PHE I 210 32.57 36.18 -60.39
C PHE I 210 31.88 36.88 -59.24
N GLY I 211 30.78 36.35 -58.72
CA GLY I 211 30.04 37.03 -57.66
C GLY I 211 29.31 38.26 -58.14
N LYS I 212 28.76 38.21 -59.35
CA LYS I 212 28.06 39.33 -59.95
C LYS I 212 26.76 38.83 -60.56
N CYS I 213 25.81 39.75 -60.74
CA CYS I 213 24.53 39.42 -61.32
C CYS I 213 24.17 40.42 -62.39
N SER I 214 23.73 39.94 -63.54
CA SER I 214 23.36 40.81 -64.64
C SER I 214 22.22 41.74 -64.23
N SER I 215 22.22 42.93 -64.80
CA SER I 215 21.22 43.94 -64.51
C SER I 215 19.99 43.80 -65.39
N LYS I 216 19.92 42.77 -66.21
CA LYS I 216 18.80 42.53 -67.12
C LYS I 216 18.08 41.25 -66.71
N ALA I 217 16.80 41.37 -66.41
CA ALA I 217 15.98 40.21 -66.08
C ALA I 217 15.36 39.64 -67.33
N THR I 218 15.52 38.33 -67.53
CA THR I 218 14.90 37.62 -68.63
C THR I 218 14.10 36.46 -68.07
N TYR I 219 12.80 36.48 -68.28
CA TYR I 219 11.91 35.50 -67.67
C TYR I 219 10.78 35.20 -68.63
N VAL I 220 9.76 34.50 -68.13
CA VAL I 220 8.62 34.08 -68.93
C VAL I 220 7.37 34.39 -68.13
N ARG I 221 6.53 35.27 -68.65
CA ARG I 221 5.24 35.58 -68.09
C ARG I 221 4.18 35.49 -69.17
N ASN I 222 3.03 34.92 -68.82
CA ASN I 222 1.90 34.76 -69.73
C ASN I 222 2.31 33.96 -70.96
N ASN I 223 3.23 33.03 -70.78
CA ASN I 223 3.81 32.15 -71.79
C ASN I 223 4.70 32.89 -72.78
N HIS I 224 5.03 34.15 -72.53
CA HIS I 224 5.86 34.95 -73.43
C HIS I 224 7.20 35.24 -72.78
N LYS I 225 8.26 35.26 -73.59
CA LYS I 225 9.60 35.58 -73.08
C LYS I 225 9.71 37.08 -72.92
N VAL I 226 9.66 37.53 -71.67
CA VAL I 226 9.67 38.93 -71.31
C VAL I 226 11.04 39.32 -70.80
N GLU I 227 11.35 40.61 -70.85
CA GLU I 227 12.60 41.13 -70.31
C GLU I 227 12.33 42.35 -69.45
N ALA I 228 13.40 42.87 -68.85
CA ALA I 228 13.35 44.08 -68.04
C ALA I 228 14.76 44.55 -67.79
N PHE I 229 14.96 45.86 -67.74
CA PHE I 229 16.28 46.46 -67.58
C PHE I 229 16.24 47.44 -66.42
N ASN I 230 17.21 47.34 -65.52
CA ASN I 230 17.27 48.26 -64.40
C ASN I 230 17.54 49.67 -64.92
N GLU I 231 16.69 50.60 -64.50
CA GLU I 231 16.75 52.01 -64.90
C GLU I 231 16.57 52.19 -66.40
N ASP I 232 16.17 51.14 -67.11
CA ASP I 232 15.93 51.19 -68.55
C ASP I 232 17.20 51.60 -69.29
N LYS I 233 18.33 51.04 -68.88
CA LYS I 233 19.64 51.34 -69.44
C LYS I 233 20.21 50.07 -70.08
N ASN I 234 21.47 50.17 -70.50
CA ASN I 234 22.15 49.00 -71.04
C ASN I 234 22.50 48.04 -69.89
N PRO I 235 22.42 46.73 -70.12
CA PRO I 235 22.66 45.79 -69.03
C PRO I 235 24.11 45.79 -68.59
N GLN I 236 24.31 45.58 -67.29
CA GLN I 236 25.65 45.44 -66.72
C GLN I 236 25.75 44.16 -65.92
N ASP I 237 26.87 43.96 -65.22
CA ASP I 237 27.01 42.91 -64.22
C ASP I 237 27.41 43.58 -62.91
N MET I 238 26.50 43.67 -62.02
CA MET I 238 26.72 44.38 -60.77
C MET I 238 27.16 43.41 -59.67
N PRO I 239 28.01 43.87 -58.75
CA PRO I 239 28.46 42.98 -57.67
C PRO I 239 27.36 42.76 -56.64
N LEU I 240 27.38 41.56 -56.06
CA LEU I 240 26.42 41.18 -55.03
C LEU I 240 26.97 41.63 -53.68
N ILE I 241 26.21 42.47 -52.98
CA ILE I 241 26.66 43.09 -51.76
C ILE I 241 25.76 42.62 -50.62
N ALA I 242 26.38 42.33 -49.47
CA ALA I 242 25.64 41.81 -48.33
C ALA I 242 24.66 42.85 -47.79
N SER I 243 23.54 42.36 -47.27
CA SER I 243 22.57 43.23 -46.64
C SER I 243 23.13 43.81 -45.36
N LYS I 244 22.55 44.93 -44.93
CA LYS I 244 22.97 45.52 -43.66
C LYS I 244 22.58 44.66 -42.47
N TYR I 245 21.56 43.79 -42.64
CA TYR I 245 21.05 42.96 -41.56
C TYR I 245 21.61 41.55 -41.59
N ASN I 246 22.76 41.34 -42.23
CA ASN I 246 23.30 40.00 -42.37
C ASN I 246 23.86 39.54 -41.02
N SER I 247 22.96 39.10 -40.16
CA SER I 247 23.34 38.44 -38.92
C SER I 247 23.63 36.97 -39.23
N VAL I 248 23.74 36.14 -38.19
CA VAL I 248 24.05 34.74 -38.38
C VAL I 248 22.89 34.03 -39.06
N GLY I 249 23.20 33.04 -39.89
CA GLY I 249 22.20 32.19 -40.49
C GLY I 249 21.48 32.79 -41.67
N SER I 250 20.57 33.74 -41.42
CA SER I 250 19.75 34.34 -42.46
C SER I 250 20.54 35.47 -43.10
N LYS I 251 21.16 35.18 -44.23
CA LYS I 251 21.96 36.15 -44.96
C LYS I 251 21.39 36.36 -46.35
N ALA I 252 21.64 37.54 -46.91
CA ALA I 252 21.13 37.89 -48.23
C ALA I 252 22.07 38.88 -48.88
N TRP I 253 22.36 38.67 -50.17
CA TRP I 253 23.21 39.54 -50.96
C TRP I 253 22.41 40.10 -52.13
N HIS I 254 22.36 41.42 -52.25
CA HIS I 254 21.62 42.07 -53.31
C HIS I 254 22.49 43.13 -53.99
N THR I 255 22.02 43.63 -55.13
CA THR I 255 22.81 44.52 -55.97
C THR I 255 22.39 45.99 -55.90
N THR I 256 21.12 46.28 -55.64
CA THR I 256 20.60 47.64 -55.72
C THR I 256 19.92 48.02 -54.42
N ASN I 257 20.25 49.20 -53.90
CA ASN I 257 19.52 49.76 -52.77
C ASN I 257 18.45 50.75 -53.18
N ASP I 258 18.36 51.09 -54.47
CA ASP I 258 17.50 52.16 -54.95
C ASP I 258 16.40 51.58 -55.84
N THR I 259 15.30 52.31 -55.91
CA THR I 259 14.21 51.97 -56.81
C THR I 259 14.03 53.12 -57.79
N TYR I 260 14.00 52.80 -59.07
CA TYR I 260 14.00 53.80 -60.13
C TYR I 260 12.58 54.20 -60.50
N MET I 261 12.33 55.51 -60.55
CA MET I 261 11.10 56.03 -61.12
C MET I 261 11.38 57.43 -61.64
N VAL I 262 10.59 57.84 -62.61
CA VAL I 262 10.72 59.16 -63.23
C VAL I 262 9.34 59.79 -63.32
N ALA I 263 9.32 61.12 -63.27
CA ALA I 263 8.06 61.88 -63.26
C ALA I 263 7.72 62.45 -64.64
N GLY I 264 8.62 63.23 -65.23
CA GLY I 264 8.37 63.82 -66.52
C GLY I 264 7.83 65.23 -66.43
N THR I 265 7.45 65.75 -67.59
CA THR I 265 6.91 67.09 -67.68
C THR I 265 5.44 67.10 -67.25
N PRO I 266 5.01 68.13 -66.53
CA PRO I 266 3.65 68.15 -65.97
C PRO I 266 2.59 67.94 -67.04
N GLY I 267 1.86 66.84 -66.91
CA GLY I 267 0.77 66.50 -67.79
C GLY I 267 0.95 65.17 -68.51
N THR I 268 1.99 64.41 -68.22
CA THR I 268 2.27 63.16 -68.91
C THR I 268 2.56 62.07 -67.89
N TYR I 269 2.37 60.83 -68.33
CA TYR I 269 2.72 59.66 -67.55
C TYR I 269 4.11 59.20 -67.94
N ARG I 270 4.89 58.77 -66.95
CA ARG I 270 6.21 58.24 -67.19
C ARG I 270 6.34 56.92 -66.44
N THR I 271 7.01 55.95 -67.06
CA THR I 271 7.17 54.62 -66.50
C THR I 271 8.65 54.33 -66.26
N GLY I 272 8.97 53.85 -65.06
CA GLY I 272 10.31 53.44 -64.72
C GLY I 272 10.41 51.94 -64.59
N THR I 273 11.56 51.49 -64.09
CA THR I 273 11.79 50.06 -63.89
C THR I 273 13.00 49.82 -63.02
N SER I 274 12.85 49.01 -61.98
CA SER I 274 13.95 48.54 -61.18
C SER I 274 14.19 47.05 -61.45
N VAL I 275 15.41 46.61 -61.16
CA VAL I 275 15.74 45.20 -61.13
C VAL I 275 16.75 45.00 -60.02
N ASN I 276 16.44 44.10 -59.09
CA ASN I 276 17.27 43.87 -57.90
C ASN I 276 17.55 42.38 -57.81
N CYS I 277 18.78 41.98 -58.09
CA CYS I 277 19.20 40.60 -57.89
C CYS I 277 19.30 40.32 -56.40
N ILE I 278 18.57 39.30 -55.94
CA ILE I 278 18.53 38.97 -54.52
C ILE I 278 18.83 37.49 -54.35
N ILE I 279 19.88 37.18 -53.60
CA ILE I 279 20.25 35.82 -53.24
C ILE I 279 20.14 35.70 -51.73
N GLU I 280 19.24 34.84 -51.26
CA GLU I 280 19.00 34.64 -49.84
C GLU I 280 19.27 33.19 -49.46
N GLU I 281 19.95 32.99 -48.34
CA GLU I 281 20.04 31.69 -47.72
C GLU I 281 18.81 31.47 -46.85
N VAL I 282 17.98 30.49 -47.21
CA VAL I 282 16.74 30.22 -46.51
C VAL I 282 16.86 28.91 -45.74
N GLU I 283 15.87 28.64 -44.91
CA GLU I 283 15.73 27.38 -44.20
C GLU I 283 14.58 26.62 -44.82
N ALA I 284 14.89 25.48 -45.43
CA ALA I 284 13.84 24.67 -46.01
C ALA I 284 13.30 23.70 -44.95
N ARG I 285 12.15 23.10 -45.27
CA ARG I 285 11.37 22.42 -44.24
C ARG I 285 10.40 21.49 -44.93
N SER I 286 10.45 20.20 -44.61
CA SER I 286 9.60 19.22 -45.28
C SER I 286 9.04 18.24 -44.25
N ILE I 287 7.79 17.83 -44.46
CA ILE I 287 7.12 16.89 -43.58
C ILE I 287 6.70 15.67 -44.38
N PHE I 288 6.40 14.60 -43.65
CA PHE I 288 6.07 13.32 -44.28
C PHE I 288 4.85 13.49 -45.19
N PRO I 289 4.82 12.82 -46.36
CA PRO I 289 5.81 11.88 -46.89
C PRO I 289 6.95 12.50 -47.68
N TYR I 290 7.30 13.76 -47.41
CA TYR I 290 8.44 14.43 -48.04
C TYR I 290 8.29 14.47 -49.56
N ASP I 291 7.21 15.07 -50.02
CA ASP I 291 6.99 15.28 -51.45
C ASP I 291 6.79 16.75 -51.77
N SER I 292 7.28 17.64 -50.91
CA SER I 292 7.21 19.07 -51.05
C SER I 292 8.03 19.67 -49.92
N PHE I 293 8.46 20.91 -50.10
CA PHE I 293 9.10 21.60 -48.99
C PHE I 293 8.81 23.08 -49.08
N GLY I 294 8.59 23.69 -47.92
CA GLY I 294 8.38 25.12 -47.83
C GLY I 294 9.64 25.84 -47.42
N LEU I 295 9.72 27.11 -47.79
CA LEU I 295 10.91 27.91 -47.55
C LEU I 295 10.60 29.01 -46.53
N SER I 296 11.68 29.57 -45.97
CA SER I 296 11.55 30.69 -45.06
C SER I 296 10.93 31.91 -45.71
N THR I 297 10.95 31.97 -47.04
CA THR I 297 10.30 33.05 -47.77
C THR I 297 8.80 32.85 -47.89
N GLY I 298 8.29 31.66 -47.61
CA GLY I 298 6.87 31.38 -47.67
C GLY I 298 6.45 30.54 -48.84
N ASP I 299 7.40 30.07 -49.65
CA ASP I 299 7.12 29.42 -50.92
C ASP I 299 7.04 27.91 -50.74
N ILE I 300 6.01 27.29 -51.29
CA ILE I 300 5.92 25.85 -51.35
C ILE I 300 6.57 25.38 -52.64
N ILE I 301 7.48 24.42 -52.53
CA ILE I 301 8.15 23.84 -53.67
C ILE I 301 7.61 22.43 -53.84
N TYR I 302 6.79 22.22 -54.86
CA TYR I 302 6.06 20.96 -55.04
C TYR I 302 6.97 19.89 -55.66
N MET I 303 8.08 19.64 -54.96
CA MET I 303 9.05 18.64 -55.37
C MET I 303 9.73 18.12 -54.11
N SER I 304 9.96 16.81 -54.06
CA SER I 304 10.55 16.22 -52.88
C SER I 304 11.98 16.72 -52.69
N PRO I 305 12.42 16.94 -51.44
CA PRO I 305 13.81 17.38 -51.20
C PRO I 305 14.84 16.35 -51.64
N PHE I 306 14.42 15.15 -52.00
CA PHE I 306 15.33 14.07 -52.36
C PHE I 306 15.20 13.67 -53.82
N PHE I 307 14.52 14.48 -54.62
CA PHE I 307 14.49 14.27 -56.05
C PHE I 307 15.88 14.49 -56.63
N GLY I 308 16.27 13.63 -57.53
CA GLY I 308 17.58 13.70 -58.13
C GLY I 308 17.62 12.97 -59.44
N LEU I 309 18.82 12.65 -59.88
CA LEU I 309 19.02 11.93 -61.14
C LEU I 309 19.62 10.55 -60.97
N ARG I 310 20.29 10.27 -59.86
CA ARG I 310 20.92 8.99 -59.60
C ARG I 310 20.25 8.30 -58.43
N ASP I 311 20.72 7.09 -58.12
CA ASP I 311 20.34 6.36 -56.91
C ASP I 311 18.83 6.16 -56.79
N GLY I 312 18.15 6.06 -57.93
CA GLY I 312 16.71 5.88 -57.93
C GLY I 312 15.95 7.06 -57.36
N ALA I 313 16.62 8.20 -57.22
CA ALA I 313 15.98 9.40 -56.71
C ALA I 313 15.01 10.00 -57.72
N TYR I 314 15.21 9.74 -59.01
CA TYR I 314 14.32 10.24 -60.04
C TYR I 314 12.90 9.71 -59.93
N ARG I 315 12.66 8.76 -59.03
CA ARG I 315 11.33 8.19 -58.81
C ARG I 315 10.60 8.85 -57.66
N GLU I 316 11.16 9.92 -57.09
CA GLU I 316 10.46 10.69 -56.07
C GLU I 316 9.37 11.53 -56.73
N HIS I 317 8.72 12.37 -55.96
CA HIS I 317 7.58 13.13 -56.43
C HIS I 317 8.02 14.49 -56.97
N SER I 318 7.37 14.93 -58.03
CA SER I 318 7.66 16.25 -58.60
C SER I 318 6.45 16.72 -59.38
N ASN I 319 5.95 17.90 -59.05
CA ASN I 319 4.85 18.53 -59.78
C ASN I 319 5.35 19.41 -60.92
N TYR I 320 6.63 19.33 -61.27
CA TYR I 320 7.22 20.20 -62.26
C TYR I 320 7.70 19.38 -63.46
N ALA I 321 7.91 20.07 -64.57
CA ALA I 321 8.49 19.46 -65.74
C ALA I 321 9.98 19.24 -65.53
N MET I 322 10.52 18.23 -66.21
CA MET I 322 11.92 17.87 -66.01
C MET I 322 12.88 18.89 -66.59
N ASP I 323 12.38 19.90 -67.29
CA ASP I 323 13.23 20.95 -67.84
C ASP I 323 13.58 22.00 -66.81
N ARG I 324 12.77 22.16 -65.76
CA ARG I 324 13.04 23.11 -64.70
C ARG I 324 14.08 22.62 -63.70
N PHE I 325 14.41 21.34 -63.71
CA PHE I 325 15.26 20.74 -62.70
C PHE I 325 16.65 20.48 -63.27
N HIS I 326 17.67 20.95 -62.55
CA HIS I 326 19.06 20.74 -62.93
C HIS I 326 19.85 20.20 -61.74
N GLN I 327 20.73 19.24 -62.00
CA GLN I 327 21.62 18.69 -60.99
C GLN I 327 23.05 18.80 -61.46
N PHE I 328 23.94 19.24 -60.57
CA PHE I 328 25.36 19.46 -60.87
C PHE I 328 26.18 18.63 -59.90
N GLU I 329 26.67 17.48 -60.36
CA GLU I 329 27.49 16.62 -59.51
C GLU I 329 28.89 17.20 -59.36
N GLY I 330 29.35 17.30 -58.12
CA GLY I 330 30.62 17.93 -57.85
C GLY I 330 30.61 19.44 -57.87
N TYR I 331 29.43 20.04 -57.72
CA TYR I 331 29.31 21.48 -57.83
C TYR I 331 29.99 22.17 -56.66
N ARG I 332 30.75 23.22 -56.96
CA ARG I 332 31.46 24.01 -55.94
C ARG I 332 30.77 25.36 -55.83
N GLN I 333 29.98 25.53 -54.78
CA GLN I 333 29.31 26.80 -54.54
C GLN I 333 30.33 27.86 -54.16
N ARG I 334 29.93 29.12 -54.28
CA ARG I 334 30.78 30.25 -53.96
C ARG I 334 30.24 30.97 -52.74
N ASP I 335 31.11 31.22 -51.77
CA ASP I 335 30.74 31.99 -50.60
C ASP I 335 30.84 33.47 -50.96
N LEU I 336 29.70 34.16 -50.99
CA LEU I 336 29.68 35.54 -51.46
C LEU I 336 30.32 36.51 -50.47
N ASP I 337 30.81 36.03 -49.33
CA ASP I 337 31.50 36.88 -48.37
C ASP I 337 33.02 36.72 -48.45
N THR I 338 33.50 35.48 -48.42
CA THR I 338 34.93 35.22 -48.53
C THR I 338 35.38 35.07 -49.98
N ARG I 339 34.45 35.19 -50.93
CA ARG I 339 34.75 35.17 -52.37
C ARG I 339 35.42 33.88 -52.81
N ALA I 340 35.34 32.83 -52.00
CA ALA I 340 36.04 31.59 -52.25
C ALA I 340 35.05 30.46 -52.50
N LEU I 341 35.43 29.55 -53.39
CA LEU I 341 34.58 28.40 -53.68
C LEU I 341 34.53 27.46 -52.47
N LEU I 342 33.37 26.85 -52.25
CA LEU I 342 33.20 25.87 -51.19
C LEU I 342 33.62 24.50 -51.71
N GLU I 343 33.35 23.47 -50.95
CA GLU I 343 33.78 22.13 -51.32
C GLU I 343 32.74 21.46 -52.21
N PRO I 344 33.17 20.56 -53.11
CA PRO I 344 32.25 20.00 -54.09
C PRO I 344 31.14 19.18 -53.43
N ALA I 345 29.94 19.30 -53.99
CA ALA I 345 28.77 18.60 -53.49
C ALA I 345 27.65 18.67 -54.51
N ALA I 346 27.00 17.54 -54.78
CA ALA I 346 25.87 17.54 -55.72
C ALA I 346 24.82 18.55 -55.28
N ARG I 347 24.30 19.29 -56.25
CA ARG I 347 23.41 20.42 -55.97
C ARG I 347 22.27 20.42 -56.96
N ASN I 348 21.04 20.38 -56.45
CA ASN I 348 19.85 20.47 -57.26
C ASN I 348 19.45 21.93 -57.46
N PHE I 349 18.93 22.24 -58.63
CA PHE I 349 18.42 23.56 -58.96
C PHE I 349 17.05 23.39 -59.58
N LEU I 350 16.09 24.19 -59.13
CA LEU I 350 14.75 24.16 -59.71
C LEU I 350 14.32 25.58 -60.00
N VAL I 351 13.87 25.83 -61.22
CA VAL I 351 13.45 27.15 -61.66
C VAL I 351 11.94 27.22 -61.51
N THR I 352 11.50 27.71 -60.38
CA THR I 352 10.10 28.03 -60.14
C THR I 352 9.74 29.32 -60.87
N PRO I 353 8.50 29.45 -61.36
CA PRO I 353 8.10 30.68 -62.05
C PRO I 353 8.46 32.00 -61.37
N HIS I 354 8.68 31.98 -60.06
CA HIS I 354 8.97 33.20 -59.32
C HIS I 354 10.32 33.21 -58.61
N LEU I 355 11.09 32.13 -58.69
CA LEU I 355 12.42 32.08 -58.07
C LEU I 355 13.09 30.79 -58.47
N THR I 356 14.39 30.71 -58.19
CA THR I 356 15.18 29.51 -58.41
C THR I 356 15.67 29.01 -57.06
N VAL I 357 15.34 27.78 -56.71
CA VAL I 357 15.77 27.17 -55.46
C VAL I 357 16.98 26.31 -55.76
N GLY I 358 17.97 26.36 -54.89
CA GLY I 358 19.10 25.45 -55.01
C GLY I 358 19.44 24.83 -53.68
N TRP I 359 19.59 23.51 -53.64
CA TRP I 359 19.91 22.85 -52.38
C TRP I 359 20.83 21.67 -52.66
N ASN I 360 21.76 21.44 -51.74
CA ASN I 360 22.66 20.30 -51.85
C ASN I 360 21.89 19.00 -51.69
N TRP I 361 22.08 18.07 -52.63
CA TRP I 361 21.32 16.83 -52.63
C TRP I 361 21.89 15.82 -51.65
N LYS I 362 21.00 15.17 -50.92
CA LYS I 362 21.33 14.15 -49.94
C LYS I 362 20.28 13.04 -50.04
N PRO I 363 20.69 11.78 -49.95
CA PRO I 363 19.74 10.68 -50.15
C PRO I 363 18.73 10.60 -49.02
N LYS I 364 17.56 10.07 -49.36
CA LYS I 364 16.46 10.01 -48.40
C LYS I 364 16.76 9.07 -47.25
N ARG I 365 17.51 8.00 -47.51
CA ARG I 365 17.74 6.96 -46.53
C ARG I 365 18.58 7.42 -45.34
N THR I 366 19.36 8.49 -45.50
CA THR I 366 20.28 8.92 -44.47
C THR I 366 19.86 10.22 -43.79
N GLU I 367 18.74 10.81 -44.18
CA GLU I 367 18.34 12.10 -43.65
C GLU I 367 17.04 12.07 -42.86
N VAL I 368 16.05 11.30 -43.29
CA VAL I 368 14.77 11.23 -42.61
C VAL I 368 14.65 9.90 -41.90
N CYS I 369 13.87 9.89 -40.81
CA CYS I 369 13.79 8.73 -39.94
C CYS I 369 12.49 8.82 -39.17
N SER I 370 11.69 7.74 -39.18
CA SER I 370 10.38 7.78 -38.53
C SER I 370 10.49 7.80 -37.03
N LEU I 371 11.56 7.26 -36.47
CA LEU I 371 11.72 7.13 -35.03
C LEU I 371 12.90 7.95 -34.56
N VAL I 372 12.76 8.54 -33.37
CA VAL I 372 13.82 9.32 -32.76
C VAL I 372 14.04 8.79 -31.36
N LYS I 373 15.28 8.81 -30.92
CA LYS I 373 15.62 8.35 -29.58
C LYS I 373 14.98 9.24 -28.55
N TRP I 374 14.23 8.64 -27.63
CA TRP I 374 13.64 9.37 -26.52
C TRP I 374 14.54 9.33 -25.29
N ARG I 375 14.98 8.14 -24.90
CA ARG I 375 15.71 7.98 -23.65
C ARG I 375 16.53 6.70 -23.73
N GLU I 376 17.80 6.80 -23.35
CA GLU I 376 18.64 5.62 -23.14
C GLU I 376 18.61 5.25 -21.67
N VAL I 377 18.43 3.97 -21.38
CA VAL I 377 18.30 3.49 -20.00
C VAL I 377 19.39 2.47 -19.74
N GLU I 378 20.23 2.74 -18.74
CA GLU I 378 21.38 1.89 -18.51
C GLU I 378 21.01 0.61 -17.76
N ASP I 379 20.11 0.69 -16.80
CA ASP I 379 19.70 -0.47 -16.01
C ASP I 379 18.19 -0.68 -16.13
N VAL I 380 17.79 -1.68 -16.91
CA VAL I 380 16.40 -2.07 -17.03
C VAL I 380 16.26 -3.50 -16.53
N VAL I 381 15.03 -3.93 -16.35
CA VAL I 381 14.71 -5.28 -15.89
C VAL I 381 13.54 -5.77 -16.71
N ARG I 382 13.73 -6.86 -17.45
CA ARG I 382 12.67 -7.44 -18.26
C ARG I 382 12.06 -8.60 -17.50
N ASP I 383 10.77 -8.47 -17.18
CA ASP I 383 10.02 -9.51 -16.49
C ASP I 383 9.18 -10.28 -17.50
N GLU I 384 8.60 -11.38 -17.04
CA GLU I 384 7.93 -12.34 -17.91
C GLU I 384 6.53 -12.63 -17.37
N TYR I 385 5.76 -11.57 -17.17
CA TYR I 385 4.38 -11.71 -16.73
C TYR I 385 3.60 -12.57 -17.72
N ALA I 386 2.39 -12.96 -17.32
CA ALA I 386 1.57 -13.83 -18.13
C ALA I 386 1.20 -13.15 -19.44
N HIS I 387 1.72 -13.68 -20.56
CA HIS I 387 1.44 -13.28 -21.94
C HIS I 387 2.16 -12.00 -22.34
N ASN I 388 2.91 -11.35 -21.45
CA ASN I 388 3.47 -10.04 -21.75
C ASN I 388 4.84 -9.91 -21.11
N PHE I 389 5.70 -9.15 -21.78
CA PHE I 389 6.92 -8.67 -21.17
C PHE I 389 6.65 -7.39 -20.39
N ARG I 390 7.54 -7.08 -19.45
CA ARG I 390 7.48 -5.84 -18.69
C ARG I 390 8.89 -5.33 -18.55
N PHE I 391 9.09 -4.04 -18.83
CA PHE I 391 10.40 -3.41 -18.75
C PHE I 391 10.35 -2.38 -17.64
N THR I 392 10.95 -2.69 -16.51
CA THR I 392 10.96 -1.81 -15.36
C THR I 392 12.26 -1.02 -15.36
N MET I 393 12.14 0.30 -15.29
CA MET I 393 13.28 1.21 -15.31
C MET I 393 13.22 2.03 -14.03
N LYS I 394 14.01 1.65 -13.04
CA LYS I 394 13.91 2.23 -11.72
C LYS I 394 14.50 3.63 -11.65
N THR I 395 15.37 3.99 -12.59
CA THR I 395 15.90 5.35 -12.61
C THR I 395 14.92 6.33 -13.20
N LEU I 396 14.07 5.87 -14.12
CA LEU I 396 13.02 6.71 -14.69
C LEU I 396 11.70 6.61 -13.93
N SER I 397 11.54 5.56 -13.12
CA SER I 397 10.27 5.24 -12.47
C SER I 397 9.19 4.99 -13.51
N THR I 398 9.54 4.22 -14.54
CA THR I 398 8.68 3.97 -15.68
C THR I 398 8.70 2.48 -16.01
N THR I 399 7.51 1.92 -16.26
CA THR I 399 7.38 0.51 -16.63
C THR I 399 6.66 0.42 -17.96
N PHE I 400 7.35 -0.10 -18.97
CA PHE I 400 6.78 -0.35 -20.28
C PHE I 400 6.36 -1.80 -20.39
N ILE I 401 5.28 -2.05 -21.13
CA ILE I 401 4.70 -3.38 -21.25
C ILE I 401 4.61 -3.73 -22.72
N SER I 402 5.43 -4.67 -23.15
CA SER I 402 5.46 -5.14 -24.52
C SER I 402 4.68 -6.45 -24.63
N GLU I 403 4.74 -7.05 -25.80
CA GLU I 403 4.30 -8.43 -25.99
C GLU I 403 5.52 -9.35 -25.92
N THR I 404 5.26 -10.65 -25.86
CA THR I 404 6.37 -11.59 -25.83
C THR I 404 7.06 -11.71 -27.19
N ASN I 405 6.44 -11.20 -28.25
CA ASN I 405 7.00 -11.28 -29.59
C ASN I 405 7.97 -10.14 -29.82
N GLU I 406 8.93 -10.38 -30.70
CA GLU I 406 9.78 -9.29 -31.16
C GLU I 406 9.00 -8.43 -32.15
N PHE I 407 9.47 -7.20 -32.32
CA PHE I 407 8.92 -6.29 -33.31
C PHE I 407 9.91 -6.17 -34.46
N ASN I 408 9.42 -6.41 -35.67
CA ASN I 408 10.24 -6.26 -36.87
C ASN I 408 10.12 -4.82 -37.34
N LEU I 409 11.21 -4.08 -37.25
CA LEU I 409 11.22 -2.67 -37.65
C LEU I 409 11.17 -2.50 -39.16
N ASN I 410 11.03 -3.58 -39.93
CA ASN I 410 10.84 -3.47 -41.37
C ASN I 410 9.40 -3.13 -41.74
N GLN I 411 8.46 -3.33 -40.82
CA GLN I 411 7.09 -2.90 -41.05
C GLN I 411 6.90 -1.40 -40.95
N ILE I 412 7.93 -0.67 -40.54
CA ILE I 412 7.83 0.77 -40.30
C ILE I 412 8.63 1.50 -41.36
N HIS I 413 8.06 2.60 -41.86
CA HIS I 413 8.76 3.41 -42.86
C HIS I 413 10.01 4.03 -42.25
N LEU I 414 11.10 4.01 -43.00
CA LEU I 414 12.27 4.82 -42.70
C LEU I 414 12.86 4.51 -41.32
N SER I 415 13.01 3.22 -41.03
CA SER I 415 13.49 2.78 -39.72
C SER I 415 14.93 2.30 -39.76
N GLN I 416 15.72 2.74 -40.74
CA GLN I 416 17.08 2.25 -40.88
C GLN I 416 18.01 2.76 -39.79
N CYS I 417 17.62 3.81 -39.07
CA CYS I 417 18.50 4.41 -38.07
C CYS I 417 18.61 3.52 -36.85
N VAL I 418 17.48 2.98 -36.40
CA VAL I 418 17.34 2.49 -35.03
C VAL I 418 18.36 1.43 -34.72
N LYS I 419 18.51 0.45 -35.63
CA LYS I 419 19.40 -0.68 -35.38
C LYS I 419 20.80 -0.21 -35.01
N GLU I 420 21.44 0.56 -35.90
CA GLU I 420 22.84 0.92 -35.66
C GLU I 420 22.96 2.00 -34.58
N GLU I 421 22.02 2.94 -34.51
CA GLU I 421 22.09 3.95 -33.45
C GLU I 421 22.03 3.29 -32.09
N ALA I 422 21.07 2.38 -31.90
CA ALA I 422 20.95 1.68 -30.63
C ALA I 422 22.12 0.76 -30.38
N ARG I 423 22.68 0.14 -31.42
CA ARG I 423 23.87 -0.68 -31.24
C ARG I 423 25.02 0.16 -30.68
N ALA I 424 25.26 1.33 -31.27
CA ALA I 424 26.33 2.19 -30.78
C ALA I 424 26.08 2.64 -29.35
N ILE I 425 24.85 3.06 -29.06
CA ILE I 425 24.54 3.56 -27.71
C ILE I 425 24.69 2.44 -26.68
N ILE I 426 24.19 1.25 -27.01
CA ILE I 426 24.24 0.13 -26.08
C ILE I 426 25.68 -0.34 -25.89
N ASN I 427 26.48 -0.33 -26.96
CA ASN I 427 27.88 -0.70 -26.82
C ASN I 427 28.63 0.28 -25.93
N ARG I 428 28.37 1.58 -26.09
CA ARG I 428 29.02 2.56 -25.22
C ARG I 428 28.60 2.35 -23.77
N ILE I 429 27.30 2.15 -23.53
CA ILE I 429 26.81 1.96 -22.17
C ILE I 429 27.43 0.72 -21.54
N TYR I 430 27.48 -0.38 -22.29
CA TYR I 430 28.07 -1.61 -21.79
C TYR I 430 29.54 -1.42 -21.45
N THR I 431 30.31 -0.87 -22.40
CA THR I 431 31.74 -0.70 -22.17
C THR I 431 32.03 0.26 -21.03
N THR I 432 31.14 1.21 -20.76
CA THR I 432 31.41 2.15 -19.68
C THR I 432 30.89 1.68 -18.32
N ARG I 433 29.90 0.79 -18.28
CA ARG I 433 29.31 0.42 -17.00
C ARG I 433 29.41 -1.07 -16.68
N TYR I 434 29.03 -1.95 -17.61
CA TYR I 434 28.98 -3.38 -17.33
C TYR I 434 30.13 -4.14 -17.98
N ASN I 435 31.28 -3.50 -18.16
CA ASN I 435 32.37 -4.13 -18.88
C ASN I 435 32.89 -5.36 -18.15
N SER I 436 32.95 -5.30 -16.81
CA SER I 436 33.51 -6.38 -16.03
C SER I 436 32.50 -7.14 -15.19
N SER I 437 31.34 -6.57 -14.91
CA SER I 437 30.37 -7.20 -14.03
C SER I 437 29.51 -8.23 -14.76
N HIS I 438 29.02 -7.89 -15.95
CA HIS I 438 28.08 -8.75 -16.67
C HIS I 438 28.67 -9.17 -18.02
N VAL I 439 27.88 -9.94 -18.76
CA VAL I 439 28.21 -10.36 -20.11
C VAL I 439 26.93 -10.36 -20.94
N ARG I 440 27.07 -10.10 -22.23
CA ARG I 440 25.91 -10.02 -23.11
C ARG I 440 25.29 -11.41 -23.29
N THR I 441 24.03 -11.42 -23.72
CA THR I 441 23.28 -12.67 -23.89
C THR I 441 22.54 -12.67 -25.21
N GLY I 442 23.24 -12.35 -26.29
CA GLY I 442 22.66 -12.34 -27.62
C GLY I 442 22.62 -10.94 -28.20
N ASP I 443 22.12 -10.87 -29.43
CA ASP I 443 22.01 -9.60 -30.12
C ASP I 443 20.84 -8.80 -29.56
N ILE I 444 20.82 -7.51 -29.89
CA ILE I 444 19.77 -6.62 -29.41
C ILE I 444 18.41 -7.10 -29.90
N GLN I 445 17.40 -6.89 -29.06
CA GLN I 445 16.02 -7.27 -29.35
C GLN I 445 15.16 -6.02 -29.42
N THR I 446 14.18 -6.03 -30.30
CA THR I 446 13.32 -4.86 -30.54
C THR I 446 11.88 -5.23 -30.19
N TYR I 447 11.31 -4.50 -29.24
CA TYR I 447 9.94 -4.71 -28.82
C TYR I 447 9.14 -3.42 -28.97
N LEU I 448 7.88 -3.56 -29.33
CA LEU I 448 6.97 -2.42 -29.41
C LEU I 448 6.22 -2.33 -28.09
N ALA I 449 6.59 -1.36 -27.26
CA ALA I 449 5.94 -1.18 -25.98
C ALA I 449 4.53 -0.64 -26.19
N ARG I 450 3.83 -0.44 -25.10
CA ARG I 450 2.45 0.06 -25.13
C ARG I 450 2.47 1.58 -25.11
N GLY I 451 1.57 2.18 -25.86
CA GLY I 451 1.54 3.61 -26.02
C GLY I 451 2.41 4.14 -27.15
N GLY I 452 3.01 3.28 -27.94
CA GLY I 452 3.74 3.67 -29.12
C GLY I 452 5.23 3.84 -28.99
N PHE I 453 5.87 3.09 -28.11
CA PHE I 453 7.31 3.18 -27.93
C PHE I 453 7.99 1.94 -28.49
N VAL I 454 9.27 2.08 -28.77
CA VAL I 454 10.09 1.00 -29.31
C VAL I 454 11.27 0.83 -28.37
N VAL I 455 11.36 -0.33 -27.74
CA VAL I 455 12.43 -0.64 -26.80
C VAL I 455 13.43 -1.54 -27.52
N VAL I 456 14.64 -1.04 -27.72
CA VAL I 456 15.74 -1.87 -28.21
C VAL I 456 16.47 -2.38 -26.98
N PHE I 457 16.29 -3.67 -26.69
CA PHE I 457 16.71 -4.26 -25.42
C PHE I 457 17.87 -5.22 -25.66
N GLN I 458 18.97 -5.00 -24.94
CA GLN I 458 20.10 -5.91 -24.96
C GLN I 458 20.11 -6.71 -23.67
N PRO I 459 19.93 -8.03 -23.70
CA PRO I 459 19.92 -8.82 -22.46
C PRO I 459 21.34 -9.05 -21.93
N LEU I 460 21.53 -8.78 -20.66
CA LEU I 460 22.80 -9.03 -19.98
C LEU I 460 22.67 -10.24 -19.06
N LEU I 461 23.82 -10.66 -18.54
CA LEU I 461 23.88 -11.77 -17.60
C LEU I 461 25.13 -11.59 -16.76
N SER I 462 24.98 -11.68 -15.45
CA SER I 462 26.12 -11.44 -14.58
C SER I 462 27.15 -12.55 -14.71
N ASN I 463 28.36 -12.28 -14.23
CA ASN I 463 29.43 -13.26 -14.35
C ASN I 463 29.12 -14.55 -13.59
N SER I 464 28.18 -14.51 -12.64
CA SER I 464 27.74 -15.70 -11.93
C SER I 464 27.06 -16.68 -12.88
N ASN I 503 3.36 -1.46 -45.18
CA ASN I 503 4.17 -0.65 -44.27
C ASN I 503 3.28 0.35 -43.53
N ARG I 504 3.66 0.68 -42.31
CA ARG I 504 2.87 1.56 -41.46
C ARG I 504 3.80 2.50 -40.71
N THR I 505 3.22 3.28 -39.81
CA THR I 505 3.97 4.17 -38.94
C THR I 505 3.49 3.97 -37.51
N ILE I 506 4.37 4.25 -36.56
CA ILE I 506 4.09 4.11 -35.13
C ILE I 506 3.64 5.46 -34.60
N THR I 507 2.54 5.49 -33.86
CA THR I 507 2.01 6.70 -33.27
C THR I 507 2.22 6.65 -31.76
N THR I 508 2.93 7.65 -31.23
CA THR I 508 3.28 7.70 -29.83
C THR I 508 2.38 8.70 -29.10
N THR I 509 1.89 8.30 -27.93
CA THR I 509 1.08 9.20 -27.12
C THR I 509 1.95 10.33 -26.59
N SER I 510 1.29 11.36 -26.04
CA SER I 510 2.00 12.51 -25.52
C SER I 510 2.09 12.50 -24.00
N SER I 511 2.10 11.32 -23.40
CA SER I 511 2.17 11.20 -21.95
C SER I 511 2.76 9.84 -21.62
N VAL I 512 3.68 9.82 -20.66
CA VAL I 512 4.21 8.58 -20.11
C VAL I 512 3.83 8.54 -18.65
N GLU I 513 2.68 9.17 -18.34
CA GLU I 513 2.13 9.20 -16.96
C GLU I 513 1.57 7.79 -16.67
N PHE I 514 0.99 7.15 -17.68
CA PHE I 514 0.46 5.80 -17.50
C PHE I 514 1.57 4.81 -17.15
N ALA I 515 2.77 5.02 -17.68
CA ALA I 515 3.88 4.12 -17.39
C ALA I 515 4.47 4.38 -16.01
N MET I 516 4.47 5.64 -15.56
CA MET I 516 4.86 5.91 -14.18
C MET I 516 3.83 5.36 -13.21
N LEU I 517 2.54 5.48 -13.55
CA LEU I 517 1.50 4.82 -12.76
C LEU I 517 1.74 3.32 -12.68
N GLN I 518 2.10 2.71 -13.81
CA GLN I 518 2.34 1.27 -13.82
C GLN I 518 3.51 0.91 -12.92
N PHE I 519 4.60 1.67 -13.00
CA PHE I 519 5.74 1.42 -12.13
C PHE I 519 5.34 1.53 -10.67
N THR I 520 4.63 2.60 -10.31
CA THR I 520 4.28 2.82 -8.91
C THR I 520 3.36 1.72 -8.39
N TYR I 521 2.35 1.34 -9.18
CA TYR I 521 1.48 0.26 -8.75
C TYR I 521 2.23 -1.04 -8.62
N ASP I 522 3.12 -1.36 -9.58
CA ASP I 522 3.90 -2.58 -9.48
C ASP I 522 4.75 -2.59 -8.23
N HIS I 523 5.37 -1.46 -7.90
CA HIS I 523 6.22 -1.39 -6.72
C HIS I 523 5.42 -1.60 -5.45
N ILE I 524 4.37 -0.81 -5.26
CA ILE I 524 3.55 -0.93 -4.06
C ILE I 524 2.96 -2.33 -3.95
N GLN I 525 2.48 -2.86 -5.07
CA GLN I 525 1.83 -4.16 -5.07
C GLN I 525 2.81 -5.27 -4.70
N GLU I 526 4.00 -5.25 -5.29
CA GLU I 526 5.00 -6.27 -4.98
C GLU I 526 5.43 -6.19 -3.51
N HIS I 527 5.68 -4.99 -3.00
CA HIS I 527 6.14 -4.87 -1.63
C HIS I 527 5.06 -5.30 -0.64
N VAL I 528 3.83 -4.82 -0.84
CA VAL I 528 2.75 -5.16 0.06
C VAL I 528 2.45 -6.66 -0.01
N ASN I 529 2.59 -7.26 -1.19
CA ASN I 529 2.35 -8.70 -1.29
C ASN I 529 3.42 -9.50 -0.55
N GLU I 530 4.67 -9.08 -0.66
CA GLU I 530 5.72 -9.75 0.11
C GLU I 530 5.46 -9.64 1.61
N MET I 531 5.07 -8.46 2.08
CA MET I 531 4.82 -8.28 3.50
C MET I 531 3.61 -9.09 3.97
N LEU I 532 2.55 -9.14 3.16
CA LEU I 532 1.39 -9.95 3.52
C LEU I 532 1.76 -11.43 3.59
N ALA I 533 2.56 -11.90 2.63
CA ALA I 533 3.00 -13.29 2.66
C ALA I 533 3.78 -13.58 3.92
N ARG I 534 4.64 -12.65 4.33
CA ARG I 534 5.42 -12.86 5.54
C ARG I 534 4.54 -12.88 6.78
N ILE I 535 3.59 -11.95 6.88
CA ILE I 535 2.65 -11.95 8.00
C ILE I 535 1.92 -13.28 8.07
N SER I 536 1.52 -13.81 6.92
CA SER I 536 0.76 -15.06 6.91
C SER I 536 1.62 -16.24 7.35
N SER I 537 2.85 -16.34 6.85
CA SER I 537 3.71 -17.44 7.26
C SER I 537 4.01 -17.39 8.76
N SER I 538 4.30 -16.20 9.29
CA SER I 538 4.56 -16.09 10.71
C SER I 538 3.33 -16.43 11.53
N TRP I 539 2.15 -16.00 11.08
CA TRP I 539 0.93 -16.31 11.81
C TRP I 539 0.70 -17.81 11.86
N CYS I 540 0.95 -18.50 10.75
CA CYS I 540 0.74 -19.95 10.75
C CYS I 540 1.74 -20.64 11.69
N GLN I 541 3.01 -20.24 11.64
CA GLN I 541 3.99 -20.83 12.55
C GLN I 541 3.64 -20.57 14.00
N LEU I 542 3.19 -19.37 14.32
CA LEU I 542 2.85 -19.04 15.71
C LEU I 542 1.65 -19.85 16.18
N GLN I 543 0.64 -20.03 15.33
CA GLN I 543 -0.50 -20.85 15.73
C GLN I 543 -0.07 -22.29 15.96
N ASN I 544 0.75 -22.83 15.06
CA ASN I 544 1.20 -24.20 15.20
C ASN I 544 2.03 -24.39 16.46
N ARG I 545 2.68 -23.32 16.93
CA ARG I 545 3.45 -23.44 18.17
C ARG I 545 2.57 -23.30 19.40
N GLU I 546 1.62 -22.35 19.40
CA GLU I 546 0.71 -22.22 20.52
C GLU I 546 -0.19 -23.44 20.69
N ARG I 547 -0.33 -24.26 19.64
CA ARG I 547 -1.04 -25.52 19.83
C ARG I 547 -0.36 -26.40 20.87
N ALA I 548 0.97 -26.29 21.00
CA ALA I 548 1.67 -27.10 22.00
C ALA I 548 1.34 -26.65 23.41
N LEU I 549 1.26 -25.34 23.62
CA LEU I 549 0.85 -24.83 24.94
C LEU I 549 -0.58 -25.23 25.25
N TRP I 550 -1.47 -25.14 24.26
CA TRP I 550 -2.85 -25.55 24.50
C TRP I 550 -2.94 -27.03 24.84
N SER I 551 -2.19 -27.87 24.13
CA SER I 551 -2.24 -29.31 24.38
C SER I 551 -1.60 -29.66 25.72
N GLY I 552 -0.57 -28.94 26.13
CA GLY I 552 0.08 -29.20 27.40
C GLY I 552 -0.62 -28.64 28.61
N LEU I 553 -1.55 -27.70 28.41
CA LEU I 553 -2.24 -27.11 29.55
C LEU I 553 -3.64 -27.66 29.77
N PHE I 554 -4.17 -28.46 28.85
CA PHE I 554 -5.50 -29.05 29.07
C PHE I 554 -5.58 -29.92 30.30
N PRO I 555 -4.63 -30.82 30.60
CA PRO I 555 -4.72 -31.59 31.86
C PRO I 555 -4.87 -30.73 33.09
N ILE I 556 -4.27 -29.55 33.12
CA ILE I 556 -4.27 -28.72 34.33
C ILE I 556 -5.65 -28.10 34.55
N ASN I 557 -6.27 -27.58 33.50
CA ASN I 557 -7.58 -26.93 33.61
C ASN I 557 -8.35 -27.17 32.32
N PRO I 558 -9.09 -28.27 32.23
CA PRO I 558 -9.79 -28.57 30.98
C PRO I 558 -11.02 -27.72 30.74
N SER I 559 -11.73 -27.36 31.80
CA SER I 559 -12.99 -26.63 31.63
C SER I 559 -12.75 -25.21 31.15
N ALA I 560 -11.74 -24.53 31.69
CA ALA I 560 -11.46 -23.15 31.29
C ALA I 560 -10.98 -23.09 29.83
N LEU I 561 -10.06 -23.98 29.46
CA LEU I 561 -9.57 -23.98 28.08
C LEU I 561 -10.66 -24.40 27.12
N ALA I 562 -11.50 -25.36 27.49
CA ALA I 562 -12.57 -25.78 26.59
C ALA I 562 -13.65 -24.72 26.49
N SER I 563 -13.85 -23.92 27.53
CA SER I 563 -14.81 -22.83 27.46
C SER I 563 -14.29 -21.70 26.59
N THR I 564 -12.98 -21.45 26.65
CA THR I 564 -12.39 -20.44 25.77
C THR I 564 -12.42 -20.87 24.31
N ILE I 565 -12.01 -22.11 24.04
CA ILE I 565 -11.93 -22.60 22.67
C ILE I 565 -13.32 -22.66 22.05
N LEU I 566 -14.28 -23.21 22.79
CA LEU I 566 -15.64 -23.37 22.28
C LEU I 566 -16.48 -22.10 22.39
N ASP I 567 -15.93 -21.02 22.93
CA ASP I 567 -16.63 -19.74 23.07
C ASP I 567 -17.94 -19.91 23.84
N GLN I 568 -17.99 -20.89 24.74
CA GLN I 568 -19.22 -21.26 25.42
C GLN I 568 -18.86 -22.04 26.67
N ARG I 569 -19.56 -21.74 27.76
CA ARG I 569 -19.26 -22.37 29.05
C ARG I 569 -19.58 -23.86 28.99
N VAL I 570 -18.56 -24.69 29.23
CA VAL I 570 -18.69 -26.14 29.24
C VAL I 570 -17.91 -26.69 30.43
N LYS I 571 -18.11 -27.98 30.68
CA LYS I 571 -17.36 -28.73 31.68
C LYS I 571 -16.69 -29.90 30.98
N ALA I 572 -15.37 -29.97 31.05
CA ALA I 572 -14.61 -30.95 30.29
C ALA I 572 -13.78 -31.85 31.20
N ARG I 573 -13.64 -33.11 30.80
CA ARG I 573 -12.78 -34.08 31.44
C ARG I 573 -11.79 -34.64 30.43
N ILE I 574 -10.63 -35.06 30.90
CA ILE I 574 -9.64 -35.72 30.07
C ILE I 574 -9.83 -37.22 30.23
N LEU I 575 -10.40 -37.86 29.21
CA LEU I 575 -10.64 -39.31 29.23
C LEU I 575 -9.50 -40.05 28.53
N GLY I 576 -8.29 -39.84 29.04
CA GLY I 576 -7.13 -40.42 28.41
C GLY I 576 -6.50 -39.49 27.40
N ASP I 577 -6.74 -39.74 26.11
CA ASP I 577 -6.21 -38.92 25.04
C ASP I 577 -7.28 -38.05 24.37
N VAL I 578 -8.49 -38.03 24.91
CA VAL I 578 -9.59 -37.24 24.35
C VAL I 578 -10.15 -36.36 25.44
N ILE I 579 -11.09 -35.49 25.05
CA ILE I 579 -11.70 -34.52 25.94
C ILE I 579 -13.21 -34.67 25.81
N SER I 580 -13.88 -34.89 26.92
CA SER I 580 -15.34 -35.06 26.93
C SER I 580 -15.97 -33.81 27.52
N VAL I 581 -16.67 -33.04 26.69
CA VAL I 581 -17.24 -31.78 27.12
C VAL I 581 -18.70 -31.97 27.47
N SER I 582 -19.26 -30.99 28.18
CA SER I 582 -20.67 -30.99 28.56
C SER I 582 -21.07 -29.56 28.86
N ASN I 583 -22.24 -29.17 28.37
CA ASN I 583 -22.70 -27.79 28.48
C ASN I 583 -23.17 -27.49 29.89
N CYS I 584 -22.92 -26.26 30.33
CA CYS I 584 -23.26 -25.77 31.65
C CYS I 584 -24.41 -24.77 31.53
N PRO I 585 -25.65 -25.20 31.82
CA PRO I 585 -26.79 -24.27 31.75
C PRO I 585 -26.76 -23.27 32.89
N GLU I 586 -27.10 -22.02 32.55
CA GLU I 586 -27.05 -20.94 33.51
C GLU I 586 -28.18 -21.07 34.52
N LEU I 587 -27.87 -20.69 35.75
CA LEU I 587 -28.84 -20.81 36.84
C LEU I 587 -29.96 -19.80 36.64
N GLY I 588 -31.19 -20.29 36.49
CA GLY I 588 -32.29 -19.40 36.19
C GLY I 588 -32.75 -18.61 37.40
N SER I 589 -33.91 -17.96 37.23
CA SER I 589 -34.52 -17.15 38.27
C SER I 589 -35.22 -18.05 39.27
N ASP I 590 -36.04 -17.45 40.13
CA ASP I 590 -36.67 -18.11 41.29
C ASP I 590 -35.66 -18.93 42.09
N THR I 591 -34.43 -18.43 42.17
CA THR I 591 -33.34 -19.14 42.81
C THR I 591 -32.53 -18.17 43.64
N ARG I 592 -32.44 -18.42 44.93
CA ARG I 592 -31.71 -17.57 45.87
C ARG I 592 -30.46 -18.30 46.32
N ILE I 593 -29.30 -17.76 45.99
CA ILE I 593 -28.02 -18.35 46.36
C ILE I 593 -27.53 -17.64 47.62
N ILE I 594 -27.47 -18.37 48.72
CA ILE I 594 -27.05 -17.84 50.01
C ILE I 594 -25.60 -18.24 50.27
N LEU I 595 -24.83 -17.32 50.83
CA LEU I 595 -23.42 -17.54 51.10
C LEU I 595 -23.23 -17.80 52.59
N GLN I 596 -22.57 -18.92 52.91
CA GLN I 596 -22.40 -19.33 54.30
C GLN I 596 -21.20 -18.64 54.93
N ASN I 597 -21.24 -18.53 56.26
CA ASN I 597 -20.30 -17.68 56.98
C ASN I 597 -18.97 -18.37 57.24
N SER I 598 -18.97 -19.67 57.49
CA SER I 598 -17.77 -20.39 57.89
C SER I 598 -17.43 -21.46 56.87
N MET I 599 -16.14 -21.65 56.62
CA MET I 599 -15.64 -22.67 55.71
C MET I 599 -15.15 -23.91 56.46
N ARG I 600 -15.46 -24.03 57.74
CA ARG I 600 -14.96 -25.11 58.57
C ARG I 600 -15.92 -26.30 58.55
N VAL I 601 -15.35 -27.51 58.53
CA VAL I 601 -16.17 -28.71 58.63
C VAL I 601 -16.73 -28.83 60.03
N SER I 602 -17.97 -29.30 60.13
CA SER I 602 -18.64 -29.38 61.42
C SER I 602 -17.92 -30.35 62.35
N GLY I 603 -17.55 -29.86 63.52
CA GLY I 603 -16.84 -30.67 64.51
C GLY I 603 -15.37 -30.89 64.26
N SER I 604 -15.01 -31.25 63.03
CA SER I 604 -13.61 -31.49 62.70
C SER I 604 -12.81 -30.21 62.74
N THR I 605 -11.56 -30.31 63.18
CA THR I 605 -10.67 -29.17 63.28
C THR I 605 -9.43 -29.29 62.41
N THR I 606 -9.03 -30.51 62.05
CA THR I 606 -7.91 -30.73 61.14
C THR I 606 -8.31 -30.68 59.68
N ARG I 607 -9.60 -30.52 59.38
CA ARG I 607 -10.11 -30.50 58.02
C ARG I 607 -11.03 -29.31 57.82
N CYS I 608 -10.87 -28.64 56.68
CA CYS I 608 -11.66 -27.47 56.35
C CYS I 608 -11.90 -27.44 54.86
N TYR I 609 -12.92 -26.69 54.44
CA TYR I 609 -13.28 -26.57 53.03
C TYR I 609 -12.35 -25.59 52.32
N SER I 610 -12.25 -25.74 51.01
CA SER I 610 -11.37 -24.90 50.21
C SER I 610 -12.08 -23.67 49.63
N ARG I 611 -13.33 -23.82 49.20
CA ARG I 611 -14.11 -22.75 48.64
C ARG I 611 -15.37 -22.54 49.46
N PRO I 612 -15.91 -21.31 49.48
CA PRO I 612 -17.07 -21.03 50.35
C PRO I 612 -18.24 -21.93 50.04
N LEU I 613 -19.05 -22.20 51.06
CA LEU I 613 -20.23 -23.02 50.90
C LEU I 613 -21.44 -22.14 50.66
N ILE I 614 -22.36 -22.64 49.85
CA ILE I 614 -23.56 -21.90 49.50
C ILE I 614 -24.77 -22.78 49.74
N SER I 615 -25.92 -22.13 49.91
CA SER I 615 -27.21 -22.78 50.09
C SER I 615 -28.15 -22.25 49.02
N ILE I 616 -28.48 -23.09 48.05
CA ILE I 616 -29.34 -22.65 46.95
C ILE I 616 -30.79 -22.78 47.37
N VAL I 617 -31.33 -21.74 48.01
CA VAL I 617 -32.69 -21.78 48.50
C VAL I 617 -33.66 -21.67 47.33
N SER I 618 -34.73 -22.43 47.38
CA SER I 618 -35.71 -22.48 46.30
C SER I 618 -36.93 -21.64 46.66
N LEU I 619 -37.65 -21.20 45.63
CA LEU I 619 -38.85 -20.41 45.80
C LEU I 619 -40.12 -21.15 45.43
N ASN I 620 -40.05 -22.13 44.54
CA ASN I 620 -41.18 -22.98 44.20
C ASN I 620 -41.45 -24.05 45.25
N GLY I 621 -40.73 -24.02 46.37
CA GLY I 621 -40.90 -25.03 47.39
C GLY I 621 -40.18 -26.33 47.13
N SER I 622 -39.21 -26.34 46.21
CA SER I 622 -38.47 -27.54 45.88
C SER I 622 -37.36 -27.87 46.87
N GLY I 623 -37.36 -27.24 48.05
CA GLY I 623 -36.37 -27.57 49.06
C GLY I 623 -35.19 -26.63 49.11
N THR I 624 -34.01 -27.20 49.38
CA THR I 624 -32.79 -26.41 49.50
C THR I 624 -31.61 -27.28 49.08
N VAL I 625 -30.94 -26.89 48.02
CA VAL I 625 -29.72 -27.55 47.59
C VAL I 625 -28.56 -26.93 48.33
N GLU I 626 -27.57 -27.74 48.70
CA GLU I 626 -26.39 -27.26 49.40
C GLU I 626 -25.13 -27.72 48.67
N GLY I 627 -24.46 -26.79 48.03
CA GLY I 627 -23.19 -27.04 47.38
C GLY I 627 -22.13 -26.06 47.86
N GLN I 628 -21.24 -25.69 46.96
CA GLN I 628 -20.23 -24.68 47.27
C GLN I 628 -19.92 -23.86 46.04
N LEU I 629 -19.16 -22.79 46.26
CA LEU I 629 -18.88 -21.80 45.22
C LEU I 629 -17.65 -22.25 44.43
N GLY I 630 -17.86 -22.58 43.16
CA GLY I 630 -16.77 -22.96 42.28
C GLY I 630 -16.02 -21.76 41.75
N THR I 631 -15.47 -21.90 40.56
CA THR I 631 -14.67 -20.85 39.94
C THR I 631 -15.44 -20.26 38.77
N ASP I 632 -15.29 -18.94 38.56
CA ASP I 632 -15.96 -18.23 37.49
C ASP I 632 -17.47 -18.27 37.65
N ASN I 633 -17.93 -18.17 38.90
CA ASN I 633 -19.36 -18.19 39.23
C ASN I 633 -20.01 -19.51 38.85
N GLU I 634 -19.27 -20.60 39.04
CA GLU I 634 -19.83 -21.94 38.89
C GLU I 634 -20.29 -22.44 40.25
N LEU I 635 -21.52 -22.91 40.33
CA LEU I 635 -22.12 -23.33 41.58
C LEU I 635 -22.19 -24.86 41.60
N ILE I 636 -21.24 -25.47 42.30
CA ILE I 636 -21.23 -26.92 42.44
C ILE I 636 -22.39 -27.34 43.34
N MET I 637 -22.96 -28.51 43.06
CA MET I 637 -24.07 -29.04 43.85
C MET I 637 -23.61 -30.04 44.90
N SER I 638 -22.39 -29.90 45.40
CA SER I 638 -21.86 -30.78 46.43
C SER I 638 -20.72 -30.03 47.13
N ARG I 639 -20.26 -30.62 48.23
CA ARG I 639 -19.22 -29.98 49.04
C ARG I 639 -17.98 -30.87 49.11
N ASP I 640 -17.54 -31.38 47.98
CA ASP I 640 -16.47 -32.36 47.91
C ASP I 640 -15.09 -31.75 47.67
N LEU I 641 -14.91 -30.46 47.95
CA LEU I 641 -13.61 -29.81 47.82
C LEU I 641 -13.11 -29.47 49.22
N LEU I 642 -12.42 -30.40 49.85
CA LEU I 642 -11.90 -30.22 51.20
C LEU I 642 -10.39 -30.05 51.14
N GLU I 643 -9.82 -29.58 52.25
CA GLU I 643 -8.39 -29.34 52.31
C GLU I 643 -7.92 -29.45 53.75
N PRO I 644 -6.65 -29.82 53.97
CA PRO I 644 -6.09 -29.72 55.32
C PRO I 644 -6.11 -28.27 55.80
N CYS I 645 -6.68 -28.07 56.98
CA CYS I 645 -7.00 -26.72 57.46
C CYS I 645 -5.72 -25.96 57.74
N VAL I 646 -5.35 -25.08 56.83
CA VAL I 646 -4.10 -24.32 56.93
C VAL I 646 -4.24 -23.23 57.99
N ALA I 647 -3.09 -22.74 58.47
CA ALA I 647 -3.02 -21.67 59.44
C ALA I 647 -2.71 -20.35 58.73
N ASN I 648 -3.23 -19.25 59.29
CA ASN I 648 -3.15 -17.92 58.68
C ASN I 648 -3.74 -17.94 57.27
N HIS I 649 -5.03 -18.24 57.22
CA HIS I 649 -5.78 -18.41 55.98
C HIS I 649 -6.33 -17.06 55.52
N LYS I 650 -6.07 -16.72 54.26
CA LYS I 650 -6.58 -15.50 53.65
C LYS I 650 -6.87 -15.79 52.19
N ARG I 651 -8.13 -15.65 51.77
CA ARG I 651 -8.51 -15.93 50.40
C ARG I 651 -9.60 -14.97 49.94
N TYR I 652 -9.60 -14.66 48.65
CA TYR I 652 -10.64 -13.89 47.98
C TYR I 652 -11.35 -14.78 46.98
N PHE I 653 -12.68 -14.78 47.03
CA PHE I 653 -13.49 -15.61 46.14
C PHE I 653 -14.47 -14.75 45.36
N LEU I 654 -14.71 -15.14 44.11
CA LEU I 654 -15.59 -14.41 43.22
C LEU I 654 -17.02 -14.87 43.44
N PHE I 655 -17.86 -13.96 43.92
CA PHE I 655 -19.29 -14.21 44.10
C PHE I 655 -20.04 -13.20 43.24
N GLY I 656 -20.23 -13.54 41.97
CA GLY I 656 -20.92 -12.65 41.06
C GLY I 656 -20.08 -11.46 40.64
N HIS I 657 -20.44 -10.27 41.12
CA HIS I 657 -19.69 -9.06 40.82
C HIS I 657 -18.83 -8.61 41.99
N HIS I 658 -18.61 -9.46 42.98
CA HIS I 658 -17.86 -9.09 44.17
C HIS I 658 -16.81 -10.15 44.46
N TYR I 659 -15.79 -9.73 45.19
CA TYR I 659 -14.75 -10.62 45.71
C TYR I 659 -14.98 -10.72 47.21
N VAL I 660 -15.67 -11.77 47.64
CA VAL I 660 -15.93 -11.99 49.05
C VAL I 660 -14.67 -12.53 49.71
N TYR I 661 -14.32 -11.97 50.86
CA TYR I 661 -13.04 -12.21 51.52
C TYR I 661 -13.26 -13.10 52.75
N TYR I 662 -12.47 -14.16 52.85
CA TYR I 662 -12.54 -15.11 53.95
C TYR I 662 -11.18 -15.19 54.61
N GLU I 663 -11.12 -14.84 55.90
CA GLU I 663 -9.89 -14.87 56.67
C GLU I 663 -10.07 -15.83 57.84
N ASP I 664 -9.21 -16.85 57.91
CA ASP I 664 -9.33 -17.94 58.86
C ASP I 664 -10.70 -18.62 58.76
N TYR I 665 -11.09 -18.92 57.53
CA TYR I 665 -12.24 -19.75 57.23
C TYR I 665 -13.54 -19.12 57.71
N ARG I 666 -13.60 -17.79 57.74
CA ARG I 666 -14.80 -17.07 58.12
C ARG I 666 -14.96 -15.85 57.24
N TYR I 667 -16.21 -15.51 56.95
CA TYR I 667 -16.50 -14.30 56.18
C TYR I 667 -15.95 -13.08 56.92
N VAL I 668 -15.39 -12.14 56.16
CA VAL I 668 -14.82 -10.93 56.74
C VAL I 668 -15.42 -9.69 56.10
N ARG I 669 -15.29 -9.56 54.79
CA ARG I 669 -15.74 -8.37 54.08
C ARG I 669 -15.95 -8.73 52.62
N GLU I 670 -16.25 -7.73 51.81
CA GLU I 670 -16.43 -7.93 50.37
C GLU I 670 -16.05 -6.65 49.65
N ILE I 671 -15.64 -6.79 48.40
CA ILE I 671 -15.21 -5.67 47.58
C ILE I 671 -15.67 -5.93 46.15
N ALA I 672 -16.17 -4.90 45.49
CA ALA I 672 -16.65 -5.04 44.13
C ALA I 672 -15.51 -5.39 43.18
N VAL I 673 -15.85 -6.08 42.09
CA VAL I 673 -14.82 -6.50 41.14
C VAL I 673 -14.17 -5.28 40.49
N HIS I 674 -14.95 -4.24 40.22
CA HIS I 674 -14.42 -3.06 39.56
C HIS I 674 -13.45 -2.27 40.43
N ASP I 675 -13.32 -2.63 41.70
CA ASP I 675 -12.41 -1.94 42.61
C ASP I 675 -11.04 -2.60 42.71
N VAL I 676 -10.94 -3.89 42.39
CA VAL I 676 -9.65 -4.58 42.44
C VAL I 676 -8.81 -4.15 41.25
N GLY I 677 -7.52 -3.91 41.50
CA GLY I 677 -6.63 -3.50 40.44
C GLY I 677 -6.44 -4.59 39.41
N MET I 678 -6.18 -4.18 38.18
CA MET I 678 -6.07 -5.09 37.05
C MET I 678 -4.65 -5.14 36.51
N ILE I 679 -4.27 -6.30 36.00
CA ILE I 679 -3.11 -6.45 35.13
C ILE I 679 -3.60 -7.07 33.84
N SER I 680 -3.02 -6.66 32.72
CA SER I 680 -3.52 -7.04 31.40
C SER I 680 -2.49 -7.89 30.67
N THR I 681 -2.94 -9.03 30.17
CA THR I 681 -2.13 -9.89 29.31
C THR I 681 -2.27 -9.52 27.84
N TYR I 682 -2.94 -8.42 27.54
CA TYR I 682 -3.26 -8.03 26.18
C TYR I 682 -2.17 -7.13 25.62
N VAL I 683 -1.69 -7.46 24.43
CA VAL I 683 -0.73 -6.65 23.70
C VAL I 683 -1.50 -5.83 22.68
N ASP I 684 -1.13 -4.56 22.53
CA ASP I 684 -1.87 -3.63 21.70
C ASP I 684 -1.41 -3.65 20.25
N LEU I 685 -2.37 -3.45 19.34
CA LEU I 685 -2.11 -3.27 17.92
C LEU I 685 -3.07 -2.21 17.39
N ASN I 686 -2.61 -0.95 17.35
CA ASN I 686 -3.43 0.16 16.89
C ASN I 686 -3.12 0.40 15.42
N LEU I 687 -3.85 -0.29 14.55
CA LEU I 687 -3.70 -0.14 13.10
C LEU I 687 -4.75 0.84 12.59
N THR I 688 -4.29 1.93 11.99
CA THR I 688 -5.15 2.96 11.44
C THR I 688 -5.34 2.73 9.94
N LEU I 689 -6.52 3.12 9.44
CA LEU I 689 -6.85 2.94 8.05
C LEU I 689 -6.50 4.17 7.23
N LEU I 690 -6.21 3.94 5.94
CA LEU I 690 -6.03 5.04 4.99
C LEU I 690 -7.35 5.76 4.75
N LYS I 691 -7.29 7.08 4.74
CA LYS I 691 -8.48 7.90 4.54
C LYS I 691 -8.69 8.20 3.06
N ASP I 692 -9.91 8.61 2.74
CA ASP I 692 -10.26 8.92 1.36
C ASP I 692 -9.62 10.22 0.91
N ARG I 693 -9.12 10.22 -0.32
CA ARG I 693 -8.59 11.40 -0.97
C ARG I 693 -9.34 11.62 -2.28
N GLU I 694 -9.37 12.88 -2.72
CA GLU I 694 -9.95 13.24 -4.00
C GLU I 694 -8.93 14.06 -4.77
N PHE I 695 -8.60 13.61 -5.98
CA PHE I 695 -7.59 14.25 -6.80
C PHE I 695 -8.26 15.22 -7.76
N MET I 696 -7.71 16.43 -7.87
CA MET I 696 -8.23 17.53 -8.66
C MET I 696 -7.52 17.59 -10.01
N PRO I 697 -8.25 17.92 -11.08
CA PRO I 697 -7.62 17.99 -12.40
C PRO I 697 -6.75 19.22 -12.56
N LEU I 698 -5.50 19.12 -12.12
CA LEU I 698 -4.57 20.24 -12.15
C LEU I 698 -3.90 20.33 -13.52
N ARG I 699 -4.05 21.47 -14.17
CA ARG I 699 -3.32 21.78 -15.40
C ARG I 699 -2.42 22.97 -15.14
N VAL I 700 -1.17 22.87 -15.59
CA VAL I 700 -0.27 24.03 -15.46
C VAL I 700 -0.61 25.09 -16.51
N TYR I 701 -0.87 24.67 -17.75
CA TYR I 701 -1.32 25.56 -18.81
C TYR I 701 -2.56 24.98 -19.46
N THR I 702 -3.51 25.84 -19.79
CA THR I 702 -4.72 25.42 -20.47
C THR I 702 -4.49 25.39 -21.98
N ARG I 703 -5.50 24.97 -22.73
CA ARG I 703 -5.39 24.96 -24.18
C ARG I 703 -5.27 26.37 -24.74
N ASP I 704 -6.00 27.31 -24.14
CA ASP I 704 -5.89 28.71 -24.55
C ASP I 704 -4.49 29.25 -24.31
N GLU I 705 -3.94 29.02 -23.11
CA GLU I 705 -2.59 29.49 -22.81
C GLU I 705 -1.59 28.90 -23.77
N LEU I 706 -1.77 27.63 -24.15
CA LEU I 706 -0.85 27.00 -25.08
C LEU I 706 -1.03 27.51 -26.51
N ARG I 707 -2.20 28.05 -26.83
CA ARG I 707 -2.44 28.69 -28.12
C ARG I 707 -2.33 30.21 -28.05
N ASP I 708 -1.50 30.72 -27.14
CA ASP I 708 -1.32 32.16 -26.95
C ASP I 708 0.15 32.55 -26.92
N THR I 709 1.03 31.67 -27.39
CA THR I 709 2.46 31.88 -27.27
C THR I 709 3.10 32.45 -28.52
N GLY I 710 2.35 32.57 -29.62
CA GLY I 710 2.87 33.08 -30.86
C GLY I 710 2.56 34.55 -31.06
N LEU I 711 3.28 35.15 -32.00
CA LEU I 711 3.15 36.59 -32.23
C LEU I 711 1.87 36.93 -32.98
N LEU I 712 1.52 36.12 -33.98
CA LEU I 712 0.33 36.35 -34.79
C LEU I 712 -0.42 35.04 -34.96
N ASP I 713 -1.75 35.15 -35.03
CA ASP I 713 -2.63 34.03 -35.33
C ASP I 713 -3.18 34.24 -36.73
N TYR I 714 -2.96 33.27 -37.61
CA TYR I 714 -3.37 33.41 -39.00
C TYR I 714 -4.88 33.61 -39.10
N SER I 715 -5.65 32.79 -38.38
CA SER I 715 -7.10 32.88 -38.46
C SER I 715 -7.62 34.20 -37.90
N GLU I 716 -6.98 34.73 -36.86
CA GLU I 716 -7.40 36.01 -36.31
C GLU I 716 -7.15 37.14 -37.30
N ILE I 717 -5.94 37.20 -37.85
CA ILE I 717 -5.62 38.22 -38.85
C ILE I 717 -6.57 38.12 -40.03
N GLN I 718 -6.88 36.89 -40.47
CA GLN I 718 -7.72 36.74 -41.65
C GLN I 718 -9.16 37.10 -41.35
N ARG I 719 -9.66 36.78 -40.15
CA ARG I 719 -11.02 37.16 -39.80
C ARG I 719 -11.15 38.67 -39.68
N ARG I 720 -10.12 39.34 -39.18
CA ARG I 720 -10.22 40.78 -38.99
C ARG I 720 -10.00 41.54 -40.29
N ASN I 721 -9.13 41.05 -41.16
CA ASN I 721 -8.70 41.79 -42.33
C ASN I 721 -9.47 41.49 -43.59
N GLN I 722 -10.18 40.38 -43.64
CA GLN I 722 -10.91 40.04 -44.86
C GLN I 722 -12.26 40.72 -44.94
N MET I 723 -12.64 41.50 -43.94
CA MET I 723 -13.82 42.34 -44.01
C MET I 723 -13.46 43.83 -44.01
N HIS I 724 -12.28 44.16 -44.52
CA HIS I 724 -11.89 45.55 -44.68
C HIS I 724 -12.83 46.26 -45.64
N SER I 725 -13.18 45.61 -46.76
CA SER I 725 -14.07 46.20 -47.74
C SER I 725 -15.50 46.30 -47.22
N LEU I 726 -15.89 45.39 -46.33
CA LEU I 726 -17.20 45.50 -45.70
C LEU I 726 -17.22 46.62 -44.67
N ARG I 727 -16.14 46.76 -43.92
CA ARG I 727 -16.08 47.77 -42.87
C ARG I 727 -16.04 49.18 -43.46
N PHE I 728 -15.15 49.43 -44.39
CA PHE I 728 -14.82 50.79 -44.80
C PHE I 728 -15.34 51.18 -46.17
N TYR I 729 -16.21 50.37 -46.76
CA TYR I 729 -16.77 50.71 -48.07
C TYR I 729 -18.20 50.22 -48.12
N ASP I 730 -18.94 50.74 -49.09
CA ASP I 730 -20.35 50.41 -49.28
C ASP I 730 -20.45 49.58 -50.55
N ILE I 731 -20.32 48.26 -50.41
CA ILE I 731 -20.21 47.36 -51.55
C ILE I 731 -21.55 46.99 -52.16
N ASP I 732 -22.66 47.57 -51.68
CA ASP I 732 -23.98 47.25 -52.18
C ASP I 732 -24.63 48.34 -53.00
N LYS I 733 -24.09 49.56 -53.01
CA LYS I 733 -24.62 50.62 -53.83
C LYS I 733 -23.97 50.60 -55.21
N VAL I 734 -24.78 50.80 -56.24
CA VAL I 734 -24.29 50.83 -57.62
C VAL I 734 -24.40 52.25 -58.15
N VAL I 735 -23.41 52.65 -58.93
CA VAL I 735 -23.38 53.96 -59.58
C VAL I 735 -23.72 53.76 -61.05
N GLN I 736 -24.66 54.56 -61.55
CA GLN I 736 -25.09 54.45 -62.94
C GLN I 736 -24.51 55.59 -63.78
#